data_5BK2
#
_entry.id   5BK2
#
_cell.length_a   217.170
_cell.length_b   42.380
_cell.length_c   200.660
_cell.angle_alpha   90.000
_cell.angle_beta   90.070
_cell.angle_gamma   90.000
#
_symmetry.space_group_name_H-M   'C 1 2 1'
#
loop_
_entity.id
_entity.type
_entity.pdbx_description
1 polymer 'Maltose-binding periplasmic protein'
2 polymer 'sAB Heavy Chain'
3 polymer 'sAB Light Chain'
4 branched alpha-D-glucopyranose-(1-4)-alpha-D-glucopyranose
5 non-polymer 'CHLORIDE ION'
6 non-polymer GLYCEROL
7 non-polymer 'PHOSPHATE ION'
8 water water
#
loop_
_entity_poly.entity_id
_entity_poly.type
_entity_poly.pdbx_seq_one_letter_code
_entity_poly.pdbx_strand_id
1 'polypeptide(L)'
;MKHHHHHHHHHHSSDYKDDDDKGENLYFQGSKIEEGKLVIWINGDKGYNGLAEVGKKFEKDTGIKVTVEHPDKLEEKFPQ
VAATGDGPDIIFWAHDRFGGYAQSGLLAEITPDKAFQDKLYPFTWDAVRYNGKLIAYPIAVEALSLIYNKDLLPNPPKTW
EEIPALDKELKAKGKSALMFNLQEPYFTWPLIAADGGYAFKYENGKYDIKDVGVDNAGAKAGLTFLVDLIKNKHMNADTD
YSIAEAAFNKGETAMTINGPWAWSNIDTSKVNYGVTVLPTFKGQPSKPFVGVLSAGINAASPNKELAKEFLENYLLTDEG
LEAVNKDKPLGAVALKSYEEELAKDPRIAATMENAQKGEIMPNIPQMSAFWYAVRTAVINAASGRQTVDEALKDAQTN
;
B,A
2 'polypeptide(L)'
;EISEVQLVESGGGLVQPGGSLRLSCAASGFNIYSSSIHWVRQAPGKGLEWVASISSYSGYTSYADSVKGRFTISADTSKN
TAYLQMNSLRAEDTAVYYCARYKYPYWSWYYYWGGMDYWGQGTLVTVSSASTKGPSVFPLAPSSKSTSGGTAALGCLVKD
YFPEPVTVSWNSGALTSGVHTFPAVLQSSGLYSLSSVVTVPSSSLGTQTYICNVNHKPSNTKVDKKVEPKSCDKTHT
;
C,H
3 'polypeptide(L)'
;SDIQMTQSPSSLSASVGDRVTITCRASQSVSSAVAWYQQKPGKAPKLLIYSASSLYSGVPSRFSGSRSGTDFTLTISSLQ
PEDFATYYCQQYYYGYPITFGQGTKVEIKRTVAAPSVFIFPPSDSQLKSGTASVVCLLNNFYPREAKVQWKVDNALQSGN
SQESVTEQDSKDSTYSLSSTLTLSKADYEKHKVYACEVTHQGLSSPVTKSFNRGEC
;
D,L
#
loop_
_chem_comp.id
_chem_comp.type
_chem_comp.name
_chem_comp.formula
CL non-polymer 'CHLORIDE ION' 'Cl -1'
GLC D-saccharide, alpha linking alpha-D-glucopyranose 'C6 H12 O6'
GOL non-polymer GLYCEROL 'C3 H8 O3'
PO4 non-polymer 'PHOSPHATE ION' 'O4 P -3'
#
# COMPACT_ATOMS: atom_id res chain seq x y z
N LYS A 32 7.12 -0.49 24.27
CA LYS A 32 8.53 -0.28 24.55
C LYS A 32 8.89 -0.70 25.98
N ILE A 33 10.07 -1.30 26.12
CA ILE A 33 10.57 -1.71 27.42
C ILE A 33 11.02 -0.49 28.21
N GLU A 34 10.91 -0.58 29.53
CA GLU A 34 11.24 0.56 30.39
C GLU A 34 12.72 0.93 30.27
N GLU A 35 12.98 2.24 30.36
CA GLU A 35 14.33 2.78 30.30
C GLU A 35 14.97 2.74 31.68
N GLY A 36 16.25 2.41 31.72
CA GLY A 36 16.99 2.32 32.97
C GLY A 36 17.03 0.93 33.58
N LYS A 37 16.82 -0.11 32.78
CA LYS A 37 16.90 -1.48 33.27
C LYS A 37 17.09 -2.40 32.08
N LEU A 38 17.77 -3.52 32.32
CA LEU A 38 18.06 -4.50 31.28
C LEU A 38 17.33 -5.80 31.59
N VAL A 39 16.43 -6.20 30.69
CA VAL A 39 15.73 -7.48 30.79
C VAL A 39 16.37 -8.44 29.80
N ILE A 40 16.67 -9.65 30.26
CA ILE A 40 17.40 -10.64 29.48
C ILE A 40 16.61 -11.93 29.44
N TRP A 41 16.55 -12.55 28.26
CA TRP A 41 15.94 -13.87 28.08
C TRP A 41 17.03 -14.88 27.77
N ILE A 42 17.04 -15.99 28.51
CA ILE A 42 17.98 -17.08 28.30
C ILE A 42 17.27 -18.38 28.66
N ASN A 43 17.66 -19.47 28.00
CA ASN A 43 16.96 -20.73 28.17
C ASN A 43 17.18 -21.29 29.58
N GLY A 44 16.21 -22.09 30.03
CA GLY A 44 16.23 -22.60 31.39
C GLY A 44 17.28 -23.67 31.66
N ASP A 45 17.79 -24.31 30.62
CA ASP A 45 18.80 -25.34 30.80
C ASP A 45 20.21 -24.76 30.93
N LYS A 46 20.37 -23.45 30.77
CA LYS A 46 21.66 -22.80 30.92
C LYS A 46 21.80 -22.22 32.33
N GLY A 47 23.03 -21.83 32.65
CA GLY A 47 23.32 -21.28 33.97
C GLY A 47 22.90 -19.84 34.11
N TYR A 48 21.59 -19.59 34.22
CA TYR A 48 21.08 -18.22 34.30
C TYR A 48 21.33 -17.60 35.67
N ASN A 49 21.38 -18.40 36.74
CA ASN A 49 21.71 -17.85 38.05
C ASN A 49 23.12 -17.27 38.05
N GLY A 50 24.04 -17.91 37.33
CA GLY A 50 25.38 -17.32 37.18
C GLY A 50 25.34 -16.03 36.39
N LEU A 51 24.53 -15.98 35.33
CA LEU A 51 24.37 -14.74 34.58
C LEU A 51 23.72 -13.65 35.42
N ALA A 52 22.79 -14.04 36.31
CA ALA A 52 22.16 -13.06 37.18
C ALA A 52 23.18 -12.42 38.12
N GLU A 53 24.15 -13.20 38.59
CA GLU A 53 25.21 -12.63 39.43
C GLU A 53 26.05 -11.64 38.64
N VAL A 54 26.33 -11.93 37.37
CA VAL A 54 27.05 -10.99 36.53
C VAL A 54 26.26 -9.69 36.38
N GLY A 55 24.93 -9.79 36.33
CA GLY A 55 24.12 -8.59 36.30
C GLY A 55 24.15 -7.80 37.59
N LYS A 56 24.40 -8.49 38.71
CA LYS A 56 24.52 -7.79 39.99
C LYS A 56 25.78 -6.93 40.05
N LYS A 57 26.91 -7.46 39.56
CA LYS A 57 28.12 -6.65 39.51
C LYS A 57 27.95 -5.45 38.58
N PHE A 58 27.07 -5.58 37.58
CA PHE A 58 26.78 -4.45 36.69
C PHE A 58 26.03 -3.35 37.42
N GLU A 59 25.07 -3.71 38.28
CA GLU A 59 24.27 -2.70 38.97
C GLU A 59 25.08 -2.00 40.06
N LYS A 60 25.99 -2.72 40.73
CA LYS A 60 26.81 -2.08 41.76
C LYS A 60 27.74 -1.03 41.17
N ASP A 61 28.06 -1.12 39.87
CA ASP A 61 28.91 -0.15 39.20
C ASP A 61 28.12 0.95 38.50
N THR A 62 26.93 0.63 37.98
CA THR A 62 26.16 1.59 37.19
C THR A 62 24.86 2.02 37.85
N GLY A 63 24.34 1.26 38.81
CA GLY A 63 23.08 1.62 39.43
C GLY A 63 21.86 1.25 38.61
N ILE A 64 21.97 0.22 37.78
CA ILE A 64 20.91 -0.18 36.85
C ILE A 64 20.66 -1.66 37.03
N LYS A 65 19.43 -2.01 37.39
CA LYS A 65 19.10 -3.39 37.71
C LYS A 65 19.04 -4.24 36.45
N VAL A 66 19.40 -5.52 36.59
CA VAL A 66 19.40 -6.49 35.50
C VAL A 66 18.56 -7.68 35.94
N THR A 67 17.52 -7.97 35.17
CA THR A 67 16.62 -9.09 35.46
C THR A 67 16.82 -10.18 34.41
N VAL A 68 16.97 -11.42 34.88
CA VAL A 68 17.18 -12.57 34.01
C VAL A 68 15.97 -13.48 34.13
N GLU A 69 15.37 -13.84 32.99
CA GLU A 69 14.20 -14.70 32.95
C GLU A 69 14.45 -15.85 31.97
N HIS A 70 13.74 -16.95 32.18
CA HIS A 70 13.83 -18.14 31.33
C HIS A 70 12.44 -18.60 30.92
N PRO A 71 11.79 -17.87 30.02
CA PRO A 71 10.46 -18.29 29.57
C PRO A 71 10.54 -19.53 28.70
N ASP A 72 9.46 -20.32 28.74
CA ASP A 72 9.39 -21.52 27.93
C ASP A 72 9.17 -21.17 26.46
N LYS A 73 9.83 -21.92 25.57
CA LYS A 73 9.78 -21.67 24.13
CA LYS A 73 9.76 -21.67 24.13
C LYS A 73 10.06 -20.21 23.80
N LEU A 74 11.07 -19.65 24.46
CA LEU A 74 11.38 -18.23 24.29
C LEU A 74 11.85 -17.91 22.87
N GLU A 75 12.45 -18.88 22.18
CA GLU A 75 12.90 -18.66 20.82
C GLU A 75 11.72 -18.44 19.86
N GLU A 76 10.52 -18.89 20.22
CA GLU A 76 9.31 -18.64 19.44
C GLU A 76 8.55 -17.41 19.92
N LYS A 77 8.54 -17.15 21.23
CA LYS A 77 7.76 -16.04 21.77
C LYS A 77 8.36 -14.68 21.39
N PHE A 78 9.67 -14.62 21.16
CA PHE A 78 10.31 -13.34 20.85
C PHE A 78 9.72 -12.70 19.60
N PRO A 79 9.70 -13.35 18.43
CA PRO A 79 9.05 -12.72 17.27
C PRO A 79 7.54 -12.57 17.41
N GLN A 80 6.90 -13.33 18.31
CA GLN A 80 5.45 -13.23 18.47
C GLN A 80 5.05 -12.02 19.29
N VAL A 81 5.80 -11.70 20.36
CA VAL A 81 5.47 -10.57 21.21
C VAL A 81 6.12 -9.26 20.77
N ALA A 82 6.94 -9.29 19.72
CA ALA A 82 7.67 -8.09 19.30
C ALA A 82 6.72 -6.98 18.86
N ALA A 83 5.63 -7.34 18.19
CA ALA A 83 4.69 -6.34 17.71
C ALA A 83 3.93 -5.63 18.83
N THR A 84 3.83 -6.26 20.00
CA THR A 84 3.13 -5.66 21.13
C THR A 84 4.03 -4.81 22.01
N GLY A 85 5.30 -4.67 21.66
CA GLY A 85 6.22 -3.85 22.44
C GLY A 85 6.86 -4.56 23.61
N ASP A 86 6.54 -5.82 23.86
CA ASP A 86 7.14 -6.57 24.94
C ASP A 86 8.43 -7.24 24.44
N GLY A 87 8.97 -8.17 25.23
CA GLY A 87 10.21 -8.81 24.89
C GLY A 87 11.37 -8.22 25.64
N PRO A 88 12.50 -8.92 25.66
CA PRO A 88 13.66 -8.46 26.43
C PRO A 88 14.47 -7.42 25.68
N ASP A 89 15.42 -6.84 26.40
CA ASP A 89 16.41 -5.97 25.75
C ASP A 89 17.52 -6.79 25.11
N ILE A 90 17.87 -7.92 25.72
CA ILE A 90 18.89 -8.82 25.22
C ILE A 90 18.29 -10.22 25.14
N ILE A 91 18.52 -10.91 24.02
CA ILE A 91 17.98 -12.25 23.79
C ILE A 91 19.15 -13.21 23.60
N PHE A 92 19.11 -14.33 24.33
CA PHE A 92 20.16 -15.34 24.29
C PHE A 92 19.63 -16.61 23.64
N TRP A 93 20.29 -17.04 22.57
CA TRP A 93 19.97 -18.30 21.90
C TRP A 93 21.12 -18.63 20.96
N ALA A 94 21.14 -19.87 20.49
CA ALA A 94 22.09 -20.27 19.46
C ALA A 94 21.86 -19.45 18.20
N HIS A 95 22.93 -19.34 17.39
CA HIS A 95 22.93 -18.40 16.27
C HIS A 95 21.93 -18.77 15.17
N ASP A 96 21.42 -20.00 15.16
CA ASP A 96 20.68 -20.47 14.00
C ASP A 96 19.36 -19.72 13.80
N ARG A 97 18.79 -19.17 14.86
CA ARG A 97 17.50 -18.50 14.78
C ARG A 97 17.59 -16.98 14.69
N PHE A 98 18.81 -16.42 14.60
CA PHE A 98 18.96 -14.97 14.59
C PHE A 98 18.74 -14.35 13.21
N GLY A 99 18.87 -15.14 12.14
CA GLY A 99 18.56 -14.61 10.82
C GLY A 99 17.08 -14.31 10.65
N GLY A 100 16.22 -15.14 11.25
CA GLY A 100 14.80 -14.85 11.22
C GLY A 100 14.43 -13.60 11.97
N TYR A 101 15.07 -13.37 13.12
CA TYR A 101 14.83 -12.14 13.87
C TYR A 101 15.26 -10.91 13.07
N ALA A 102 16.40 -11.01 12.38
CA ALA A 102 16.89 -9.88 11.61
C ALA A 102 16.01 -9.60 10.40
N GLN A 103 15.63 -10.65 9.66
CA GLN A 103 14.78 -10.44 8.49
C GLN A 103 13.43 -9.86 8.88
N SER A 104 12.92 -10.21 10.06
CA SER A 104 11.68 -9.63 10.57
C SER A 104 11.88 -8.23 11.13
N GLY A 105 13.10 -7.71 11.14
CA GLY A 105 13.35 -6.37 11.65
C GLY A 105 13.22 -6.23 13.14
N LEU A 106 13.78 -7.17 13.91
CA LEU A 106 13.65 -7.17 15.35
C LEU A 106 14.97 -6.99 16.09
N LEU A 107 16.10 -6.93 15.38
CA LEU A 107 17.40 -6.83 15.99
C LEU A 107 18.08 -5.54 15.58
N ALA A 108 18.94 -5.02 16.45
CA ALA A 108 19.76 -3.86 16.17
C ALA A 108 21.16 -4.31 15.75
N GLU A 109 21.74 -3.60 14.79
CA GLU A 109 23.09 -3.93 14.35
C GLU A 109 24.10 -3.53 15.41
N ILE A 110 24.98 -4.46 15.78
CA ILE A 110 26.00 -4.20 16.79
C ILE A 110 27.21 -3.58 16.11
N THR A 111 27.93 -2.74 16.84
CA THR A 111 29.07 -2.00 16.31
C THR A 111 30.23 -2.04 17.30
N PRO A 112 30.94 -3.17 17.36
CA PRO A 112 32.15 -3.24 18.19
C PRO A 112 33.39 -2.90 17.39
N ASP A 113 34.28 -2.11 17.99
CA ASP A 113 35.48 -1.68 17.30
C ASP A 113 36.37 -2.87 16.97
N LYS A 114 37.37 -2.62 16.10
CA LYS A 114 38.23 -3.69 15.62
C LYS A 114 38.97 -4.36 16.77
N ALA A 115 39.37 -3.60 17.79
CA ALA A 115 40.12 -4.17 18.90
C ALA A 115 39.29 -5.20 19.65
N PHE A 116 37.99 -4.93 19.81
CA PHE A 116 37.14 -5.89 20.51
C PHE A 116 36.92 -7.15 19.68
N GLN A 117 36.75 -7.01 18.37
CA GLN A 117 36.52 -8.18 17.52
C GLN A 117 37.73 -9.10 17.51
N ASP A 118 38.92 -8.55 17.75
CA ASP A 118 40.13 -9.38 17.81
C ASP A 118 40.18 -10.25 19.07
N LYS A 119 39.38 -9.91 20.09
CA LYS A 119 39.37 -10.70 21.32
C LYS A 119 38.67 -12.03 21.16
N LEU A 120 37.79 -12.16 20.16
CA LEU A 120 37.06 -13.40 19.92
C LEU A 120 37.58 -14.08 18.67
N TYR A 121 37.37 -15.40 18.60
CA TYR A 121 37.83 -16.18 17.46
C TYR A 121 37.13 -15.71 16.19
N PRO A 122 37.81 -15.74 15.05
CA PRO A 122 37.21 -15.24 13.81
C PRO A 122 35.96 -16.00 13.37
N PHE A 123 35.96 -17.32 13.50
CA PHE A 123 34.84 -18.11 13.00
C PHE A 123 33.58 -17.89 13.81
N THR A 124 33.70 -17.51 15.09
CA THR A 124 32.51 -17.26 15.89
C THR A 124 31.80 -15.97 15.45
N TRP A 125 32.54 -15.00 14.91
CA TRP A 125 31.90 -13.83 14.33
C TRP A 125 31.16 -14.17 13.05
N ASP A 126 31.65 -15.17 12.29
CA ASP A 126 30.98 -15.57 11.06
C ASP A 126 29.58 -16.13 11.34
N ALA A 127 29.43 -16.86 12.44
CA ALA A 127 28.14 -17.46 12.76
C ALA A 127 27.07 -16.40 13.01
N VAL A 128 27.47 -15.19 13.34
CA VAL A 128 26.53 -14.11 13.67
C VAL A 128 26.53 -13.03 12.59
N ARG A 129 27.00 -13.36 11.39
CA ARG A 129 27.01 -12.43 10.27
C ARG A 129 25.85 -12.80 9.33
N TYR A 130 24.96 -11.84 9.09
CA TYR A 130 23.79 -12.05 8.26
C TYR A 130 23.64 -10.88 7.30
N ASN A 131 23.64 -11.19 6.00
CA ASN A 131 23.56 -10.17 4.95
C ASN A 131 24.66 -9.13 5.12
N GLY A 132 25.84 -9.58 5.54
CA GLY A 132 26.98 -8.70 5.65
C GLY A 132 27.01 -7.83 6.89
N LYS A 133 26.16 -8.09 7.87
CA LYS A 133 26.09 -7.26 9.07
C LYS A 133 26.12 -8.15 10.31
N LEU A 134 26.69 -7.61 11.39
CA LEU A 134 26.73 -8.29 12.68
C LEU A 134 25.46 -7.98 13.46
N ILE A 135 24.80 -9.02 13.97
CA ILE A 135 23.48 -8.82 14.55
C ILE A 135 23.38 -9.38 15.97
N ALA A 136 24.51 -9.80 16.55
CA ALA A 136 24.55 -10.28 17.93
C ALA A 136 26.00 -10.53 18.31
N TYR A 137 26.24 -10.67 19.62
CA TYR A 137 27.56 -10.96 20.16
C TYR A 137 27.71 -12.44 20.41
N PRO A 138 28.71 -13.11 19.84
CA PRO A 138 28.91 -14.54 20.10
C PRO A 138 29.44 -14.79 21.50
N ILE A 139 29.05 -15.94 22.07
CA ILE A 139 29.38 -16.26 23.46
C ILE A 139 30.18 -17.56 23.56
N ALA A 140 29.61 -18.67 23.09
CA ALA A 140 30.25 -19.96 23.27
C ALA A 140 29.78 -20.94 22.20
N VAL A 141 30.55 -22.01 22.03
CA VAL A 141 30.31 -23.03 21.03
C VAL A 141 29.76 -24.28 21.71
N GLU A 142 28.70 -24.85 21.14
CA GLU A 142 28.00 -26.00 21.71
C GLU A 142 28.01 -27.17 20.73
N ALA A 143 28.21 -28.37 21.26
CA ALA A 143 28.15 -29.60 20.47
C ALA A 143 27.82 -30.77 21.38
N LEU A 144 27.02 -31.70 20.88
CA LEU A 144 26.62 -32.88 21.65
C LEU A 144 27.75 -33.88 21.73
N SER A 145 27.81 -34.59 22.86
CA SER A 145 28.80 -35.63 23.07
C SER A 145 28.12 -36.88 23.64
N LEU A 146 28.91 -37.93 23.77
CA LEU A 146 28.45 -39.20 24.33
C LEU A 146 28.86 -39.26 25.79
N ILE A 147 27.88 -39.46 26.67
CA ILE A 147 28.10 -39.51 28.12
C ILE A 147 27.80 -40.94 28.59
N TYR A 148 28.73 -41.53 29.34
CA TYR A 148 28.60 -42.92 29.73
C TYR A 148 29.00 -43.10 31.19
N ASN A 149 28.48 -44.17 31.79
CA ASN A 149 28.78 -44.54 33.16
C ASN A 149 30.01 -45.44 33.17
N LYS A 150 31.10 -44.96 33.78
CA LYS A 150 32.34 -45.74 33.78
C LYS A 150 32.21 -47.04 34.56
N ASP A 151 31.39 -47.06 35.61
CA ASP A 151 31.24 -48.28 36.40
C ASP A 151 30.44 -49.33 35.64
N LEU A 152 29.34 -48.93 35.01
CA LEU A 152 28.55 -49.86 34.22
C LEU A 152 29.19 -50.18 32.87
N LEU A 153 30.03 -49.28 32.36
CA LEU A 153 30.58 -49.43 31.01
C LEU A 153 31.99 -48.87 31.00
N PRO A 154 33.00 -49.70 31.26
CA PRO A 154 34.38 -49.20 31.21
C PRO A 154 34.81 -48.76 29.82
N ASN A 155 34.41 -49.51 28.80
CA ASN A 155 34.74 -49.17 27.41
C ASN A 155 33.45 -48.88 26.65
N PRO A 156 33.17 -47.62 26.31
CA PRO A 156 31.93 -47.33 25.58
C PRO A 156 32.00 -47.88 24.18
N PRO A 157 30.86 -48.26 23.59
CA PRO A 157 30.87 -48.79 22.23
C PRO A 157 31.28 -47.71 21.23
N LYS A 158 31.92 -48.16 20.16
CA LYS A 158 32.38 -47.26 19.11
C LYS A 158 31.41 -47.15 17.94
N THR A 159 30.41 -48.02 17.86
CA THR A 159 29.47 -48.04 16.74
C THR A 159 28.05 -48.10 17.29
N TRP A 160 27.12 -47.50 16.54
CA TRP A 160 25.70 -47.63 16.88
C TRP A 160 25.22 -49.07 16.76
N GLU A 161 25.82 -49.85 15.86
CA GLU A 161 25.29 -51.18 15.55
C GLU A 161 25.38 -52.13 16.74
N GLU A 162 26.38 -51.98 17.59
CA GLU A 162 26.55 -52.91 18.70
C GLU A 162 25.76 -52.52 19.94
N ILE A 163 25.00 -51.43 19.89
CA ILE A 163 24.19 -50.98 21.02
C ILE A 163 23.04 -51.94 21.30
N PRO A 164 22.29 -52.42 20.28
CA PRO A 164 21.22 -53.41 20.58
C PRO A 164 21.71 -54.63 21.33
N ALA A 165 22.86 -55.19 20.94
CA ALA A 165 23.41 -56.33 21.65
C ALA A 165 23.83 -55.96 23.06
N LEU A 166 24.32 -54.73 23.26
CA LEU A 166 24.74 -54.31 24.60
C LEU A 166 23.54 -54.05 25.51
N ASP A 167 22.42 -53.63 24.94
CA ASP A 167 21.23 -53.38 25.76
C ASP A 167 20.68 -54.66 26.36
N LYS A 168 20.53 -55.71 25.54
CA LYS A 168 19.99 -56.97 26.05
CA LYS A 168 19.98 -56.96 26.07
C LYS A 168 20.87 -57.54 27.15
N GLU A 169 22.18 -57.32 27.07
CA GLU A 169 23.07 -57.79 28.12
C GLU A 169 22.93 -56.96 29.39
N LEU A 170 22.65 -55.66 29.25
CA LEU A 170 22.45 -54.80 30.41
C LEU A 170 21.05 -54.96 31.00
N LYS A 171 20.06 -55.32 30.17
CA LYS A 171 18.71 -55.56 30.69
C LYS A 171 18.68 -56.77 31.62
N ALA A 172 19.57 -57.74 31.41
CA ALA A 172 19.68 -58.88 32.32
C ALA A 172 20.18 -58.48 33.70
N LYS A 173 20.66 -57.24 33.87
CA LYS A 173 21.12 -56.74 35.16
C LYS A 173 20.21 -55.65 35.71
N GLY A 174 19.08 -55.40 35.06
CA GLY A 174 18.19 -54.34 35.49
C GLY A 174 18.57 -52.95 35.04
N LYS A 175 19.32 -52.84 33.95
CA LYS A 175 19.75 -51.55 33.43
C LYS A 175 19.41 -51.48 31.94
N SER A 176 19.78 -50.37 31.31
CA SER A 176 19.58 -50.18 29.88
C SER A 176 20.81 -49.50 29.30
N ALA A 177 20.93 -49.55 27.98
CA ALA A 177 22.14 -49.08 27.32
C ALA A 177 22.13 -47.57 27.09
N LEU A 178 21.05 -47.05 26.49
CA LEU A 178 21.06 -45.66 26.04
C LEU A 178 19.69 -45.03 26.21
N MET A 179 19.67 -43.79 26.72
CA MET A 179 18.45 -42.99 26.83
C MET A 179 18.81 -41.54 26.58
N PHE A 180 18.07 -40.89 25.67
CA PHE A 180 18.27 -39.47 25.40
C PHE A 180 16.96 -38.88 24.89
N ASN A 181 16.93 -37.55 24.82
CA ASN A 181 15.71 -36.81 24.51
C ASN A 181 15.34 -37.01 23.04
N LEU A 182 14.31 -37.81 22.80
CA LEU A 182 13.81 -38.08 21.45
C LEU A 182 12.78 -37.06 20.98
N GLN A 183 12.36 -36.14 21.84
CA GLN A 183 11.32 -35.17 21.50
C GLN A 183 11.84 -33.98 20.71
N GLU A 184 13.15 -33.77 20.67
CA GLU A 184 13.75 -32.67 19.93
C GLU A 184 14.68 -33.20 18.85
N PRO A 185 14.52 -32.79 17.60
CA PRO A 185 15.38 -33.30 16.52
C PRO A 185 16.85 -32.91 16.67
N TYR A 186 17.18 -31.98 17.57
CA TYR A 186 18.57 -31.64 17.82
C TYR A 186 19.37 -32.86 18.27
N PHE A 187 18.75 -33.77 19.03
CA PHE A 187 19.45 -34.91 19.62
C PHE A 187 19.55 -36.11 18.69
N THR A 188 18.63 -36.25 17.73
CA THR A 188 18.69 -37.37 16.79
C THR A 188 19.34 -36.99 15.46
N TRP A 189 19.48 -35.70 15.18
CA TRP A 189 20.12 -35.29 13.92
C TRP A 189 21.52 -35.86 13.72
N PRO A 190 22.39 -35.98 14.75
CA PRO A 190 23.72 -36.58 14.50
C PRO A 190 23.68 -37.94 13.83
N LEU A 191 22.68 -38.76 14.16
CA LEU A 191 22.56 -40.07 13.52
C LEU A 191 21.92 -39.96 12.14
N ILE A 192 21.01 -39.02 11.94
CA ILE A 192 20.39 -38.87 10.63
C ILE A 192 21.40 -38.35 9.61
N ALA A 193 22.23 -37.40 10.02
CA ALA A 193 23.21 -36.81 9.10
C ALA A 193 24.49 -37.63 8.97
N ALA A 194 24.58 -38.77 9.67
CA ALA A 194 25.82 -39.53 9.70
C ALA A 194 26.22 -40.03 8.31
N ASP A 195 25.24 -40.38 7.48
CA ASP A 195 25.52 -41.02 6.20
C ASP A 195 24.90 -40.26 5.03
N GLY A 196 24.68 -38.95 5.17
CA GLY A 196 24.24 -38.18 4.02
C GLY A 196 23.25 -37.05 4.26
N GLY A 197 22.50 -37.12 5.36
CA GLY A 197 21.49 -36.10 5.60
C GLY A 197 22.08 -34.73 5.83
N TYR A 198 21.36 -33.71 5.37
CA TYR A 198 21.77 -32.33 5.56
C TYR A 198 20.54 -31.42 5.49
N ALA A 199 20.74 -30.16 5.89
CA ALA A 199 19.65 -29.19 5.90
C ALA A 199 19.55 -28.46 4.57
N PHE A 200 20.33 -27.41 4.39
CA PHE A 200 20.36 -26.64 3.15
C PHE A 200 21.75 -26.72 2.55
N LYS A 201 21.81 -26.92 1.23
CA LYS A 201 23.08 -27.01 0.53
CA LYS A 201 23.09 -27.01 0.55
C LYS A 201 23.82 -25.68 0.60
N TYR A 202 25.07 -25.72 1.02
CA TYR A 202 25.91 -24.52 1.11
C TYR A 202 26.85 -24.49 -0.09
N GLU A 203 26.94 -23.34 -0.74
CA GLU A 203 27.73 -23.19 -1.96
C GLU A 203 27.85 -21.72 -2.29
N ASN A 204 29.00 -21.35 -2.87
CA ASN A 204 29.31 -19.97 -3.25
C ASN A 204 29.29 -19.03 -2.05
N GLY A 205 29.47 -19.57 -0.85
CA GLY A 205 29.35 -18.77 0.36
C GLY A 205 27.92 -18.37 0.66
N LYS A 206 26.96 -19.26 0.43
CA LYS A 206 25.55 -18.93 0.52
C LYS A 206 24.76 -20.23 0.56
N TYR A 207 23.62 -20.19 1.24
CA TYR A 207 22.74 -21.35 1.34
C TYR A 207 21.64 -21.26 0.29
N ASP A 208 21.35 -22.39 -0.34
CA ASP A 208 20.30 -22.51 -1.34
C ASP A 208 19.12 -23.25 -0.71
N ILE A 209 18.02 -22.53 -0.47
CA ILE A 209 16.89 -23.09 0.26
C ILE A 209 16.07 -24.08 -0.56
N LYS A 210 16.30 -24.16 -1.86
CA LYS A 210 15.61 -25.14 -2.70
C LYS A 210 16.29 -26.50 -2.72
N ASP A 211 17.45 -26.64 -2.10
CA ASP A 211 18.19 -27.90 -2.07
C ASP A 211 18.19 -28.39 -0.62
N VAL A 212 17.15 -29.11 -0.26
CA VAL A 212 16.97 -29.67 1.08
C VAL A 212 17.31 -31.16 1.05
N GLY A 213 18.15 -31.60 1.98
CA GLY A 213 18.57 -32.99 2.01
C GLY A 213 18.07 -33.78 3.21
N VAL A 214 16.76 -33.75 3.44
CA VAL A 214 16.19 -34.44 4.59
C VAL A 214 15.68 -35.84 4.26
N ASP A 215 15.38 -36.13 2.99
CA ASP A 215 14.83 -37.42 2.60
C ASP A 215 15.69 -38.10 1.55
N ASN A 216 17.01 -38.06 1.73
CA ASN A 216 17.89 -38.83 0.87
C ASN A 216 18.12 -40.21 1.47
N ALA A 217 18.93 -41.03 0.79
CA ALA A 217 19.14 -42.40 1.25
C ALA A 217 19.81 -42.44 2.63
N GLY A 218 20.78 -41.55 2.86
CA GLY A 218 21.48 -41.57 4.14
C GLY A 218 20.58 -41.16 5.30
N ALA A 219 19.76 -40.14 5.10
CA ALA A 219 18.86 -39.70 6.17
C ALA A 219 17.83 -40.78 6.50
N LYS A 220 17.29 -41.43 5.47
CA LYS A 220 16.34 -42.52 5.70
C LYS A 220 16.98 -43.66 6.47
N ALA A 221 18.25 -43.96 6.18
CA ALA A 221 18.94 -45.04 6.89
C ALA A 221 19.13 -44.68 8.36
N GLY A 222 19.53 -43.45 8.65
CA GLY A 222 19.76 -43.05 10.02
C GLY A 222 18.50 -43.12 10.86
N LEU A 223 17.41 -42.57 10.34
CA LEU A 223 16.15 -42.56 11.09
C LEU A 223 15.56 -43.96 11.19
N THR A 224 15.72 -44.79 10.15
CA THR A 224 15.23 -46.16 10.21
C THR A 224 15.91 -46.93 11.33
N PHE A 225 17.22 -46.73 11.50
CA PHE A 225 17.93 -47.39 12.59
C PHE A 225 17.40 -46.94 13.95
N LEU A 226 17.08 -45.65 14.07
CA LEU A 226 16.51 -45.14 15.31
C LEU A 226 15.16 -45.79 15.60
N VAL A 227 14.29 -45.86 14.59
CA VAL A 227 12.96 -46.44 14.77
C VAL A 227 13.05 -47.92 15.14
N ASP A 228 14.02 -48.64 14.56
CA ASP A 228 14.20 -50.05 14.91
C ASP A 228 14.54 -50.22 16.39
N LEU A 229 15.37 -49.33 16.93
CA LEU A 229 15.71 -49.42 18.35
C LEU A 229 14.48 -49.30 19.23
N ILE A 230 13.53 -48.45 18.85
CA ILE A 230 12.31 -48.30 19.63
C ILE A 230 11.40 -49.49 19.43
N LYS A 231 11.31 -50.01 18.20
CA LYS A 231 10.45 -51.16 17.93
C LYS A 231 10.94 -52.40 18.69
N ASN A 232 12.26 -52.60 18.75
CA ASN A 232 12.83 -53.73 19.47
C ASN A 232 12.95 -53.49 20.96
N LYS A 233 12.25 -52.47 21.48
CA LYS A 233 12.16 -52.20 22.92
C LYS A 233 13.51 -51.91 23.54
N HIS A 234 14.45 -51.40 22.74
CA HIS A 234 15.73 -50.92 23.26
C HIS A 234 15.63 -49.48 23.71
N MET A 235 14.69 -48.71 23.15
CA MET A 235 14.41 -47.35 23.59
C MET A 235 12.91 -47.15 23.62
N ASN A 236 12.49 -46.00 24.15
CA ASN A 236 11.09 -45.67 24.36
C ASN A 236 10.76 -44.38 23.63
N ALA A 237 9.74 -44.42 22.78
CA ALA A 237 9.39 -43.25 21.97
C ALA A 237 8.94 -42.06 22.81
N ASP A 238 8.52 -42.29 24.05
CA ASP A 238 8.03 -41.22 24.91
C ASP A 238 9.14 -40.58 25.75
N THR A 239 10.39 -41.01 25.57
CA THR A 239 11.49 -40.46 26.37
C THR A 239 11.75 -39.00 26.01
N ASP A 240 11.86 -38.14 27.03
CA ASP A 240 12.17 -36.75 26.80
C ASP A 240 13.43 -36.34 27.57
N TYR A 241 13.58 -35.05 27.83
CA TYR A 241 14.80 -34.56 28.47
C TYR A 241 14.86 -34.95 29.94
N SER A 242 13.77 -34.73 30.68
CA SER A 242 13.78 -35.00 32.12
C SER A 242 13.91 -36.49 32.42
N ILE A 243 13.19 -37.34 31.67
CA ILE A 243 13.27 -38.78 31.90
C ILE A 243 14.69 -39.28 31.66
N ALA A 244 15.30 -38.83 30.56
CA ALA A 244 16.65 -39.29 30.24
C ALA A 244 17.66 -38.80 31.26
N GLU A 245 17.52 -37.55 31.71
CA GLU A 245 18.46 -37.01 32.70
C GLU A 245 18.34 -37.73 34.03
N ALA A 246 17.11 -38.06 34.45
CA ALA A 246 16.92 -38.75 35.73
C ALA A 246 17.46 -40.16 35.68
N ALA A 247 17.26 -40.87 34.57
CA ALA A 247 17.69 -42.25 34.48
C ALA A 247 19.21 -42.37 34.54
N PHE A 248 19.93 -41.49 33.84
CA PHE A 248 21.39 -41.56 33.83
C PHE A 248 21.96 -41.15 35.18
N ASN A 249 21.48 -40.03 35.74
CA ASN A 249 22.00 -39.53 37.00
C ASN A 249 21.71 -40.46 38.17
N LYS A 250 20.71 -41.33 38.06
CA LYS A 250 20.38 -42.27 39.12
C LYS A 250 20.93 -43.67 38.86
N GLY A 251 21.83 -43.81 37.88
CA GLY A 251 22.46 -45.09 37.64
C GLY A 251 21.57 -46.13 36.99
N GLU A 252 20.49 -45.71 36.34
CA GLU A 252 19.55 -46.65 35.74
C GLU A 252 19.87 -46.99 34.29
N THR A 253 20.56 -46.10 33.57
CA THR A 253 20.96 -46.35 32.20
C THR A 253 22.45 -46.05 32.04
N ALA A 254 23.08 -46.72 31.09
CA ALA A 254 24.52 -46.67 30.95
C ALA A 254 25.03 -45.51 30.12
N MET A 255 24.24 -45.02 29.15
CA MET A 255 24.69 -43.98 28.24
C MET A 255 23.58 -42.94 28.06
N THR A 256 24.00 -41.75 27.65
CA THR A 256 23.07 -40.67 27.29
C THR A 256 23.81 -39.73 26.34
N ILE A 257 23.03 -38.85 25.71
CA ILE A 257 23.56 -37.86 24.77
C ILE A 257 23.06 -36.50 25.20
N ASN A 258 23.97 -35.57 25.46
CA ASN A 258 23.61 -34.24 25.91
C ASN A 258 24.80 -33.31 25.70
N GLY A 259 24.63 -32.05 26.13
CA GLY A 259 25.64 -31.03 25.93
C GLY A 259 26.39 -30.68 27.19
N PRO A 260 27.30 -29.71 27.09
CA PRO A 260 28.12 -29.34 28.27
C PRO A 260 27.31 -28.81 29.43
N TRP A 261 26.14 -28.19 29.18
CA TRP A 261 25.35 -27.63 30.27
C TRP A 261 24.87 -28.71 31.24
N ALA A 262 24.73 -29.95 30.79
CA ALA A 262 24.22 -31.04 31.60
C ALA A 262 25.25 -31.61 32.57
N TRP A 263 26.50 -31.15 32.53
CA TRP A 263 27.54 -31.74 33.36
C TRP A 263 27.36 -31.42 34.83
N SER A 264 26.80 -30.25 35.14
CA SER A 264 26.66 -29.85 36.55
C SER A 264 25.71 -30.78 37.30
N ASN A 265 24.60 -31.16 36.67
CA ASN A 265 23.64 -32.06 37.31
C ASN A 265 24.22 -33.45 37.52
N ILE A 266 25.09 -33.90 36.61
CA ILE A 266 25.70 -35.20 36.81
C ILE A 266 26.70 -35.16 37.96
N ASP A 267 27.36 -34.02 38.17
CA ASP A 267 28.33 -33.90 39.26
C ASP A 267 27.66 -34.04 40.62
N THR A 268 26.50 -33.39 40.81
CA THR A 268 25.83 -33.48 42.10
C THR A 268 25.32 -34.89 42.39
N SER A 269 25.05 -35.68 41.37
CA SER A 269 24.65 -37.08 41.57
C SER A 269 25.83 -38.00 41.78
N LYS A 270 27.06 -37.46 41.82
CA LYS A 270 28.29 -38.20 42.10
C LYS A 270 28.46 -39.43 41.22
N VAL A 271 27.80 -39.47 40.06
CA VAL A 271 27.99 -40.58 39.14
C VAL A 271 29.34 -40.44 38.47
N ASN A 272 30.06 -41.56 38.35
CA ASN A 272 31.36 -41.57 37.70
C ASN A 272 31.17 -41.70 36.20
N TYR A 273 31.24 -40.57 35.50
CA TYR A 273 30.85 -40.49 34.09
C TYR A 273 32.03 -40.04 33.23
N GLY A 274 31.89 -40.27 31.92
CA GLY A 274 32.86 -39.79 30.97
C GLY A 274 32.18 -39.07 29.82
N VAL A 275 32.99 -38.32 29.08
CA VAL A 275 32.53 -37.57 27.90
C VAL A 275 33.44 -37.92 26.74
N THR A 276 32.88 -38.52 25.70
CA THR A 276 33.67 -39.05 24.59
C THR A 276 32.93 -38.82 23.27
N VAL A 277 33.60 -39.23 22.19
CA VAL A 277 33.04 -39.06 20.85
C VAL A 277 31.81 -39.95 20.67
N LEU A 278 30.87 -39.48 19.85
CA LEU A 278 29.69 -40.28 19.54
C LEU A 278 30.08 -41.49 18.71
N PRO A 279 29.29 -42.57 18.77
CA PRO A 279 29.63 -43.76 17.98
C PRO A 279 29.34 -43.54 16.50
N THR A 280 30.00 -44.34 15.67
CA THR A 280 29.85 -44.24 14.23
C THR A 280 28.63 -45.02 13.77
N PHE A 281 28.18 -44.70 12.55
CA PHE A 281 27.06 -45.39 11.92
C PHE A 281 27.46 -45.76 10.51
N LYS A 282 27.37 -47.07 10.19
CA LYS A 282 27.76 -47.59 8.88
C LYS A 282 29.20 -47.21 8.53
N GLY A 283 30.06 -47.08 9.54
CA GLY A 283 31.44 -46.70 9.34
C GLY A 283 31.73 -45.22 9.35
N GLN A 284 30.70 -44.38 9.24
CA GLN A 284 30.84 -42.92 9.23
C GLN A 284 30.53 -42.34 10.60
N PRO A 285 31.26 -41.31 11.01
CA PRO A 285 31.02 -40.71 12.33
C PRO A 285 29.72 -39.94 12.38
N SER A 286 29.22 -39.75 13.59
CA SER A 286 28.05 -38.91 13.80
C SER A 286 28.40 -37.46 13.54
N LYS A 287 27.48 -36.74 12.92
CA LYS A 287 27.69 -35.34 12.51
C LYS A 287 26.65 -34.47 13.20
N PRO A 288 26.92 -34.02 14.42
CA PRO A 288 25.97 -33.15 15.13
C PRO A 288 26.02 -31.71 14.61
N PHE A 289 24.88 -31.03 14.76
CA PHE A 289 24.80 -29.62 14.43
C PHE A 289 25.45 -28.80 15.53
N VAL A 290 26.42 -27.97 15.18
CA VAL A 290 27.15 -27.15 16.14
C VAL A 290 26.47 -25.80 16.27
N GLY A 291 26.25 -25.36 17.50
CA GLY A 291 25.58 -24.10 17.78
C GLY A 291 26.50 -23.11 18.49
N VAL A 292 26.35 -21.84 18.15
CA VAL A 292 27.09 -20.75 18.77
C VAL A 292 26.10 -19.91 19.56
N LEU A 293 26.14 -20.03 20.89
CA LEU A 293 25.28 -19.22 21.74
C LEU A 293 25.59 -17.74 21.54
N SER A 294 24.54 -16.95 21.31
CA SER A 294 24.71 -15.55 20.95
C SER A 294 23.71 -14.69 21.71
N ALA A 295 24.05 -13.41 21.85
CA ALA A 295 23.21 -12.44 22.53
C ALA A 295 22.90 -11.30 21.58
N GLY A 296 21.63 -11.12 21.26
CA GLY A 296 21.18 -10.05 20.40
C GLY A 296 20.52 -8.93 21.18
N ILE A 297 20.39 -7.77 20.53
CA ILE A 297 19.82 -6.58 21.17
C ILE A 297 18.53 -6.22 20.45
N ASN A 298 17.47 -5.99 21.23
CA ASN A 298 16.18 -5.64 20.67
C ASN A 298 16.25 -4.29 19.98
N ALA A 299 15.61 -4.20 18.80
CA ALA A 299 15.61 -2.94 18.05
C ALA A 299 14.71 -1.90 18.71
N ALA A 300 13.66 -2.34 19.41
CA ALA A 300 12.73 -1.44 20.07
C ALA A 300 13.18 -1.03 21.47
N SER A 301 14.39 -1.43 21.88
CA SER A 301 14.83 -1.13 23.23
C SER A 301 15.50 0.25 23.29
N PRO A 302 15.18 1.05 24.31
CA PRO A 302 15.90 2.31 24.53
C PRO A 302 17.18 2.17 25.34
N ASN A 303 17.61 0.95 25.63
CA ASN A 303 18.78 0.70 26.48
C ASN A 303 19.91 0.03 25.69
N LYS A 304 19.94 0.24 24.37
CA LYS A 304 21.06 -0.28 23.57
C LYS A 304 22.39 0.22 24.10
N GLU A 305 22.41 1.45 24.62
CA GLU A 305 23.59 2.02 25.26
C GLU A 305 24.17 1.08 26.32
N LEU A 306 23.34 0.69 27.29
CA LEU A 306 23.81 -0.09 28.43
C LEU A 306 24.02 -1.56 28.06
N ALA A 307 23.12 -2.11 27.25
CA ALA A 307 23.24 -3.52 26.86
C ALA A 307 24.55 -3.78 26.14
N LYS A 308 25.00 -2.83 25.31
CA LYS A 308 26.26 -3.00 24.61
C LYS A 308 27.44 -3.06 25.58
N GLU A 309 27.44 -2.18 26.60
CA GLU A 309 28.53 -2.16 27.56
C GLU A 309 28.49 -3.38 28.48
N PHE A 310 27.29 -3.86 28.81
CA PHE A 310 27.18 -5.04 29.66
C PHE A 310 27.76 -6.27 28.98
N LEU A 311 27.40 -6.49 27.71
CA LEU A 311 27.88 -7.68 27.00
C LEU A 311 29.38 -7.63 26.78
N GLU A 312 29.91 -6.46 26.38
CA GLU A 312 31.31 -6.39 25.96
C GLU A 312 32.27 -6.35 27.14
N ASN A 313 31.94 -5.62 28.19
CA ASN A 313 32.88 -5.35 29.27
C ASN A 313 32.48 -5.96 30.61
N TYR A 314 31.41 -6.73 30.66
CA TYR A 314 31.05 -7.38 31.92
C TYR A 314 30.76 -8.87 31.77
N LEU A 315 30.15 -9.28 30.66
CA LEU A 315 29.91 -10.69 30.43
C LEU A 315 31.04 -11.33 29.65
N LEU A 316 31.45 -10.71 28.54
CA LEU A 316 32.51 -11.26 27.71
C LEU A 316 33.88 -10.93 28.30
N THR A 317 34.07 -11.29 29.56
CA THR A 317 35.36 -11.19 30.23
C THR A 317 35.66 -12.51 30.91
N ASP A 318 36.87 -12.63 31.46
CA ASP A 318 37.23 -13.84 32.18
C ASP A 318 36.37 -14.01 33.42
N GLU A 319 36.06 -12.92 34.12
CA GLU A 319 35.25 -13.00 35.32
C GLU A 319 33.80 -13.34 34.98
N GLY A 320 33.23 -12.61 34.02
CA GLY A 320 31.82 -12.82 33.70
C GLY A 320 31.52 -14.21 33.18
N LEU A 321 32.28 -14.66 32.18
CA LEU A 321 32.04 -15.98 31.61
C LEU A 321 32.25 -17.09 32.65
N GLU A 322 33.15 -16.88 33.61
CA GLU A 322 33.38 -17.92 34.62
C GLU A 322 32.21 -18.02 35.59
N ALA A 323 31.61 -16.89 35.95
CA ALA A 323 30.45 -16.92 36.84
C ALA A 323 29.29 -17.67 36.18
N VAL A 324 29.15 -17.54 34.86
CA VAL A 324 28.11 -18.29 34.15
C VAL A 324 28.53 -19.74 33.95
N ASN A 325 29.80 -19.97 33.59
CA ASN A 325 30.27 -21.32 33.31
C ASN A 325 30.23 -22.19 34.55
N LYS A 326 30.54 -21.63 35.71
CA LYS A 326 30.51 -22.41 36.94
C LYS A 326 29.11 -22.73 37.42
N ASP A 327 28.08 -22.09 36.85
CA ASP A 327 26.71 -22.51 37.10
C ASP A 327 26.35 -23.70 36.22
N LYS A 328 26.42 -23.52 34.90
CA LYS A 328 26.23 -24.58 33.92
C LYS A 328 27.29 -24.33 32.85
N PRO A 329 28.10 -25.34 32.51
CA PRO A 329 29.18 -25.13 31.54
C PRO A 329 28.67 -24.62 30.20
N LEU A 330 29.39 -23.64 29.65
CA LEU A 330 29.04 -23.04 28.37
C LEU A 330 29.63 -23.77 27.17
N GLY A 331 30.68 -24.56 27.37
CA GLY A 331 31.39 -25.17 26.27
C GLY A 331 32.66 -24.41 25.93
N ALA A 332 33.06 -24.41 24.66
CA ALA A 332 34.22 -23.66 24.23
C ALA A 332 33.82 -22.22 24.01
N VAL A 333 34.27 -21.33 24.91
CA VAL A 333 33.86 -19.93 24.83
C VAL A 333 34.53 -19.26 23.63
N ALA A 334 33.89 -18.20 23.14
CA ALA A 334 34.44 -17.44 22.03
C ALA A 334 35.60 -16.54 22.43
N LEU A 335 35.65 -16.15 23.71
CA LEU A 335 36.75 -15.31 24.18
C LEU A 335 38.03 -16.12 24.24
N LYS A 336 39.04 -15.68 23.48
CA LYS A 336 40.29 -16.44 23.41
C LYS A 336 40.96 -16.50 24.78
N SER A 337 41.00 -15.39 25.50
CA SER A 337 41.66 -15.31 26.81
C SER A 337 40.80 -15.95 27.91
N TYR A 338 40.46 -17.22 27.69
CA TYR A 338 39.73 -18.03 28.65
C TYR A 338 39.62 -19.45 28.09
N GLU A 339 39.56 -19.55 26.77
CA GLU A 339 39.53 -20.86 26.13
C GLU A 339 40.85 -21.60 26.31
N GLU A 340 41.96 -20.85 26.42
CA GLU A 340 43.25 -21.47 26.70
C GLU A 340 43.22 -22.24 28.02
N GLU A 341 42.39 -21.79 28.97
CA GLU A 341 42.23 -22.51 30.23
C GLU A 341 41.24 -23.66 30.09
N LEU A 342 40.07 -23.40 29.49
CA LEU A 342 39.04 -24.42 29.38
C LEU A 342 39.46 -25.56 28.45
N ALA A 343 40.36 -25.28 27.49
CA ALA A 343 40.77 -26.31 26.55
C ALA A 343 41.47 -27.47 27.24
N LYS A 344 42.14 -27.20 28.36
CA LYS A 344 42.83 -28.24 29.11
C LYS A 344 41.90 -29.24 29.79
N ASP A 345 40.59 -29.02 29.71
CA ASP A 345 39.63 -29.98 30.25
C ASP A 345 39.37 -31.07 29.22
N PRO A 346 39.55 -32.35 29.55
CA PRO A 346 39.23 -33.40 28.57
C PRO A 346 37.78 -33.37 28.10
N ARG A 347 36.84 -33.00 28.96
CA ARG A 347 35.45 -32.88 28.52
C ARG A 347 35.29 -31.82 27.44
N ILE A 348 36.09 -30.75 27.51
CA ILE A 348 36.05 -29.72 26.46
C ILE A 348 36.65 -30.24 25.16
N ALA A 349 37.74 -31.00 25.26
CA ALA A 349 38.35 -31.58 24.07
C ALA A 349 37.39 -32.55 23.39
N ALA A 350 36.60 -33.29 24.18
CA ALA A 350 35.62 -34.18 23.59
C ALA A 350 34.50 -33.42 22.91
N THR A 351 34.10 -32.28 23.47
CA THR A 351 33.06 -31.47 22.84
C THR A 351 33.51 -30.97 21.48
N MET A 352 34.78 -30.56 21.36
CA MET A 352 35.28 -30.02 20.11
C MET A 352 35.53 -31.09 19.06
N GLU A 353 35.87 -32.31 19.48
CA GLU A 353 36.09 -33.37 18.50
C GLU A 353 34.78 -33.78 17.82
N ASN A 354 33.68 -33.80 18.58
CA ASN A 354 32.38 -33.99 17.96
C ASN A 354 32.02 -32.80 17.08
N ALA A 355 32.42 -31.60 17.50
CA ALA A 355 32.15 -30.40 16.71
C ALA A 355 32.94 -30.40 15.42
N GLN A 356 34.18 -30.89 15.45
CA GLN A 356 34.99 -30.96 14.24
C GLN A 356 34.41 -31.93 13.23
N LYS A 357 33.75 -32.99 13.71
CA LYS A 357 33.11 -33.96 12.81
C LYS A 357 31.74 -33.52 12.34
N GLY A 358 31.16 -32.47 12.92
CA GLY A 358 29.89 -31.94 12.50
C GLY A 358 30.03 -30.67 11.69
N GLU A 359 28.93 -29.91 11.61
CA GLU A 359 28.88 -28.69 10.84
C GLU A 359 28.13 -27.61 11.61
N ILE A 360 28.53 -26.35 11.37
CA ILE A 360 27.85 -25.21 11.96
C ILE A 360 26.48 -25.03 11.32
N MET A 361 25.48 -24.78 12.15
CA MET A 361 24.13 -24.59 11.63
C MET A 361 24.05 -23.33 10.77
N PRO A 362 23.21 -23.35 9.73
CA PRO A 362 22.92 -22.11 9.00
C PRO A 362 22.13 -21.15 9.88
N ASN A 363 22.13 -19.87 9.47
CA ASN A 363 21.40 -18.84 10.19
C ASN A 363 20.33 -18.17 9.33
N ILE A 364 19.97 -18.76 8.20
CA ILE A 364 18.96 -18.15 7.32
C ILE A 364 17.58 -18.22 7.98
N PRO A 365 16.66 -17.33 7.64
CA PRO A 365 15.35 -17.33 8.31
C PRO A 365 14.57 -18.62 8.16
N GLN A 366 14.83 -19.41 7.12
CA GLN A 366 14.09 -20.64 6.90
C GLN A 366 14.41 -21.73 7.93
N MET A 367 15.43 -21.53 8.76
CA MET A 367 15.79 -22.56 9.73
C MET A 367 14.66 -22.85 10.70
N SER A 368 13.81 -21.86 10.99
CA SER A 368 12.68 -22.08 11.89
C SER A 368 11.66 -23.04 11.27
N ALA A 369 11.35 -22.85 9.98
CA ALA A 369 10.45 -23.79 9.31
C ALA A 369 11.10 -25.14 9.11
N PHE A 370 12.43 -25.17 8.96
CA PHE A 370 13.15 -26.43 8.87
C PHE A 370 12.98 -27.26 10.15
N TRP A 371 13.19 -26.62 11.31
CA TRP A 371 13.07 -27.35 12.57
C TRP A 371 11.64 -27.82 12.83
N TYR A 372 10.64 -27.08 12.34
CA TYR A 372 9.26 -27.50 12.51
C TYR A 372 8.98 -28.79 11.74
N ALA A 373 9.42 -28.85 10.48
CA ALA A 373 9.18 -30.05 9.67
C ALA A 373 9.96 -31.24 10.19
N VAL A 374 11.22 -31.03 10.59
CA VAL A 374 12.04 -32.16 11.04
C VAL A 374 11.54 -32.68 12.39
N ARG A 375 11.16 -31.78 13.30
CA ARG A 375 10.63 -32.22 14.59
C ARG A 375 9.38 -33.06 14.39
N THR A 376 8.53 -32.67 13.44
CA THR A 376 7.29 -33.40 13.18
C THR A 376 7.57 -34.77 12.55
N ALA A 377 8.54 -34.84 11.64
CA ALA A 377 8.82 -36.12 10.98
C ALA A 377 9.38 -37.14 11.96
N VAL A 378 10.31 -36.73 12.84
CA VAL A 378 10.93 -37.68 13.77
C VAL A 378 9.90 -38.25 14.73
N ILE A 379 9.05 -37.38 15.28
CA ILE A 379 8.06 -37.84 16.27
C ILE A 379 7.06 -38.79 15.62
N ASN A 380 6.62 -38.48 14.40
CA ASN A 380 5.67 -39.34 13.70
C ASN A 380 6.28 -40.71 13.40
N ALA A 381 7.53 -40.72 12.96
CA ALA A 381 8.19 -42.00 12.65
C ALA A 381 8.48 -42.79 13.92
N ALA A 382 8.91 -42.11 14.98
CA ALA A 382 9.27 -42.82 16.21
C ALA A 382 8.06 -43.44 16.89
N SER A 383 6.87 -42.85 16.69
CA SER A 383 5.66 -43.36 17.32
C SER A 383 4.90 -44.37 16.46
N GLY A 384 5.37 -44.67 15.24
CA GLY A 384 4.72 -45.63 14.39
C GLY A 384 3.53 -45.11 13.63
N ARG A 385 3.23 -43.80 13.74
CA ARG A 385 2.11 -43.22 13.00
C ARG A 385 2.42 -43.11 11.51
N GLN A 386 3.70 -42.99 11.14
CA GLN A 386 4.13 -42.97 9.75
C GLN A 386 5.39 -43.82 9.61
N THR A 387 5.65 -44.29 8.39
CA THR A 387 6.90 -44.93 8.08
C THR A 387 8.00 -43.87 7.90
N VAL A 388 9.23 -44.34 7.73
CA VAL A 388 10.34 -43.41 7.53
C VAL A 388 10.23 -42.73 6.17
N ASP A 389 9.83 -43.49 5.13
CA ASP A 389 9.66 -42.90 3.81
C ASP A 389 8.55 -41.85 3.81
N GLU A 390 7.47 -42.10 4.55
CA GLU A 390 6.37 -41.13 4.58
C GLU A 390 6.76 -39.87 5.34
N ALA A 391 7.39 -40.03 6.51
CA ALA A 391 7.72 -38.88 7.36
C ALA A 391 8.72 -37.95 6.69
N LEU A 392 9.81 -38.50 6.15
CA LEU A 392 10.83 -37.66 5.53
C LEU A 392 10.33 -37.03 4.23
N LYS A 393 9.42 -37.70 3.52
CA LYS A 393 8.78 -37.09 2.35
C LYS A 393 7.81 -35.99 2.77
N ASP A 394 7.19 -36.15 3.94
CA ASP A 394 6.22 -35.18 4.46
C ASP A 394 6.89 -33.91 4.97
N ALA A 395 8.16 -33.97 5.37
CA ALA A 395 8.87 -32.79 5.85
C ALA A 395 9.10 -31.79 4.73
N GLN A 396 8.16 -30.86 4.58
CA GLN A 396 8.21 -29.83 3.55
C GLN A 396 8.67 -28.53 4.20
N THR A 397 9.87 -28.07 3.82
CA THR A 397 10.40 -26.81 4.32
C THR A 397 10.60 -25.77 3.23
N ASN A 398 10.23 -26.06 1.98
CA ASN A 398 10.37 -25.11 0.89
C ASN A 398 9.22 -25.25 -0.12
N LYS B 32 28.46 10.01 -2.78
CA LYS B 32 29.25 10.22 -3.98
C LYS B 32 30.36 11.24 -3.72
N ILE B 33 30.41 11.77 -2.51
CA ILE B 33 31.45 12.71 -2.14
C ILE B 33 32.76 11.97 -1.93
N GLU B 34 33.87 12.61 -2.30
CA GLU B 34 35.18 11.98 -2.18
C GLU B 34 35.57 11.83 -0.71
N GLU B 35 36.26 10.73 -0.40
CA GLU B 35 36.77 10.50 0.94
C GLU B 35 38.13 11.15 1.11
N GLY B 36 38.36 11.73 2.28
CA GLY B 36 39.61 12.40 2.56
C GLY B 36 39.66 13.88 2.26
N LYS B 37 38.51 14.55 2.21
CA LYS B 37 38.47 15.99 1.98
C LYS B 37 37.12 16.53 2.42
N LEU B 38 37.12 17.77 2.87
CA LEU B 38 35.94 18.44 3.40
C LEU B 38 35.53 19.58 2.49
N VAL B 39 34.33 19.48 1.92
CA VAL B 39 33.73 20.54 1.11
C VAL B 39 32.69 21.26 1.97
N ILE B 40 32.72 22.58 1.95
CA ILE B 40 31.87 23.40 2.82
C ILE B 40 31.09 24.39 1.97
N TRP B 41 29.80 24.55 2.28
CA TRP B 41 28.94 25.55 1.68
C TRP B 41 28.60 26.62 2.71
N ILE B 42 28.82 27.88 2.34
CA ILE B 42 28.48 29.02 3.18
C ILE B 42 28.06 30.16 2.27
N ASN B 43 27.18 31.02 2.77
CA ASN B 43 26.63 32.08 1.94
C ASN B 43 27.71 33.09 1.55
N GLY B 44 27.51 33.75 0.42
CA GLY B 44 28.50 34.66 -0.13
C GLY B 44 28.64 35.97 0.63
N ASP B 45 27.64 36.33 1.42
CA ASP B 45 27.72 37.58 2.18
C ASP B 45 28.51 37.43 3.48
N LYS B 46 28.91 36.22 3.83
CA LYS B 46 29.72 35.97 5.02
C LYS B 46 31.20 35.89 4.65
N GLY B 47 32.04 35.92 5.68
CA GLY B 47 33.47 35.88 5.48
C GLY B 47 34.02 34.50 5.18
N TYR B 48 33.79 34.02 3.96
CA TYR B 48 34.24 32.68 3.61
C TYR B 48 35.74 32.62 3.39
N ASN B 49 36.35 33.73 2.97
CA ASN B 49 37.80 33.77 2.83
C ASN B 49 38.48 33.58 4.18
N GLY B 50 37.89 34.12 5.24
CA GLY B 50 38.42 33.86 6.58
C GLY B 50 38.26 32.41 6.99
N LEU B 51 37.13 31.80 6.64
CA LEU B 51 36.93 30.37 6.92
C LEU B 51 37.92 29.52 6.14
N ALA B 52 38.26 29.92 4.91
CA ALA B 52 39.23 29.17 4.12
C ALA B 52 40.59 29.13 4.80
N GLU B 53 40.99 30.24 5.44
CA GLU B 53 42.25 30.25 6.17
C GLU B 53 42.20 29.28 7.35
N VAL B 54 41.05 29.21 8.04
CA VAL B 54 40.88 28.23 9.11
C VAL B 54 40.99 26.82 8.54
N GLY B 55 40.47 26.61 7.32
CA GLY B 55 40.59 25.32 6.68
C GLY B 55 42.01 24.98 6.27
N LYS B 56 42.83 26.00 5.99
CA LYS B 56 44.23 25.75 5.64
C LYS B 56 45.02 25.24 6.84
N LYS B 57 44.79 25.82 8.02
CA LYS B 57 45.47 25.32 9.21
C LYS B 57 45.08 23.89 9.53
N PHE B 58 43.88 23.47 9.08
CA PHE B 58 43.45 22.09 9.29
C PHE B 58 44.29 21.12 8.47
N GLU B 59 44.60 21.46 7.23
CA GLU B 59 45.37 20.55 6.39
C GLU B 59 46.83 20.51 6.79
N LYS B 60 47.39 21.64 7.24
CA LYS B 60 48.79 21.64 7.66
C LYS B 60 49.02 20.78 8.89
N ASP B 61 47.96 20.52 9.68
CA ASP B 61 48.04 19.64 10.84
C ASP B 61 47.61 18.22 10.54
N THR B 62 46.64 18.02 9.65
CA THR B 62 46.08 16.71 9.36
C THR B 62 46.36 16.19 7.96
N GLY B 63 46.70 17.08 7.03
CA GLY B 63 46.92 16.66 5.65
C GLY B 63 45.67 16.50 4.82
N ILE B 64 44.59 17.19 5.16
CA ILE B 64 43.31 17.06 4.48
C ILE B 64 42.81 18.45 4.14
N LYS B 65 42.68 18.74 2.85
CA LYS B 65 42.30 20.07 2.40
C LYS B 65 40.80 20.30 2.58
N VAL B 66 40.44 21.55 2.84
CA VAL B 66 39.05 21.98 3.02
C VAL B 66 38.78 23.08 2.01
N THR B 67 37.78 22.87 1.16
CA THR B 67 37.39 23.84 0.14
C THR B 67 36.04 24.44 0.51
N VAL B 68 35.95 25.77 0.40
CA VAL B 68 34.75 26.52 0.76
C VAL B 68 34.15 27.12 -0.51
N GLU B 69 32.85 26.92 -0.70
CA GLU B 69 32.13 27.43 -1.86
C GLU B 69 30.92 28.22 -1.39
N HIS B 70 30.47 29.14 -2.23
CA HIS B 70 29.31 29.99 -1.94
C HIS B 70 28.34 29.98 -3.12
N PRO B 71 27.62 28.89 -3.33
CA PRO B 71 26.65 28.84 -4.43
C PRO B 71 25.45 29.74 -4.16
N ASP B 72 24.86 30.23 -5.25
CA ASP B 72 23.68 31.07 -5.13
C ASP B 72 22.46 30.21 -4.78
N LYS B 73 21.67 30.68 -3.82
CA LYS B 73 20.49 29.96 -3.32
C LYS B 73 20.88 28.55 -2.85
N LEU B 74 21.93 28.49 -2.02
CA LEU B 74 22.42 27.19 -1.55
C LEU B 74 21.46 26.56 -0.55
N GLU B 75 20.67 27.36 0.18
CA GLU B 75 19.71 26.81 1.13
C GLU B 75 18.64 26.00 0.42
N GLU B 76 18.42 26.25 -0.87
CA GLU B 76 17.50 25.45 -1.67
C GLU B 76 18.20 24.31 -2.40
N LYS B 77 19.45 24.51 -2.83
CA LYS B 77 20.17 23.49 -3.59
C LYS B 77 20.52 22.28 -2.73
N PHE B 78 20.73 22.49 -1.42
CA PHE B 78 21.16 21.38 -0.55
C PHE B 78 20.14 20.25 -0.52
N PRO B 79 18.86 20.46 -0.18
CA PRO B 79 17.92 19.33 -0.20
C PRO B 79 17.65 18.80 -1.60
N GLN B 80 17.94 19.57 -2.64
CA GLN B 80 17.67 19.10 -4.01
C GLN B 80 18.74 18.13 -4.48
N VAL B 81 20.01 18.40 -4.18
CA VAL B 81 21.09 17.52 -4.62
C VAL B 81 21.42 16.43 -3.60
N ALA B 82 20.79 16.45 -2.42
CA ALA B 82 21.11 15.44 -1.41
C ALA B 82 20.69 14.06 -1.87
N ALA B 83 19.55 13.96 -2.56
CA ALA B 83 19.06 12.66 -3.01
C ALA B 83 19.94 12.05 -4.09
N THR B 84 20.70 12.86 -4.81
CA THR B 84 21.58 12.37 -5.86
C THR B 84 22.96 12.01 -5.35
N GLY B 85 23.20 12.14 -4.04
CA GLY B 85 24.50 11.81 -3.47
C GLY B 85 25.54 12.91 -3.53
N ASP B 86 25.23 14.04 -4.15
CA ASP B 86 26.16 15.17 -4.21
C ASP B 86 25.94 16.05 -2.99
N GLY B 87 26.49 17.27 -3.02
CA GLY B 87 26.38 18.18 -1.91
C GLY B 87 27.63 18.21 -1.05
N PRO B 88 27.73 19.21 -0.19
CA PRO B 88 28.94 19.37 0.63
C PRO B 88 28.90 18.46 1.85
N ASP B 89 30.03 18.42 2.55
CA ASP B 89 30.10 17.73 3.84
C ASP B 89 29.55 18.59 4.97
N ILE B 90 29.76 19.91 4.91
CA ILE B 90 29.29 20.84 5.93
C ILE B 90 28.52 21.96 5.24
N ILE B 91 27.34 22.30 5.79
CA ILE B 91 26.48 23.35 5.25
C ILE B 91 26.27 24.42 6.30
N PHE B 92 26.42 25.68 5.92
CA PHE B 92 26.28 26.81 6.82
C PHE B 92 25.04 27.60 6.45
N TRP B 93 24.13 27.77 7.40
CA TRP B 93 22.95 28.61 7.22
C TRP B 93 22.31 28.85 8.58
N ALA B 94 21.41 29.82 8.63
CA ALA B 94 20.63 30.06 9.83
C ALA B 94 19.80 28.83 10.20
N HIS B 95 19.45 28.74 11.48
CA HIS B 95 18.83 27.53 12.03
C HIS B 95 17.43 27.26 11.49
N ASP B 96 16.79 28.25 10.87
CA ASP B 96 15.36 28.10 10.57
C ASP B 96 15.10 27.03 9.51
N ARG B 97 16.07 26.77 8.63
CA ARG B 97 15.87 25.80 7.55
C ARG B 97 16.48 24.44 7.84
N PHE B 98 17.02 24.22 9.04
CA PHE B 98 17.63 22.93 9.34
C PHE B 98 16.62 21.86 9.76
N GLY B 99 15.44 22.25 10.25
CA GLY B 99 14.43 21.26 10.57
C GLY B 99 13.90 20.56 9.33
N GLY B 100 13.79 21.29 8.22
CA GLY B 100 13.39 20.66 6.97
C GLY B 100 14.42 19.65 6.47
N TYR B 101 15.71 19.97 6.65
CA TYR B 101 16.76 19.02 6.27
C TYR B 101 16.68 17.76 7.13
N ALA B 102 16.41 17.93 8.43
CA ALA B 102 16.34 16.77 9.32
C ALA B 102 15.12 15.91 9.00
N GLN B 103 13.95 16.53 8.83
CA GLN B 103 12.74 15.76 8.54
C GLN B 103 12.86 15.00 7.22
N SER B 104 13.60 15.55 6.26
CA SER B 104 13.86 14.87 5.00
C SER B 104 14.96 13.81 5.12
N GLY B 105 15.58 13.68 6.30
CA GLY B 105 16.62 12.69 6.50
C GLY B 105 17.92 13.00 5.78
N LEU B 106 18.39 14.25 5.84
CA LEU B 106 19.57 14.68 5.12
C LEU B 106 20.72 15.10 6.01
N LEU B 107 20.53 15.11 7.33
CA LEU B 107 21.55 15.56 8.27
C LEU B 107 21.93 14.42 9.20
N ALA B 108 23.17 14.45 9.68
CA ALA B 108 23.66 13.51 10.66
C ALA B 108 23.54 14.13 12.05
N GLU B 109 23.16 13.30 13.02
CA GLU B 109 23.04 13.76 14.40
C GLU B 109 24.41 14.00 14.99
N ILE B 110 24.61 15.18 15.59
CA ILE B 110 25.89 15.52 16.19
C ILE B 110 25.93 14.97 17.62
N THR B 111 27.14 14.65 18.07
CA THR B 111 27.33 14.04 19.39
C THR B 111 28.50 14.73 20.09
N PRO B 112 28.29 15.93 20.61
CA PRO B 112 29.33 16.59 21.40
C PRO B 112 29.22 16.26 22.88
N ASP B 113 30.37 15.99 23.50
CA ASP B 113 30.41 15.61 24.90
C ASP B 113 29.94 16.78 25.78
N LYS B 114 29.70 16.46 27.06
CA LYS B 114 29.19 17.45 28.00
C LYS B 114 30.14 18.63 28.14
N ALA B 115 31.45 18.36 28.13
CA ALA B 115 32.42 19.45 28.30
C ALA B 115 32.36 20.44 27.14
N PHE B 116 32.12 19.96 25.92
CA PHE B 116 32.06 20.86 24.77
C PHE B 116 30.81 21.73 24.82
N GLN B 117 29.67 21.16 25.22
CA GLN B 117 28.43 21.92 25.26
C GLN B 117 28.49 23.06 26.27
N ASP B 118 29.32 22.93 27.31
CA ASP B 118 29.45 24.00 28.30
C ASP B 118 30.17 25.22 27.74
N LYS B 119 30.90 25.08 26.63
CA LYS B 119 31.61 26.22 26.06
C LYS B 119 30.69 27.19 25.33
N LEU B 120 29.52 26.74 24.89
CA LEU B 120 28.58 27.58 24.16
C LEU B 120 27.39 27.91 25.04
N TYR B 121 26.75 29.04 24.74
CA TYR B 121 25.59 29.46 25.50
C TYR B 121 24.46 28.44 25.39
N PRO B 122 23.68 28.24 26.45
CA PRO B 122 22.62 27.22 26.41
C PRO B 122 21.54 27.49 25.38
N PHE B 123 21.12 28.75 25.22
CA PHE B 123 20.01 29.05 24.32
C PHE B 123 20.40 28.81 22.86
N THR B 124 21.69 28.91 22.53
CA THR B 124 22.11 28.64 21.16
C THR B 124 22.01 27.16 20.83
N TRP B 125 22.17 26.28 21.82
CA TRP B 125 21.93 24.85 21.60
C TRP B 125 20.45 24.57 21.37
N ASP B 126 19.56 25.36 21.98
CA ASP B 126 18.13 25.14 21.79
C ASP B 126 17.72 25.35 20.34
N ALA B 127 18.33 26.32 19.66
CA ALA B 127 17.99 26.60 18.28
C ALA B 127 18.33 25.45 17.34
N VAL B 128 19.25 24.58 17.73
CA VAL B 128 19.70 23.49 16.87
C VAL B 128 19.24 22.12 17.40
N ARG B 129 18.25 22.10 18.28
CA ARG B 129 17.67 20.86 18.76
C ARG B 129 16.32 20.65 18.08
N TYR B 130 16.16 19.51 17.41
CA TYR B 130 14.96 19.19 16.66
C TYR B 130 14.54 17.77 16.97
N ASN B 131 13.30 17.60 17.44
CA ASN B 131 12.77 16.30 17.85
C ASN B 131 13.66 15.65 18.92
N GLY B 132 14.18 16.48 19.82
CA GLY B 132 14.97 16.00 20.94
C GLY B 132 16.41 15.67 20.64
N LYS B 133 16.91 15.99 19.45
CA LYS B 133 18.29 15.71 19.07
C LYS B 133 18.92 16.94 18.44
N LEU B 134 20.23 17.05 18.62
CA LEU B 134 21.00 18.16 18.05
C LEU B 134 21.43 17.82 16.63
N ILE B 135 21.18 18.76 15.71
CA ILE B 135 21.37 18.49 14.29
C ILE B 135 22.30 19.50 13.63
N ALA B 136 22.97 20.32 14.44
CA ALA B 136 23.93 21.29 13.91
C ALA B 136 24.69 21.93 15.07
N TYR B 137 25.82 22.56 14.72
CA TYR B 137 26.63 23.29 15.68
C TYR B 137 26.31 24.77 15.60
N PRO B 138 25.90 25.41 16.70
CA PRO B 138 25.65 26.85 16.64
C PRO B 138 26.96 27.63 16.54
N ILE B 139 26.89 28.76 15.84
CA ILE B 139 28.09 29.54 15.56
C ILE B 139 27.96 30.95 16.12
N ALA B 140 26.94 31.68 15.67
CA ALA B 140 26.78 33.08 16.06
C ALA B 140 25.31 33.49 15.92
N VAL B 141 24.97 34.59 16.58
CA VAL B 141 23.61 35.11 16.61
C VAL B 141 23.55 36.34 15.70
N GLU B 142 22.51 36.41 14.87
CA GLU B 142 22.35 37.47 13.89
C GLU B 142 21.04 38.21 14.11
N ALA B 143 21.09 39.54 13.98
CA ALA B 143 19.89 40.35 14.08
C ALA B 143 20.12 41.65 13.31
N LEU B 144 19.06 42.12 12.65
CA LEU B 144 19.14 43.34 11.86
C LEU B 144 19.11 44.57 12.77
N SER B 145 19.82 45.61 12.36
CA SER B 145 19.87 46.87 13.09
C SER B 145 19.71 48.02 12.11
N LEU B 146 19.61 49.22 12.64
CA LEU B 146 19.49 50.44 11.86
C LEU B 146 20.86 51.08 11.72
N ILE B 147 21.30 51.30 10.48
CA ILE B 147 22.59 51.90 10.18
C ILE B 147 22.35 53.25 9.54
N TYR B 148 23.01 54.28 10.06
CA TYR B 148 22.75 55.64 9.62
C TYR B 148 24.07 56.39 9.45
N ASN B 149 24.03 57.43 8.62
CA ASN B 149 25.19 58.28 8.38
C ASN B 149 25.17 59.41 9.40
N LYS B 150 26.18 59.44 10.28
CA LYS B 150 26.24 60.47 11.31
C LYS B 150 26.42 61.86 10.72
N ASP B 151 27.10 61.97 9.58
CA ASP B 151 27.29 63.28 8.95
C ASP B 151 25.98 63.79 8.36
N LEU B 152 25.25 62.93 7.64
CA LEU B 152 23.96 63.33 7.09
C LEU B 152 22.86 63.37 8.14
N LEU B 153 23.01 62.63 9.24
CA LEU B 153 21.93 62.47 10.22
C LEU B 153 22.53 62.33 11.60
N PRO B 154 22.70 63.45 12.33
CA PRO B 154 23.26 63.35 13.69
C PRO B 154 22.35 62.60 14.65
N ASN B 155 21.04 62.82 14.58
CA ASN B 155 20.07 62.16 15.44
C ASN B 155 19.15 61.28 14.61
N PRO B 156 19.27 59.95 14.69
CA PRO B 156 18.40 59.10 13.87
C PRO B 156 16.97 59.20 14.33
N PRO B 157 16.00 59.00 13.43
CA PRO B 157 14.59 59.03 13.83
C PRO B 157 14.24 57.85 14.74
N LYS B 158 13.27 58.08 15.63
CA LYS B 158 12.83 57.05 16.55
C LYS B 158 11.59 56.30 16.06
N THR B 159 10.91 56.81 15.04
CA THR B 159 9.69 56.20 14.54
C THR B 159 9.74 56.06 13.02
N TRP B 160 9.06 55.04 12.51
CA TRP B 160 8.89 54.93 11.06
C TRP B 160 8.08 56.10 10.51
N GLU B 161 7.17 56.64 11.31
CA GLU B 161 6.21 57.63 10.81
C GLU B 161 6.88 58.93 10.38
N GLU B 162 7.98 59.30 11.03
CA GLU B 162 8.64 60.58 10.73
C GLU B 162 9.66 60.49 9.61
N ILE B 163 9.82 59.31 9.01
CA ILE B 163 10.78 59.12 7.91
C ILE B 163 10.32 59.87 6.66
N PRO B 164 9.03 59.82 6.26
CA PRO B 164 8.62 60.61 5.09
C PRO B 164 8.94 62.09 5.19
N ALA B 165 8.70 62.71 6.35
CA ALA B 165 8.98 64.13 6.49
C ALA B 165 10.48 64.41 6.38
N LEU B 166 11.30 63.49 6.88
CA LEU B 166 12.75 63.67 6.81
C LEU B 166 13.28 63.39 5.41
N ASP B 167 12.60 62.52 4.65
CA ASP B 167 13.04 62.24 3.28
C ASP B 167 12.85 63.44 2.38
N LYS B 168 11.83 64.27 2.63
CA LYS B 168 11.65 65.48 1.83
C LYS B 168 12.76 66.49 2.10
N GLU B 169 13.34 66.49 3.30
CA GLU B 169 14.43 67.42 3.59
C GLU B 169 15.73 66.99 2.92
N LEU B 170 15.97 65.68 2.81
CA LEU B 170 17.18 65.20 2.16
C LEU B 170 17.07 65.25 0.64
N LYS B 171 15.86 65.08 0.09
CA LYS B 171 15.70 65.20 -1.35
C LYS B 171 15.96 66.62 -1.83
N ALA B 172 15.70 67.62 -0.97
CA ALA B 172 16.04 69.00 -1.30
C ALA B 172 17.55 69.21 -1.37
N LYS B 173 18.35 68.26 -0.91
CA LYS B 173 19.80 68.33 -0.99
C LYS B 173 20.38 67.28 -1.93
N GLY B 174 19.54 66.55 -2.65
CA GLY B 174 20.01 65.51 -3.55
C GLY B 174 20.31 64.18 -2.86
N LYS B 175 19.66 63.90 -1.74
CA LYS B 175 19.89 62.68 -0.98
C LYS B 175 18.55 62.00 -0.72
N SER B 176 18.60 60.87 -0.01
CA SER B 176 17.40 60.15 0.38
C SER B 176 17.54 59.65 1.81
N ALA B 177 16.42 59.24 2.40
CA ALA B 177 16.38 58.89 3.81
C ALA B 177 16.77 57.43 4.07
N LEU B 178 16.15 56.49 3.36
CA LEU B 178 16.29 55.08 3.70
C LEU B 178 16.28 54.22 2.44
N MET B 179 17.20 53.25 2.39
CA MET B 179 17.25 52.27 1.30
C MET B 179 17.68 50.93 1.88
N PHE B 180 16.92 49.88 1.58
CA PHE B 180 17.27 48.54 2.00
C PHE B 180 16.67 47.53 1.04
N ASN B 181 17.09 46.27 1.17
CA ASN B 181 16.73 45.21 0.24
C ASN B 181 15.27 44.82 0.41
N LEU B 182 14.43 45.21 -0.56
CA LEU B 182 13.02 44.87 -0.55
C LEU B 182 12.73 43.52 -1.20
N GLN B 183 13.72 42.88 -1.81
CA GLN B 183 13.48 41.62 -2.52
C GLN B 183 13.42 40.41 -1.59
N GLU B 184 13.88 40.54 -0.35
CA GLU B 184 13.84 39.45 0.61
C GLU B 184 12.97 39.83 1.80
N PRO B 185 11.98 39.01 2.16
CA PRO B 185 11.09 39.38 3.29
C PRO B 185 11.80 39.43 4.63
N TYR B 186 13.03 38.92 4.72
CA TYR B 186 13.80 39.03 5.95
C TYR B 186 13.99 40.48 6.38
N PHE B 187 14.15 41.37 5.42
CA PHE B 187 14.47 42.76 5.73
C PHE B 187 13.23 43.60 6.03
N THR B 188 12.06 43.22 5.52
CA THR B 188 10.83 43.94 5.78
C THR B 188 9.99 43.32 6.90
N TRP B 189 10.29 42.08 7.30
CA TRP B 189 9.56 41.44 8.39
C TRP B 189 9.58 42.23 9.70
N PRO B 190 10.64 42.93 10.10
CA PRO B 190 10.57 43.70 11.35
C PRO B 190 9.40 44.67 11.40
N LEU B 191 9.01 45.28 10.28
CA LEU B 191 7.89 46.21 10.30
C LEU B 191 6.56 45.50 10.32
N ILE B 192 6.46 44.34 9.66
CA ILE B 192 5.21 43.61 9.60
C ILE B 192 4.84 43.03 10.96
N ALA B 193 5.82 42.51 11.68
CA ALA B 193 5.59 41.94 12.99
C ALA B 193 5.54 42.99 14.09
N ALA B 194 5.76 44.26 13.77
CA ALA B 194 5.86 45.29 14.79
C ALA B 194 4.55 45.45 15.57
N ASP B 195 3.41 45.32 14.89
CA ASP B 195 2.12 45.62 15.51
C ASP B 195 1.17 44.43 15.41
N GLY B 196 1.69 43.21 15.34
CA GLY B 196 0.82 42.05 15.43
C GLY B 196 1.15 40.86 14.55
N GLY B 197 1.86 41.10 13.45
CA GLY B 197 2.16 40.03 12.53
C GLY B 197 3.05 38.97 13.16
N TYR B 198 2.83 37.72 12.76
CA TYR B 198 3.63 36.60 13.24
C TYR B 198 3.56 35.47 12.23
N ALA B 199 4.43 34.48 12.42
CA ALA B 199 4.51 33.34 11.51
C ALA B 199 3.54 32.25 11.95
N PHE B 200 3.95 31.43 12.91
CA PHE B 200 3.11 30.36 13.44
C PHE B 200 2.88 30.61 14.92
N LYS B 201 1.64 30.40 15.36
CA LYS B 201 1.30 30.59 16.77
CA LYS B 201 1.31 30.60 16.77
C LYS B 201 2.08 29.61 17.63
N TYR B 202 2.56 30.10 18.78
CA TYR B 202 3.37 29.33 19.70
C TYR B 202 2.74 29.31 21.08
N GLU B 203 2.66 28.13 21.69
CA GLU B 203 2.05 27.93 22.99
C GLU B 203 2.37 26.51 23.45
N ASN B 204 2.49 26.34 24.77
CA ASN B 204 2.81 25.07 25.40
C ASN B 204 4.16 24.52 24.97
N GLY B 205 5.07 25.39 24.52
CA GLY B 205 6.33 24.91 24.00
C GLY B 205 6.20 24.20 22.67
N LYS B 206 5.37 24.74 21.77
CA LYS B 206 5.02 24.04 20.55
C LYS B 206 4.42 25.04 19.57
N TYR B 207 4.69 24.83 18.28
CA TYR B 207 4.15 25.67 17.22
C TYR B 207 2.92 25.02 16.62
N ASP B 208 1.90 25.84 16.34
CA ASP B 208 0.68 25.38 15.67
C ASP B 208 0.73 25.88 14.24
N ILE B 209 0.94 24.96 13.29
CA ILE B 209 1.10 25.36 11.89
C ILE B 209 -0.22 25.71 11.22
N LYS B 210 -1.35 25.41 11.86
CA LYS B 210 -2.64 25.77 11.30
C LYS B 210 -3.07 27.18 11.69
N ASP B 211 -2.31 27.85 12.55
CA ASP B 211 -2.58 29.21 12.99
C ASP B 211 -1.44 30.10 12.51
N VAL B 212 -1.55 30.58 11.28
CA VAL B 212 -0.55 31.47 10.68
C VAL B 212 -1.11 32.89 10.72
N GLY B 213 -0.29 33.83 11.19
CA GLY B 213 -0.74 35.20 11.34
C GLY B 213 -0.12 36.17 10.37
N VAL B 214 -0.22 35.86 9.07
CA VAL B 214 0.38 36.69 8.05
C VAL B 214 -0.58 37.74 7.50
N ASP B 215 -1.88 37.54 7.66
CA ASP B 215 -2.89 38.47 7.14
C ASP B 215 -3.83 38.93 8.26
N ASN B 216 -3.28 39.21 9.43
CA ASN B 216 -4.08 39.81 10.50
C ASN B 216 -3.99 41.34 10.40
N ALA B 217 -4.65 42.01 11.35
CA ALA B 217 -4.70 43.47 11.31
C ALA B 217 -3.30 44.08 11.46
N GLY B 218 -2.48 43.50 12.33
CA GLY B 218 -1.15 44.05 12.55
C GLY B 218 -0.23 43.88 11.34
N ALA B 219 -0.27 42.72 10.71
CA ALA B 219 0.60 42.49 9.55
C ALA B 219 0.20 43.38 8.38
N LYS B 220 -1.10 43.55 8.14
CA LYS B 220 -1.55 44.43 7.06
C LYS B 220 -1.10 45.86 7.31
N ALA B 221 -1.10 46.30 8.57
CA ALA B 221 -0.69 47.67 8.88
C ALA B 221 0.77 47.91 8.53
N GLY B 222 1.66 46.97 8.88
CA GLY B 222 3.07 47.16 8.60
C GLY B 222 3.35 47.24 7.11
N LEU B 223 2.80 46.31 6.33
CA LEU B 223 3.06 46.29 4.89
C LEU B 223 2.38 47.45 4.17
N THR B 224 1.18 47.85 4.63
CA THR B 224 0.52 49.01 4.03
C THR B 224 1.37 50.27 4.18
N PHE B 225 2.00 50.44 5.34
CA PHE B 225 2.89 51.58 5.52
C PHE B 225 4.08 51.49 4.56
N LEU B 226 4.60 50.28 4.34
CA LEU B 226 5.70 50.09 3.39
C LEU B 226 5.27 50.46 1.98
N VAL B 227 4.10 50.00 1.56
CA VAL B 227 3.61 50.29 0.21
C VAL B 227 3.34 51.79 0.05
N ASP B 228 2.85 52.43 1.12
CA ASP B 228 2.63 53.87 1.06
C ASP B 228 3.93 54.64 0.85
N LEU B 229 5.01 54.19 1.47
CA LEU B 229 6.32 54.82 1.29
C LEU B 229 6.75 54.78 -0.17
N ILE B 230 6.46 53.68 -0.86
CA ILE B 230 6.82 53.54 -2.27
C ILE B 230 5.93 54.41 -3.14
N LYS B 231 4.64 54.48 -2.82
CA LYS B 231 3.72 55.28 -3.62
C LYS B 231 4.07 56.75 -3.57
N ASN B 232 4.47 57.26 -2.40
CA ASN B 232 4.84 58.65 -2.24
C ASN B 232 6.28 58.93 -2.64
N LYS B 233 6.92 58.00 -3.36
CA LYS B 233 8.27 58.19 -3.91
C LYS B 233 9.31 58.38 -2.80
N HIS B 234 9.04 57.84 -1.62
CA HIS B 234 10.05 57.85 -0.56
C HIS B 234 10.99 56.65 -0.65
N MET B 235 10.53 55.55 -1.23
CA MET B 235 11.39 54.40 -1.50
C MET B 235 11.04 53.85 -2.89
N ASN B 236 11.85 52.89 -3.34
CA ASN B 236 11.76 52.34 -4.68
C ASN B 236 11.52 50.84 -4.59
N ALA B 237 10.46 50.36 -5.27
CA ALA B 237 10.11 48.95 -5.21
C ALA B 237 11.17 48.05 -5.82
N ASP B 238 12.02 48.57 -6.68
CA ASP B 238 13.04 47.77 -7.35
C ASP B 238 14.36 47.73 -6.58
N THR B 239 14.42 48.34 -5.41
CA THR B 239 15.67 48.36 -4.65
C THR B 239 15.99 46.96 -4.11
N ASP B 240 17.23 46.53 -4.30
CA ASP B 240 17.67 45.23 -3.78
C ASP B 240 18.88 45.41 -2.87
N TYR B 241 19.66 44.35 -2.69
CA TYR B 241 20.79 44.39 -1.78
C TYR B 241 21.94 45.23 -2.34
N SER B 242 22.31 44.99 -3.60
CA SER B 242 23.45 45.68 -4.18
C SER B 242 23.20 47.17 -4.32
N ILE B 243 22.00 47.55 -4.78
CA ILE B 243 21.67 48.97 -4.92
C ILE B 243 21.70 49.66 -3.57
N ALA B 244 21.10 49.04 -2.55
CA ALA B 244 21.06 49.66 -1.22
C ALA B 244 22.45 49.76 -0.62
N GLU B 245 23.28 48.72 -0.79
CA GLU B 245 24.63 48.76 -0.23
C GLU B 245 25.49 49.80 -0.93
N ALA B 246 25.35 49.92 -2.25
CA ALA B 246 26.15 50.90 -2.99
C ALA B 246 25.73 52.33 -2.66
N ALA B 247 24.42 52.57 -2.54
CA ALA B 247 23.93 53.92 -2.28
C ALA B 247 24.38 54.43 -0.91
N PHE B 248 24.29 53.58 0.11
CA PHE B 248 24.67 54.01 1.46
C PHE B 248 26.17 54.23 1.57
N ASN B 249 26.97 53.28 1.06
CA ASN B 249 28.41 53.38 1.16
C ASN B 249 28.98 54.56 0.37
N LYS B 250 28.26 55.08 -0.61
CA LYS B 250 28.70 56.21 -1.41
C LYS B 250 28.05 57.52 -0.96
N GLY B 251 27.41 57.53 0.20
CA GLY B 251 26.86 58.76 0.75
C GLY B 251 25.60 59.28 0.08
N GLU B 252 24.86 58.42 -0.61
CA GLU B 252 23.66 58.87 -1.32
C GLU B 252 22.40 58.78 -0.48
N THR B 253 22.37 57.88 0.51
CA THR B 253 21.22 57.73 1.39
C THR B 253 21.67 57.76 2.84
N ALA B 254 20.78 58.22 3.72
CA ALA B 254 21.14 58.47 5.11
C ALA B 254 21.04 57.24 6.00
N MET B 255 20.14 56.30 5.69
CA MET B 255 19.92 55.14 6.54
C MET B 255 19.80 53.89 5.68
N THR B 256 20.07 52.75 6.32
CA THR B 256 19.87 51.45 5.71
C THR B 256 19.67 50.43 6.81
N ILE B 257 19.22 49.23 6.43
CA ILE B 257 18.97 48.13 7.34
C ILE B 257 19.72 46.91 6.84
N ASN B 258 20.61 46.37 7.66
CA ASN B 258 21.42 45.22 7.27
C ASN B 258 21.97 44.57 8.54
N GLY B 259 22.81 43.55 8.35
CA GLY B 259 23.36 42.79 9.44
C GLY B 259 24.81 43.08 9.71
N PRO B 260 25.40 42.38 10.70
CA PRO B 260 26.79 42.65 11.06
C PRO B 260 27.80 42.37 9.95
N TRP B 261 27.49 41.45 9.04
CA TRP B 261 28.43 41.11 7.97
C TRP B 261 28.71 42.30 7.07
N ALA B 262 27.79 43.25 6.98
CA ALA B 262 27.96 44.40 6.11
C ALA B 262 28.85 45.49 6.69
N TRP B 263 29.35 45.31 7.93
CA TRP B 263 30.11 46.38 8.57
C TRP B 263 31.49 46.57 7.92
N SER B 264 32.11 45.49 7.45
CA SER B 264 33.45 45.61 6.89
C SER B 264 33.46 46.49 5.64
N ASN B 265 32.46 46.31 4.76
CA ASN B 265 32.41 47.11 3.54
C ASN B 265 32.16 48.58 3.84
N ILE B 266 31.40 48.87 4.90
CA ILE B 266 31.15 50.26 5.26
C ILE B 266 32.43 50.92 5.79
N ASP B 267 33.30 50.16 6.45
CA ASP B 267 34.56 50.71 6.94
C ASP B 267 35.43 51.20 5.78
N THR B 268 35.54 50.38 4.73
CA THR B 268 36.32 50.77 3.56
C THR B 268 35.68 51.93 2.82
N SER B 269 34.36 52.09 2.95
CA SER B 269 33.61 53.15 2.30
C SER B 269 33.72 54.49 3.01
N LYS B 270 34.60 54.60 4.01
CA LYS B 270 34.91 55.83 4.75
C LYS B 270 33.67 56.55 5.29
N VAL B 271 32.53 55.87 5.36
CA VAL B 271 31.34 56.49 5.93
C VAL B 271 31.45 56.49 7.45
N ASN B 272 31.15 57.62 8.07
CA ASN B 272 31.09 57.73 9.52
C ASN B 272 29.68 57.34 9.94
N TYR B 273 29.52 56.08 10.35
CA TYR B 273 28.21 55.48 10.54
C TYR B 273 27.99 55.05 11.98
N GLY B 274 26.72 54.81 12.31
CA GLY B 274 26.36 54.26 13.58
C GLY B 274 25.41 53.08 13.39
N VAL B 275 25.30 52.29 14.45
CA VAL B 275 24.42 51.12 14.48
C VAL B 275 23.57 51.23 15.74
N THR B 276 22.24 51.31 15.56
CA THR B 276 21.34 51.57 16.67
C THR B 276 20.06 50.76 16.50
N VAL B 277 19.16 50.92 17.47
CA VAL B 277 17.91 50.19 17.49
C VAL B 277 17.02 50.65 16.34
N LEU B 278 16.21 49.74 15.81
CA LEU B 278 15.26 50.05 14.76
C LEU B 278 14.16 50.97 15.27
N PRO B 279 13.55 51.76 14.40
CA PRO B 279 12.48 52.66 14.85
C PRO B 279 11.20 51.90 15.16
N THR B 280 10.35 52.55 15.94
CA THR B 280 9.08 51.98 16.34
C THR B 280 8.01 52.23 15.29
N PHE B 281 6.95 51.42 15.36
CA PHE B 281 5.81 51.56 14.45
C PHE B 281 4.54 51.53 15.29
N LYS B 282 3.74 52.60 15.19
CA LYS B 282 2.51 52.75 15.98
C LYS B 282 2.79 52.65 17.48
N GLY B 283 3.98 53.07 17.91
CA GLY B 283 4.35 53.00 19.30
C GLY B 283 5.00 51.71 19.73
N GLN B 284 4.95 50.67 18.90
CA GLN B 284 5.52 49.36 19.19
C GLN B 284 6.87 49.20 18.52
N PRO B 285 7.83 48.54 19.17
CA PRO B 285 9.15 48.39 18.57
C PRO B 285 9.13 47.44 17.38
N SER B 286 10.16 47.57 16.54
CA SER B 286 10.34 46.64 15.44
C SER B 286 10.71 45.27 15.98
N LYS B 287 10.17 44.22 15.33
CA LYS B 287 10.34 42.84 15.79
C LYS B 287 11.07 42.04 14.72
N PRO B 288 12.39 42.10 14.70
CA PRO B 288 13.14 41.34 13.69
C PRO B 288 13.26 39.87 14.06
N PHE B 289 13.33 39.04 13.03
CA PHE B 289 13.55 37.61 13.21
C PHE B 289 15.02 37.36 13.52
N VAL B 290 15.30 36.70 14.64
CA VAL B 290 16.67 36.43 15.06
C VAL B 290 17.11 35.08 14.51
N GLY B 291 18.29 35.06 13.92
CA GLY B 291 18.84 33.84 13.33
C GLY B 291 20.10 33.40 14.04
N VAL B 292 20.29 32.09 14.15
CA VAL B 292 21.48 31.49 14.73
C VAL B 292 22.21 30.77 13.60
N LEU B 293 23.32 31.34 13.15
CA LEU B 293 24.13 30.68 12.13
C LEU B 293 24.62 29.34 12.65
N SER B 294 24.44 28.29 11.85
CA SER B 294 24.73 26.94 12.28
C SER B 294 25.45 26.18 11.18
N ALA B 295 26.16 25.13 11.57
CA ALA B 295 26.89 24.27 10.66
C ALA B 295 26.42 22.83 10.82
N GLY B 296 25.82 22.27 9.79
CA GLY B 296 25.35 20.91 9.79
C GLY B 296 26.26 20.00 8.98
N ILE B 297 26.09 18.69 9.22
CA ILE B 297 26.90 17.67 8.58
C ILE B 297 25.99 16.82 7.69
N ASN B 298 26.40 16.62 6.45
CA ASN B 298 25.63 15.82 5.51
C ASN B 298 25.58 14.37 5.98
N ALA B 299 24.38 13.77 5.87
CA ALA B 299 24.22 12.38 6.27
C ALA B 299 24.89 11.42 5.29
N ALA B 300 25.00 11.82 4.03
CA ALA B 300 25.63 10.99 3.00
C ALA B 300 27.14 11.17 2.95
N SER B 301 27.73 11.92 3.88
CA SER B 301 29.16 12.15 3.82
C SER B 301 29.91 11.02 4.54
N PRO B 302 30.99 10.53 3.93
CA PRO B 302 31.86 9.55 4.61
C PRO B 302 32.95 10.16 5.48
N ASN B 303 32.95 11.49 5.68
CA ASN B 303 33.98 12.17 6.44
C ASN B 303 33.44 12.80 7.73
N LYS B 304 32.36 12.22 8.28
CA LYS B 304 31.81 12.72 9.53
C LYS B 304 32.85 12.78 10.63
N GLU B 305 33.78 11.81 10.65
CA GLU B 305 34.90 11.83 11.58
C GLU B 305 35.64 13.16 11.53
N LEU B 306 36.06 13.57 10.33
CA LEU B 306 36.88 14.77 10.18
C LEU B 306 36.06 16.04 10.34
N ALA B 307 34.82 16.05 9.82
CA ALA B 307 33.99 17.23 9.95
C ALA B 307 33.75 17.59 11.41
N LYS B 308 33.58 16.56 12.27
CA LYS B 308 33.43 16.81 13.69
C LYS B 308 34.69 17.43 14.28
N GLU B 309 35.86 16.93 13.89
CA GLU B 309 37.11 17.45 14.42
C GLU B 309 37.41 18.85 13.90
N PHE B 310 37.01 19.14 12.66
CA PHE B 310 37.23 20.47 12.11
C PHE B 310 36.39 21.51 12.83
N LEU B 311 35.10 21.23 13.01
CA LEU B 311 34.21 22.22 13.62
C LEU B 311 34.54 22.46 15.09
N GLU B 312 34.81 21.40 15.84
CA GLU B 312 34.92 21.52 17.29
C GLU B 312 36.29 22.05 17.72
N ASN B 313 37.36 21.64 17.04
CA ASN B 313 38.71 21.94 17.49
C ASN B 313 39.47 22.88 16.55
N TYR B 314 38.82 23.40 15.52
CA TYR B 314 39.48 24.34 14.62
C TYR B 314 38.65 25.58 14.34
N LEU B 315 37.33 25.44 14.19
CA LEU B 315 36.46 26.59 13.94
C LEU B 315 35.89 27.18 15.23
N LEU B 316 35.32 26.34 16.08
CA LEU B 316 34.74 26.84 17.32
C LEU B 316 35.80 27.07 18.39
N THR B 317 36.81 27.86 18.07
CA THR B 317 37.82 28.30 19.02
C THR B 317 37.96 29.82 18.91
N ASP B 318 38.75 30.40 19.80
CA ASP B 318 38.98 31.85 19.74
C ASP B 318 39.73 32.22 18.46
N GLU B 319 40.66 31.38 18.02
CA GLU B 319 41.41 31.67 16.80
C GLU B 319 40.53 31.54 15.57
N GLY B 320 39.78 30.44 15.47
CA GLY B 320 38.99 30.20 14.28
C GLY B 320 37.92 31.25 14.06
N LEU B 321 37.09 31.50 15.09
CA LEU B 321 36.02 32.47 14.96
C LEU B 321 36.55 33.87 14.68
N GLU B 322 37.75 34.19 15.18
CA GLU B 322 38.31 35.52 14.94
C GLU B 322 38.76 35.67 13.49
N ALA B 323 39.31 34.60 12.91
CA ALA B 323 39.72 34.66 11.51
C ALA B 323 38.51 34.88 10.60
N VAL B 324 37.36 34.31 10.96
CA VAL B 324 36.15 34.55 10.18
C VAL B 324 35.57 35.92 10.47
N ASN B 325 35.57 36.31 11.76
CA ASN B 325 35.00 37.60 12.13
C ASN B 325 35.80 38.76 11.54
N LYS B 326 37.12 38.61 11.43
CA LYS B 326 37.95 39.66 10.85
C LYS B 326 37.76 39.78 9.34
N ASP B 327 37.13 38.80 8.71
CA ASP B 327 36.74 38.93 7.31
C ASP B 327 35.41 39.66 7.18
N LYS B 328 34.36 39.11 7.80
CA LYS B 328 33.05 39.73 7.88
C LYS B 328 32.54 39.45 9.29
N PRO B 329 32.11 40.48 10.02
CA PRO B 329 31.66 40.25 11.41
C PRO B 329 30.51 39.26 11.47
N LEU B 330 30.60 38.34 12.44
CA LEU B 330 29.60 37.31 12.63
C LEU B 330 28.44 37.75 13.53
N GLY B 331 28.63 38.77 14.34
CA GLY B 331 27.63 39.15 15.32
C GLY B 331 27.99 38.66 16.70
N ALA B 332 26.99 38.32 17.52
CA ALA B 332 27.24 37.78 18.85
C ALA B 332 27.52 36.30 18.73
N VAL B 333 28.79 35.92 18.93
CA VAL B 333 29.18 34.53 18.76
C VAL B 333 28.62 33.68 19.89
N ALA B 334 28.46 32.37 19.62
CA ALA B 334 27.97 31.44 20.62
C ALA B 334 29.04 31.04 21.63
N LEU B 335 30.31 31.18 21.28
CA LEU B 335 31.39 30.82 22.19
C LEU B 335 31.46 31.82 23.34
N LYS B 336 31.28 31.32 24.57
CA LYS B 336 31.22 32.19 25.73
C LYS B 336 32.53 32.97 25.93
N SER B 337 33.67 32.31 25.73
CA SER B 337 34.95 32.96 25.98
C SER B 337 35.30 34.01 24.94
N TYR B 338 34.75 33.89 23.73
CA TYR B 338 34.99 34.91 22.71
C TYR B 338 33.96 36.03 22.76
N GLU B 339 32.72 35.71 23.17
CA GLU B 339 31.70 36.75 23.28
C GLU B 339 32.01 37.74 24.40
N GLU B 340 32.73 37.29 25.44
CA GLU B 340 33.15 38.20 26.50
C GLU B 340 34.00 39.35 25.96
N GLU B 341 34.73 39.11 24.88
CA GLU B 341 35.50 40.19 24.25
C GLU B 341 34.65 41.02 23.31
N LEU B 342 33.90 40.36 22.42
CA LEU B 342 33.11 41.08 21.42
C LEU B 342 31.98 41.90 22.03
N ALA B 343 31.51 41.53 23.23
CA ALA B 343 30.39 42.25 23.84
C ALA B 343 30.73 43.70 24.16
N LYS B 344 32.02 44.05 24.20
CA LYS B 344 32.41 45.43 24.49
C LYS B 344 32.12 46.38 23.34
N ASP B 345 31.98 45.87 22.12
CA ASP B 345 31.69 46.71 20.96
C ASP B 345 30.27 47.23 21.05
N PRO B 346 30.05 48.55 21.00
CA PRO B 346 28.67 49.07 20.98
C PRO B 346 27.84 48.53 19.82
N ARG B 347 28.47 48.26 18.68
CA ARG B 347 27.74 47.66 17.56
C ARG B 347 27.18 46.28 17.94
N ILE B 348 27.91 45.54 18.78
CA ILE B 348 27.40 44.24 19.24
C ILE B 348 26.25 44.46 20.22
N ALA B 349 26.40 45.44 21.12
CA ALA B 349 25.33 45.73 22.07
C ALA B 349 24.06 46.18 21.37
N ALA B 350 24.19 46.93 20.27
CA ALA B 350 23.02 47.34 19.51
C ALA B 350 22.40 46.15 18.80
N THR B 351 23.23 45.20 18.33
CA THR B 351 22.71 44.00 17.68
C THR B 351 21.86 43.19 18.65
N MET B 352 22.28 43.10 19.91
CA MET B 352 21.57 42.27 20.87
C MET B 352 20.28 42.91 21.35
N GLU B 353 20.22 44.24 21.40
CA GLU B 353 18.98 44.89 21.82
C GLU B 353 17.88 44.71 20.77
N ASN B 354 18.24 44.78 19.49
CA ASN B 354 17.29 44.45 18.44
C ASN B 354 16.87 42.99 18.51
N ALA B 355 17.80 42.10 18.88
CA ALA B 355 17.47 40.69 18.99
C ALA B 355 16.54 40.43 20.17
N GLN B 356 16.74 41.14 21.28
CA GLN B 356 15.86 40.98 22.44
C GLN B 356 14.46 41.51 22.16
N LYS B 357 14.34 42.53 21.30
CA LYS B 357 13.03 43.04 20.93
C LYS B 357 12.36 42.19 19.85
N GLY B 358 13.10 41.27 19.23
CA GLY B 358 12.56 40.37 18.25
C GLY B 358 12.34 38.98 18.80
N GLU B 359 12.25 38.01 17.90
CA GLU B 359 12.01 36.63 18.29
C GLU B 359 12.94 35.72 17.48
N ILE B 360 13.36 34.63 18.11
CA ILE B 360 14.16 33.63 17.42
C ILE B 360 13.25 32.88 16.44
N MET B 361 13.74 32.67 15.22
CA MET B 361 12.95 31.99 14.21
C MET B 361 12.65 30.56 14.63
N PRO B 362 11.49 30.03 14.28
CA PRO B 362 11.24 28.59 14.45
C PRO B 362 12.12 27.80 13.48
N ASN B 363 12.26 26.50 13.78
CA ASN B 363 13.05 25.61 12.94
C ASN B 363 12.23 24.48 12.34
N ILE B 364 10.91 24.57 12.39
CA ILE B 364 10.04 23.50 11.88
C ILE B 364 10.19 23.43 10.36
N PRO B 365 9.94 22.27 9.74
CA PRO B 365 10.14 22.16 8.29
C PRO B 365 9.28 23.12 7.47
N GLN B 366 8.14 23.56 8.01
CA GLN B 366 7.25 24.43 7.26
C GLN B 366 7.81 25.83 7.05
N MET B 367 8.94 26.18 7.69
CA MET B 367 9.50 27.51 7.55
C MET B 367 9.90 27.82 6.11
N SER B 368 10.28 26.79 5.34
CA SER B 368 10.63 27.01 3.94
C SER B 368 9.41 27.43 3.13
N ALA B 369 8.26 26.78 3.35
CA ALA B 369 7.03 27.17 2.68
C ALA B 369 6.53 28.52 3.18
N PHE B 370 6.81 28.85 4.46
CA PHE B 370 6.45 30.17 4.97
C PHE B 370 7.17 31.27 4.21
N TRP B 371 8.48 31.13 4.03
CA TRP B 371 9.25 32.17 3.35
C TRP B 371 8.84 32.31 1.88
N TYR B 372 8.41 31.23 1.24
CA TYR B 372 7.97 31.31 -0.14
C TYR B 372 6.71 32.17 -0.27
N ALA B 373 5.73 31.95 0.61
CA ALA B 373 4.50 32.72 0.52
C ALA B 373 4.74 34.19 0.86
N VAL B 374 5.56 34.47 1.88
CA VAL B 374 5.78 35.85 2.28
C VAL B 374 6.62 36.60 1.25
N ARG B 375 7.64 35.93 0.70
CA ARG B 375 8.44 36.56 -0.36
C ARG B 375 7.58 36.96 -1.55
N THR B 376 6.64 36.09 -1.92
CA THR B 376 5.76 36.39 -3.06
C THR B 376 4.81 37.52 -2.73
N ALA B 377 4.27 37.53 -1.51
CA ALA B 377 3.29 38.55 -1.14
C ALA B 377 3.93 39.94 -1.10
N VAL B 378 5.13 40.06 -0.53
CA VAL B 378 5.76 41.37 -0.40
C VAL B 378 6.07 41.95 -1.77
N ILE B 379 6.64 41.14 -2.66
CA ILE B 379 7.03 41.64 -3.99
C ILE B 379 5.80 42.05 -4.79
N ASN B 380 4.72 41.25 -4.73
CA ASN B 380 3.51 41.59 -5.47
C ASN B 380 2.87 42.86 -4.95
N ALA B 381 2.81 43.03 -3.62
CA ALA B 381 2.21 44.23 -3.06
C ALA B 381 3.10 45.46 -3.28
N ALA B 382 4.41 45.29 -3.14
CA ALA B 382 5.32 46.43 -3.29
C ALA B 382 5.38 46.93 -4.72
N SER B 383 5.14 46.06 -5.69
CA SER B 383 5.21 46.42 -7.09
C SER B 383 3.87 46.86 -7.66
N GLY B 384 2.81 46.79 -6.86
CA GLY B 384 1.50 47.22 -7.30
C GLY B 384 0.72 46.23 -8.11
N ARG B 385 1.21 45.01 -8.31
CA ARG B 385 0.43 44.02 -9.04
C ARG B 385 -0.75 43.52 -8.22
N GLN B 386 -0.65 43.61 -6.90
CA GLN B 386 -1.73 43.24 -6.01
C GLN B 386 -1.83 44.28 -4.90
N THR B 387 -3.01 44.39 -4.31
CA THR B 387 -3.16 45.20 -3.11
C THR B 387 -2.60 44.45 -1.91
N VAL B 388 -2.56 45.13 -0.77
CA VAL B 388 -2.07 44.48 0.45
C VAL B 388 -3.04 43.40 0.91
N ASP B 389 -4.35 43.67 0.81
CA ASP B 389 -5.33 42.67 1.18
C ASP B 389 -5.25 41.44 0.27
N GLU B 390 -5.00 41.64 -1.02
CA GLU B 390 -4.91 40.51 -1.94
C GLU B 390 -3.64 39.70 -1.71
N ALA B 391 -2.50 40.39 -1.55
CA ALA B 391 -1.22 39.68 -1.42
C ALA B 391 -1.20 38.84 -0.15
N LEU B 392 -1.59 39.42 0.99
CA LEU B 392 -1.56 38.69 2.25
C LEU B 392 -2.61 37.60 2.29
N LYS B 393 -3.73 37.78 1.57
CA LYS B 393 -4.73 36.72 1.48
C LYS B 393 -4.22 35.55 0.65
N ASP B 394 -3.37 35.81 -0.35
CA ASP B 394 -2.85 34.71 -1.16
C ASP B 394 -1.83 33.89 -0.38
N ALA B 395 -1.16 34.50 0.60
CA ALA B 395 -0.27 33.76 1.48
C ALA B 395 -1.05 32.84 2.43
N GLN B 396 -2.34 33.10 2.62
CA GLN B 396 -3.20 32.30 3.48
C GLN B 396 -4.06 31.40 2.60
N THR B 397 -3.85 30.10 2.68
CA THR B 397 -2.99 29.48 3.67
C THR B 397 -1.77 28.83 3.03
N ASN B 398 -0.81 28.43 3.85
CA ASN B 398 0.41 27.79 3.38
C ASN B 398 0.88 26.72 4.36
N SER C 3 -14.96 -14.00 24.50
CA SER C 3 -15.81 -13.13 25.31
C SER C 3 -15.34 -11.68 25.23
N GLU C 4 -14.11 -11.43 25.66
CA GLU C 4 -13.53 -10.09 25.54
C GLU C 4 -13.07 -9.82 24.12
N VAL C 5 -12.52 -10.82 23.45
CA VAL C 5 -12.11 -10.71 22.06
C VAL C 5 -13.33 -11.01 21.18
N GLN C 6 -13.66 -10.08 20.28
CA GLN C 6 -14.80 -10.28 19.39
C GLN C 6 -14.61 -9.40 18.16
N LEU C 7 -15.32 -9.77 17.10
CA LEU C 7 -15.27 -9.08 15.81
C LEU C 7 -16.68 -8.86 15.31
N VAL C 8 -16.98 -7.62 14.91
CA VAL C 8 -18.30 -7.23 14.44
C VAL C 8 -18.18 -6.76 12.99
N GLU C 9 -18.91 -7.40 12.10
CA GLU C 9 -18.87 -7.06 10.68
C GLU C 9 -20.07 -6.22 10.27
N SER C 10 -19.91 -5.54 9.14
CA SER C 10 -20.94 -4.64 8.64
C SER C 10 -20.64 -4.33 7.18
N GLY C 11 -21.66 -3.92 6.45
CA GLY C 11 -21.50 -3.46 5.08
C GLY C 11 -22.15 -4.32 4.02
N GLY C 12 -22.76 -5.45 4.37
CA GLY C 12 -23.39 -6.29 3.38
C GLY C 12 -24.65 -5.68 2.82
N GLY C 13 -25.17 -6.30 1.77
CA GLY C 13 -26.39 -5.83 1.14
C GLY C 13 -26.57 -6.46 -0.22
N LEU C 14 -27.49 -5.88 -0.98
CA LEU C 14 -27.82 -6.31 -2.34
C LEU C 14 -27.41 -5.23 -3.33
N VAL C 15 -26.71 -5.62 -4.39
CA VAL C 15 -26.23 -4.70 -5.42
C VAL C 15 -26.31 -5.38 -6.78
N GLN C 16 -26.19 -4.57 -7.83
CA GLN C 16 -26.25 -5.05 -9.19
C GLN C 16 -24.91 -5.62 -9.63
N PRO C 17 -24.91 -6.52 -10.61
CA PRO C 17 -23.64 -7.00 -11.18
C PRO C 17 -22.82 -5.82 -11.72
N GLY C 18 -21.55 -5.76 -11.30
CA GLY C 18 -20.69 -4.64 -11.59
C GLY C 18 -20.64 -3.58 -10.51
N GLY C 19 -21.51 -3.65 -9.51
CA GLY C 19 -21.53 -2.70 -8.44
C GLY C 19 -20.38 -2.88 -7.46
N SER C 20 -20.42 -2.09 -6.39
CA SER C 20 -19.36 -2.06 -5.40
CA SER C 20 -19.36 -2.08 -5.40
C SER C 20 -19.96 -2.13 -4.00
N LEU C 21 -19.18 -2.66 -3.06
CA LEU C 21 -19.54 -2.72 -1.65
C LEU C 21 -18.26 -2.63 -0.83
N ARG C 22 -18.40 -2.18 0.41
CA ARG C 22 -17.28 -2.07 1.33
C ARG C 22 -17.68 -2.70 2.66
N LEU C 23 -16.92 -3.68 3.11
CA LEU C 23 -17.21 -4.38 4.36
C LEU C 23 -16.28 -3.87 5.45
N SER C 24 -16.76 -3.97 6.70
CA SER C 24 -16.00 -3.55 7.87
C SER C 24 -15.87 -4.72 8.83
N CYS C 25 -14.78 -4.71 9.60
CA CYS C 25 -14.55 -5.71 10.64
C CYS C 25 -13.91 -4.99 11.82
N ALA C 26 -14.74 -4.65 12.82
CA ALA C 26 -14.27 -3.93 14.00
C ALA C 26 -13.85 -4.91 15.09
N ALA C 27 -12.72 -4.62 15.73
CA ALA C 27 -12.10 -5.52 16.69
C ALA C 27 -12.13 -4.94 18.09
N SER C 28 -12.36 -5.81 19.07
CA SER C 28 -12.28 -5.45 20.48
C SER C 28 -11.59 -6.57 21.24
N GLY C 29 -10.88 -6.19 22.30
CA GLY C 29 -10.13 -7.14 23.10
C GLY C 29 -8.72 -7.39 22.63
N PHE C 30 -8.33 -6.85 21.48
CA PHE C 30 -6.97 -6.99 20.97
C PHE C 30 -6.72 -5.88 19.97
N ASN C 31 -5.46 -5.78 19.52
CA ASN C 31 -5.05 -4.74 18.57
C ASN C 31 -4.76 -5.36 17.22
N ILE C 32 -5.36 -4.79 16.17
CA ILE C 32 -5.17 -5.33 14.83
C ILE C 32 -3.73 -5.12 14.36
N TYR C 33 -3.08 -4.04 14.80
CA TYR C 33 -1.73 -3.76 14.34
C TYR C 33 -0.73 -4.85 14.74
N SER C 34 -1.03 -5.63 15.78
CA SER C 34 -0.16 -6.71 16.21
C SER C 34 -0.73 -8.09 15.89
N SER C 35 -1.62 -8.19 14.92
CA SER C 35 -2.29 -9.43 14.58
C SER C 35 -2.48 -9.49 13.06
N SER C 36 -3.21 -10.51 12.61
CA SER C 36 -3.55 -10.65 11.20
C SER C 36 -5.06 -10.87 11.09
N ILE C 37 -5.66 -10.30 10.04
CA ILE C 37 -7.09 -10.42 9.78
C ILE C 37 -7.28 -11.11 8.44
N HIS C 38 -8.22 -12.07 8.40
CA HIS C 38 -8.55 -12.80 7.18
C HIS C 38 -10.04 -12.64 6.87
N TRP C 39 -10.37 -12.78 5.58
CA TRP C 39 -11.75 -12.78 5.10
C TRP C 39 -12.07 -14.15 4.49
N VAL C 40 -13.14 -14.77 4.97
CA VAL C 40 -13.60 -16.08 4.50
C VAL C 40 -15.09 -16.00 4.24
N ARG C 41 -15.54 -16.59 3.14
CA ARG C 41 -16.94 -16.51 2.75
C ARG C 41 -17.56 -17.91 2.65
N GLN C 42 -18.89 -17.94 2.78
CA GLN C 42 -19.62 -19.21 2.76
C GLN C 42 -20.97 -18.99 2.10
N ALA C 43 -21.18 -19.63 0.95
CA ALA C 43 -22.46 -19.59 0.26
C ALA C 43 -23.46 -20.50 0.98
N PRO C 44 -24.77 -20.23 0.85
CA PRO C 44 -25.77 -21.02 1.58
C PRO C 44 -25.64 -22.53 1.36
N GLY C 45 -25.36 -23.25 2.45
CA GLY C 45 -25.26 -24.68 2.41
C GLY C 45 -24.03 -25.25 1.74
N LYS C 46 -22.91 -24.52 1.76
CA LYS C 46 -21.68 -25.04 1.17
C LYS C 46 -20.51 -24.89 2.12
N GLY C 47 -19.29 -25.07 1.61
CA GLY C 47 -18.09 -25.03 2.43
C GLY C 47 -17.54 -23.62 2.58
N LEU C 48 -16.31 -23.55 3.09
CA LEU C 48 -15.64 -22.31 3.38
C LEU C 48 -14.55 -22.05 2.34
N GLU C 49 -14.37 -20.77 2.00
CA GLU C 49 -13.39 -20.35 1.00
C GLU C 49 -12.71 -19.08 1.45
N TRP C 50 -11.37 -19.12 1.51
CA TRP C 50 -10.58 -17.97 1.89
C TRP C 50 -10.52 -16.95 0.76
N VAL C 51 -10.48 -15.67 1.15
CA VAL C 51 -10.57 -14.58 0.17
C VAL C 51 -9.32 -13.70 0.20
N ALA C 52 -8.99 -13.15 1.37
CA ALA C 52 -7.89 -12.20 1.46
C ALA C 52 -7.32 -12.21 2.88
N SER C 53 -6.12 -11.63 3.03
CA SER C 53 -5.43 -11.58 4.32
C SER C 53 -4.55 -10.34 4.35
N ILE C 54 -4.37 -9.79 5.56
CA ILE C 54 -3.54 -8.62 5.76
C ILE C 54 -2.79 -8.77 7.07
N SER C 55 -1.55 -8.27 7.10
CA SER C 55 -0.73 -8.28 8.31
C SER C 55 -0.04 -6.92 8.42
N SER C 56 -0.52 -6.07 9.33
CA SER C 56 -0.05 -4.70 9.41
C SER C 56 1.43 -4.62 9.79
N TYR C 57 1.81 -5.32 10.86
CA TYR C 57 3.16 -5.15 11.39
C TYR C 57 4.23 -5.58 10.39
N SER C 58 3.93 -6.55 9.54
CA SER C 58 4.88 -7.00 8.53
C SER C 58 4.59 -6.47 7.13
N GLY C 59 3.56 -5.63 6.98
CA GLY C 59 3.23 -5.09 5.68
C GLY C 59 2.91 -6.14 4.64
N TYR C 60 2.11 -7.13 5.01
CA TYR C 60 1.81 -8.26 4.15
C TYR C 60 0.34 -8.27 3.76
N THR C 61 0.07 -8.51 2.48
CA THR C 61 -1.28 -8.72 1.99
C THR C 61 -1.28 -9.89 1.01
N SER C 62 -2.44 -10.52 0.85
CA SER C 62 -2.56 -11.66 -0.04
C SER C 62 -4.01 -11.80 -0.48
N TYR C 63 -4.20 -12.33 -1.69
CA TYR C 63 -5.53 -12.47 -2.27
C TYR C 63 -5.67 -13.81 -2.96
N ALA C 64 -6.88 -14.38 -2.89
CA ALA C 64 -7.20 -15.57 -3.66
C ALA C 64 -7.35 -15.23 -5.14
N ASP C 65 -6.99 -16.19 -5.99
CA ASP C 65 -7.02 -15.96 -7.44
C ASP C 65 -8.40 -15.55 -7.91
N SER C 66 -9.45 -16.06 -7.29
CA SER C 66 -10.80 -15.77 -7.77
C SER C 66 -11.27 -14.36 -7.42
N VAL C 67 -10.44 -13.55 -6.76
CA VAL C 67 -10.82 -12.18 -6.42
C VAL C 67 -9.72 -11.18 -6.76
N LYS C 68 -8.64 -11.63 -7.39
CA LYS C 68 -7.55 -10.72 -7.73
C LYS C 68 -7.99 -9.73 -8.79
N GLY C 69 -7.54 -8.48 -8.64
CA GLY C 69 -7.94 -7.41 -9.52
C GLY C 69 -9.33 -6.87 -9.26
N ARG C 70 -10.06 -7.38 -8.26
CA ARG C 70 -11.39 -6.91 -7.95
C ARG C 70 -11.55 -6.51 -6.49
N PHE C 71 -10.94 -7.24 -5.55
CA PHE C 71 -11.08 -6.97 -4.13
C PHE C 71 -9.81 -6.30 -3.60
N THR C 72 -9.99 -5.48 -2.55
CA THR C 72 -8.88 -4.80 -1.89
C THR C 72 -9.07 -4.87 -0.39
N ILE C 73 -8.04 -5.33 0.32
CA ILE C 73 -8.06 -5.45 1.77
C ILE C 73 -7.17 -4.36 2.36
N SER C 74 -7.61 -3.79 3.49
CA SER C 74 -6.86 -2.73 4.14
C SER C 74 -7.22 -2.70 5.62
N ALA C 75 -6.46 -1.92 6.38
CA ALA C 75 -6.65 -1.85 7.82
C ALA C 75 -6.42 -0.43 8.30
N ASP C 76 -7.26 0.01 9.23
CA ASP C 76 -7.11 1.30 9.90
C ASP C 76 -6.76 1.00 11.36
N THR C 77 -5.48 1.20 11.71
CA THR C 77 -5.02 0.89 13.06
CA THR C 77 -5.04 0.88 13.07
C THR C 77 -5.55 1.91 14.07
N SER C 78 -5.69 3.17 13.67
CA SER C 78 -6.11 4.21 14.62
C SER C 78 -7.50 3.91 15.20
N LYS C 79 -8.35 3.21 14.45
CA LYS C 79 -9.67 2.85 14.95
C LYS C 79 -9.91 1.35 14.96
N ASN C 80 -8.85 0.54 14.81
CA ASN C 80 -8.90 -0.90 15.05
C ASN C 80 -9.94 -1.60 14.18
N THR C 81 -10.01 -1.23 12.90
CA THR C 81 -10.99 -1.77 11.97
C THR C 81 -10.31 -2.14 10.66
N ALA C 82 -10.73 -3.27 10.09
CA ALA C 82 -10.26 -3.72 8.79
C ALA C 82 -11.40 -3.63 7.77
N TYR C 83 -11.03 -3.49 6.50
CA TYR C 83 -11.99 -3.27 5.43
C TYR C 83 -11.72 -4.21 4.26
N LEU C 84 -12.78 -4.51 3.51
CA LEU C 84 -12.69 -5.30 2.27
C LEU C 84 -13.49 -4.55 1.21
N GLN C 85 -12.77 -3.87 0.31
CA GLN C 85 -13.41 -3.21 -0.83
C GLN C 85 -13.66 -4.24 -1.92
N MET C 86 -14.91 -4.37 -2.35
CA MET C 86 -15.31 -5.36 -3.34
C MET C 86 -15.85 -4.62 -4.57
N ASN C 87 -15.08 -4.66 -5.66
CA ASN C 87 -15.48 -4.04 -6.93
C ASN C 87 -15.73 -5.12 -7.97
N SER C 88 -16.48 -4.76 -9.01
CA SER C 88 -16.79 -5.64 -10.14
C SER C 88 -17.43 -6.95 -9.65
N LEU C 89 -18.47 -6.80 -8.83
CA LEU C 89 -19.11 -7.95 -8.22
C LEU C 89 -19.90 -8.76 -9.23
N ARG C 90 -19.83 -10.08 -9.10
CA ARG C 90 -20.58 -11.01 -9.93
C ARG C 90 -21.65 -11.69 -9.08
N ALA C 91 -22.63 -12.28 -9.77
CA ALA C 91 -23.68 -13.02 -9.08
C ALA C 91 -23.10 -14.17 -8.25
N GLU C 92 -21.99 -14.77 -8.69
CA GLU C 92 -21.37 -15.88 -7.97
C GLU C 92 -20.60 -15.44 -6.73
N ASP C 93 -20.56 -14.15 -6.43
CA ASP C 93 -19.97 -13.66 -5.18
C ASP C 93 -20.96 -13.64 -4.03
N THR C 94 -22.20 -14.10 -4.27
CA THR C 94 -23.22 -14.11 -3.23
C THR C 94 -22.86 -15.13 -2.16
N ALA C 95 -22.71 -14.66 -0.92
CA ALA C 95 -22.34 -15.54 0.18
C ALA C 95 -22.40 -14.75 1.47
N VAL C 96 -22.23 -15.46 2.58
CA VAL C 96 -21.97 -14.83 3.87
C VAL C 96 -20.46 -14.64 3.99
N TYR C 97 -20.03 -13.43 4.34
CA TYR C 97 -18.62 -13.10 4.44
C TYR C 97 -18.23 -12.99 5.91
N TYR C 98 -17.19 -13.71 6.32
CA TYR C 98 -16.68 -13.69 7.68
C TYR C 98 -15.33 -12.99 7.73
N CYS C 99 -15.02 -12.44 8.89
CA CYS C 99 -13.68 -11.94 9.20
CA CYS C 99 -13.70 -11.91 9.22
C CYS C 99 -13.14 -12.70 10.40
N ALA C 100 -11.91 -13.18 10.28
CA ALA C 100 -11.30 -14.00 11.32
C ALA C 100 -9.92 -13.46 11.68
N ARG C 101 -9.45 -13.83 12.87
CA ARG C 101 -8.19 -13.33 13.40
C ARG C 101 -7.13 -14.42 13.38
N TYR C 102 -5.93 -14.05 12.98
CA TYR C 102 -4.71 -14.82 13.20
C TYR C 102 -3.90 -14.09 14.25
N LYS C 103 -3.50 -14.80 15.31
CA LYS C 103 -3.10 -14.15 16.55
C LYS C 103 -1.86 -13.27 16.39
N TYR C 104 -0.93 -13.66 15.51
CA TYR C 104 0.34 -12.96 15.40
C TYR C 104 0.53 -12.34 14.02
N PRO C 105 1.47 -11.42 13.84
CA PRO C 105 1.82 -10.98 12.48
C PRO C 105 2.35 -12.16 11.67
N TYR C 106 2.26 -12.01 10.35
CA TYR C 106 2.56 -13.11 9.44
C TYR C 106 3.92 -12.91 8.79
N TRP C 107 4.75 -13.94 8.87
CA TRP C 107 5.98 -14.08 8.09
C TRP C 107 6.02 -15.48 7.51
N SER C 108 6.54 -15.60 6.29
CA SER C 108 6.52 -16.90 5.62
C SER C 108 7.31 -17.95 6.41
N TRP C 109 8.44 -17.56 7.00
CA TRP C 109 9.22 -18.50 7.79
C TRP C 109 8.63 -18.77 9.17
N TYR C 110 7.54 -18.09 9.54
CA TYR C 110 6.83 -18.35 10.79
C TYR C 110 5.38 -18.77 10.52
N TYR C 111 5.14 -19.46 9.40
CA TYR C 111 3.77 -19.82 9.01
C TYR C 111 3.14 -20.80 10.00
N TYR C 112 3.94 -21.67 10.61
CA TYR C 112 3.48 -22.79 11.44
C TYR C 112 2.87 -22.37 12.80
N TRP C 113 2.55 -21.09 13.08
CA TRP C 113 2.12 -20.72 14.42
C TRP C 113 0.65 -21.04 14.70
N GLY C 114 -0.13 -21.47 13.70
CA GLY C 114 -1.46 -21.97 13.96
C GLY C 114 -2.47 -21.46 12.94
N GLY C 115 -3.74 -21.48 13.34
CA GLY C 115 -4.83 -21.10 12.46
C GLY C 115 -5.63 -19.89 12.93
N MET C 116 -6.92 -19.86 12.59
CA MET C 116 -7.79 -18.73 12.89
C MET C 116 -8.57 -19.03 14.16
N ASP C 117 -8.35 -18.22 15.20
CA ASP C 117 -8.89 -18.53 16.52
C ASP C 117 -10.18 -17.78 16.86
N TYR C 118 -10.47 -16.67 16.21
CA TYR C 118 -11.69 -15.91 16.50
C TYR C 118 -12.35 -15.48 15.20
N TRP C 119 -13.66 -15.65 15.12
CA TRP C 119 -14.45 -15.32 13.94
C TRP C 119 -15.56 -14.36 14.30
N GLY C 120 -15.92 -13.50 13.34
CA GLY C 120 -17.05 -12.62 13.49
C GLY C 120 -18.36 -13.32 13.15
N GLN C 121 -19.46 -12.58 13.32
CA GLN C 121 -20.78 -13.16 13.09
C GLN C 121 -21.10 -13.32 11.62
N GLY C 122 -20.52 -12.49 10.75
CA GLY C 122 -20.74 -12.60 9.33
C GLY C 122 -21.77 -11.58 8.84
N THR C 123 -21.71 -11.31 7.53
CA THR C 123 -22.66 -10.40 6.89
C THR C 123 -22.98 -10.94 5.50
N LEU C 124 -24.25 -10.83 5.11
CA LEU C 124 -24.73 -11.42 3.86
C LEU C 124 -24.56 -10.46 2.70
N VAL C 125 -24.06 -10.98 1.57
CA VAL C 125 -23.83 -10.21 0.36
C VAL C 125 -24.54 -10.92 -0.78
N THR C 126 -25.45 -10.21 -1.46
CA THR C 126 -26.18 -10.74 -2.61
C THR C 126 -25.93 -9.83 -3.80
N VAL C 127 -25.53 -10.43 -4.92
CA VAL C 127 -25.29 -9.69 -6.16
C VAL C 127 -26.30 -10.18 -7.19
N SER C 128 -27.23 -9.30 -7.56
CA SER C 128 -28.30 -9.70 -8.48
C SER C 128 -28.81 -8.48 -9.20
N SER C 129 -29.45 -8.72 -10.36
CA SER C 129 -30.09 -7.68 -11.13
C SER C 129 -31.56 -7.49 -10.77
N ALA C 130 -32.14 -8.41 -10.01
CA ALA C 130 -33.53 -8.30 -9.59
C ALA C 130 -33.68 -7.28 -8.47
N SER C 131 -34.85 -6.67 -8.41
CA SER C 131 -35.16 -5.69 -7.38
C SER C 131 -35.74 -6.36 -6.14
N THR C 132 -35.71 -5.63 -5.03
CA THR C 132 -36.30 -6.15 -3.79
C THR C 132 -37.80 -6.31 -3.95
N LYS C 133 -38.35 -7.35 -3.33
CA LYS C 133 -39.78 -7.64 -3.43
C LYS C 133 -40.22 -8.32 -2.15
N GLY C 134 -41.28 -7.81 -1.53
CA GLY C 134 -41.83 -8.38 -0.32
C GLY C 134 -42.63 -9.63 -0.61
N PRO C 135 -42.82 -10.47 0.40
CA PRO C 135 -43.51 -11.75 0.20
C PRO C 135 -45.02 -11.66 0.38
N SER C 136 -45.70 -12.68 -0.15
CA SER C 136 -47.12 -12.91 0.12
C SER C 136 -47.23 -14.02 1.15
N VAL C 137 -48.04 -13.80 2.18
CA VAL C 137 -48.21 -14.73 3.28
C VAL C 137 -49.56 -15.40 3.13
N PHE C 138 -49.57 -16.71 2.84
CA PHE C 138 -50.80 -17.46 2.72
C PHE C 138 -50.93 -18.47 3.85
N PRO C 139 -52.11 -18.60 4.45
CA PRO C 139 -52.27 -19.53 5.57
C PRO C 139 -52.38 -20.97 5.09
N LEU C 140 -51.92 -21.88 5.96
CA LEU C 140 -52.07 -23.32 5.77
C LEU C 140 -53.01 -23.77 6.88
N ALA C 141 -54.31 -23.75 6.61
CA ALA C 141 -55.31 -23.96 7.65
C ALA C 141 -55.36 -25.42 8.05
N PRO C 142 -55.49 -25.71 9.36
CA PRO C 142 -55.65 -27.11 9.79
C PRO C 142 -57.02 -27.64 9.40
N SER C 143 -57.03 -28.80 8.75
CA SER C 143 -58.27 -29.46 8.35
C SER C 143 -58.31 -30.88 8.86
N SER C 144 -59.23 -31.69 8.34
CA SER C 144 -59.18 -33.13 8.61
C SER C 144 -57.99 -33.77 7.92
N LYS C 145 -57.56 -33.21 6.78
CA LYS C 145 -56.39 -33.73 6.08
C LYS C 145 -55.10 -33.49 6.85
N SER C 146 -55.09 -32.53 7.78
CA SER C 146 -53.90 -32.27 8.58
C SER C 146 -54.15 -32.59 10.04
N THR C 147 -54.65 -33.79 10.33
CA THR C 147 -54.94 -34.22 11.69
C THR C 147 -54.63 -35.70 11.80
N SER C 148 -53.63 -36.05 12.60
CA SER C 148 -53.27 -37.44 12.87
C SER C 148 -53.31 -37.64 14.38
N GLY C 149 -54.27 -38.43 14.85
CA GLY C 149 -54.46 -38.59 16.28
C GLY C 149 -54.93 -37.29 16.92
N GLY C 150 -54.46 -37.05 18.14
CA GLY C 150 -54.76 -35.81 18.82
C GLY C 150 -53.95 -34.62 18.38
N THR C 151 -53.05 -34.80 17.43
CA THR C 151 -52.15 -33.75 16.98
C THR C 151 -52.61 -33.20 15.63
N ALA C 152 -52.53 -31.88 15.48
CA ALA C 152 -52.91 -31.20 14.24
C ALA C 152 -51.78 -30.28 13.82
N ALA C 153 -51.69 -30.05 12.51
CA ALA C 153 -50.65 -29.21 11.93
C ALA C 153 -51.26 -28.01 11.25
N LEU C 154 -50.52 -26.90 11.28
CA LEU C 154 -50.94 -25.66 10.62
C LEU C 154 -49.71 -24.80 10.40
N GLY C 155 -49.84 -23.82 9.52
CA GLY C 155 -48.72 -22.93 9.23
C GLY C 155 -49.09 -21.86 8.24
N CYS C 156 -48.07 -21.15 7.76
CA CYS C 156 -48.23 -20.17 6.69
C CYS C 156 -47.18 -20.41 5.61
N LEU C 157 -47.47 -19.92 4.41
CA LEU C 157 -46.59 -20.04 3.26
C LEU C 157 -46.10 -18.65 2.87
N VAL C 158 -44.78 -18.48 2.85
CA VAL C 158 -44.13 -17.21 2.55
C VAL C 158 -43.59 -17.30 1.12
N LYS C 159 -44.33 -16.74 0.16
CA LYS C 159 -44.06 -17.00 -1.26
C LYS C 159 -43.62 -15.74 -1.99
N ASP C 160 -42.62 -15.91 -2.87
CA ASP C 160 -42.22 -14.90 -3.86
C ASP C 160 -41.64 -13.64 -3.24
N TYR C 161 -40.46 -13.74 -2.63
CA TYR C 161 -39.76 -12.59 -2.08
C TYR C 161 -38.31 -12.61 -2.54
N PHE C 162 -37.66 -11.45 -2.40
CA PHE C 162 -36.26 -11.31 -2.78
C PHE C 162 -35.70 -10.00 -2.20
N PRO C 163 -34.49 -10.02 -1.64
CA PRO C 163 -33.67 -11.22 -1.49
C PRO C 163 -33.80 -11.86 -0.11
N GLU C 164 -32.90 -12.78 0.20
CA GLU C 164 -32.83 -13.35 1.54
C GLU C 164 -32.33 -12.28 2.52
N PRO C 165 -32.68 -12.38 3.81
CA PRO C 165 -33.50 -13.43 4.43
C PRO C 165 -34.88 -12.98 4.91
N VAL C 166 -35.61 -13.91 5.52
CA VAL C 166 -36.85 -13.63 6.23
C VAL C 166 -36.78 -14.29 7.60
N THR C 167 -37.46 -13.68 8.56
CA THR C 167 -37.62 -14.26 9.89
C THR C 167 -39.09 -14.53 10.13
N VAL C 168 -39.38 -15.66 10.77
CA VAL C 168 -40.75 -16.07 11.07
C VAL C 168 -40.83 -16.47 12.54
N SER C 169 -41.84 -15.98 13.25
CA SER C 169 -42.14 -16.41 14.59
C SER C 169 -43.62 -16.72 14.70
N TRP C 170 -44.03 -17.32 15.82
CA TRP C 170 -45.41 -17.66 16.09
C TRP C 170 -45.86 -17.00 17.39
N ASN C 171 -46.94 -16.23 17.32
CA ASN C 171 -47.47 -15.48 18.46
C ASN C 171 -46.42 -14.57 19.09
N SER C 172 -45.68 -13.87 18.22
CA SER C 172 -44.65 -12.92 18.63
C SER C 172 -43.57 -13.56 19.50
N GLY C 173 -43.31 -14.85 19.27
CA GLY C 173 -42.29 -15.57 20.00
C GLY C 173 -42.78 -16.35 21.19
N ALA C 174 -44.04 -16.17 21.59
CA ALA C 174 -44.59 -16.90 22.73
C ALA C 174 -44.84 -18.38 22.43
N LEU C 175 -44.85 -18.78 21.16
CA LEU C 175 -45.05 -20.17 20.77
C LEU C 175 -43.77 -20.68 20.13
N THR C 176 -43.12 -21.65 20.76
CA THR C 176 -41.87 -22.18 20.25
C THR C 176 -41.94 -23.70 20.10
N SER C 177 -42.74 -24.35 20.93
CA SER C 177 -42.79 -25.80 20.94
C SER C 177 -43.52 -26.33 19.72
N GLY C 178 -42.88 -27.27 19.01
CA GLY C 178 -43.48 -27.89 17.84
C GLY C 178 -43.39 -27.10 16.56
N VAL C 179 -42.55 -26.06 16.52
CA VAL C 179 -42.43 -25.19 15.35
C VAL C 179 -41.30 -25.69 14.47
N HIS C 180 -41.54 -25.75 13.17
CA HIS C 180 -40.53 -26.09 12.18
C HIS C 180 -40.59 -25.04 11.07
N THR C 181 -39.51 -24.27 10.92
CA THR C 181 -39.36 -23.34 9.81
C THR C 181 -38.33 -23.91 8.84
N PHE C 182 -38.74 -24.10 7.58
CA PHE C 182 -37.92 -24.77 6.59
C PHE C 182 -37.04 -23.78 5.84
N PRO C 183 -35.89 -24.24 5.33
CA PRO C 183 -35.04 -23.36 4.52
C PRO C 183 -35.75 -22.98 3.23
N ALA C 184 -35.52 -21.74 2.79
CA ALA C 184 -36.17 -21.26 1.58
C ALA C 184 -35.63 -21.99 0.35
N VAL C 185 -36.45 -22.03 -0.70
CA VAL C 185 -36.06 -22.57 -1.99
C VAL C 185 -36.13 -21.45 -3.02
N LEU C 186 -35.20 -21.47 -3.97
CA LEU C 186 -35.17 -20.50 -5.06
C LEU C 186 -35.99 -21.07 -6.21
N GLN C 187 -37.13 -20.46 -6.49
CA GLN C 187 -38.01 -20.93 -7.54
C GLN C 187 -37.43 -20.61 -8.92
N SER C 188 -38.04 -21.19 -9.97
CA SER C 188 -37.58 -20.94 -11.33
C SER C 188 -37.82 -19.49 -11.76
N SER C 189 -38.71 -18.78 -11.09
CA SER C 189 -38.97 -17.37 -11.39
C SER C 189 -37.92 -16.44 -10.82
N GLY C 190 -36.91 -16.96 -10.13
CA GLY C 190 -35.92 -16.12 -9.49
C GLY C 190 -36.34 -15.57 -8.14
N LEU C 191 -37.44 -16.05 -7.58
CA LEU C 191 -37.92 -15.60 -6.29
C LEU C 191 -37.89 -16.75 -5.29
N TYR C 192 -37.76 -16.39 -4.02
CA TYR C 192 -37.67 -17.37 -2.95
C TYR C 192 -39.05 -17.73 -2.42
N SER C 193 -39.13 -18.87 -1.74
CA SER C 193 -40.36 -19.34 -1.13
C SER C 193 -40.03 -20.16 0.10
N LEU C 194 -40.78 -19.93 1.18
CA LEU C 194 -40.52 -20.58 2.46
C LEU C 194 -41.84 -21.01 3.08
N SER C 195 -41.77 -22.03 3.94
CA SER C 195 -42.93 -22.48 4.71
C SER C 195 -42.52 -22.72 6.15
N SER C 196 -43.45 -22.42 7.07
CA SER C 196 -43.25 -22.62 8.50
C SER C 196 -44.51 -23.23 9.07
N VAL C 197 -44.35 -24.32 9.85
CA VAL C 197 -45.49 -25.05 10.38
C VAL C 197 -45.29 -25.27 11.88
N VAL C 198 -46.38 -25.61 12.56
CA VAL C 198 -46.34 -25.91 13.98
C VAL C 198 -47.39 -26.98 14.26
N THR C 199 -47.01 -27.98 15.06
CA THR C 199 -47.91 -29.06 15.47
C THR C 199 -48.50 -28.73 16.83
N VAL C 200 -49.83 -28.83 16.94
CA VAL C 200 -50.53 -28.51 18.18
C VAL C 200 -51.59 -29.57 18.43
N PRO C 201 -51.98 -29.74 19.69
CA PRO C 201 -53.08 -30.65 20.00
C PRO C 201 -54.36 -30.25 19.28
N SER C 202 -55.11 -31.25 18.83
CA SER C 202 -56.32 -30.97 18.06
C SER C 202 -57.38 -30.27 18.91
N SER C 203 -57.44 -30.59 20.20
CA SER C 203 -58.44 -29.96 21.07
C SER C 203 -58.22 -28.46 21.20
N SER C 204 -56.97 -28.01 21.08
CA SER C 204 -56.65 -26.59 21.26
C SER C 204 -57.06 -25.73 20.07
N LEU C 205 -57.52 -26.32 18.97
CA LEU C 205 -57.91 -25.53 17.81
C LEU C 205 -59.10 -24.61 18.10
N GLY C 206 -59.82 -24.86 19.18
CA GLY C 206 -60.98 -24.05 19.53
C GLY C 206 -60.65 -22.85 20.38
N THR C 207 -59.75 -23.03 21.36
CA THR C 207 -59.46 -21.98 22.33
C THR C 207 -58.25 -21.13 21.95
N GLN C 208 -57.17 -21.75 21.50
CA GLN C 208 -55.92 -21.03 21.27
C GLN C 208 -55.92 -20.38 19.89
N THR C 209 -55.37 -19.16 19.82
CA THR C 209 -55.21 -18.43 18.58
C THR C 209 -53.78 -18.57 18.08
N TYR C 210 -53.62 -18.72 16.76
CA TYR C 210 -52.32 -18.96 16.16
C TYR C 210 -52.07 -17.93 15.07
N ILE C 211 -51.01 -17.15 15.23
CA ILE C 211 -50.63 -16.12 14.27
C ILE C 211 -49.15 -16.28 13.95
N CYS C 212 -48.81 -16.26 12.67
CA CYS C 212 -47.42 -16.31 12.25
C CYS C 212 -46.96 -14.91 11.87
N ASN C 213 -45.81 -14.50 12.39
CA ASN C 213 -45.25 -13.17 12.17
C ASN C 213 -44.11 -13.26 11.18
N VAL C 214 -44.25 -12.61 10.03
CA VAL C 214 -43.25 -12.62 8.97
C VAL C 214 -42.64 -11.23 8.86
N ASN C 215 -41.31 -11.15 8.88
CA ASN C 215 -40.58 -9.89 8.76
CA ASN C 215 -40.59 -9.89 8.75
C ASN C 215 -39.54 -10.04 7.66
N HIS C 216 -39.65 -9.22 6.63
CA HIS C 216 -38.70 -9.20 5.50
C HIS C 216 -38.10 -7.80 5.46
N LYS C 217 -36.99 -7.62 6.19
CA LYS C 217 -36.36 -6.32 6.37
C LYS C 217 -35.77 -5.75 5.08
N PRO C 218 -35.18 -6.56 4.19
CA PRO C 218 -34.72 -5.99 2.91
C PRO C 218 -35.78 -5.20 2.16
N SER C 219 -37.06 -5.52 2.34
CA SER C 219 -38.14 -4.80 1.67
C SER C 219 -39.04 -4.06 2.65
N ASN C 220 -38.69 -4.04 3.93
CA ASN C 220 -39.47 -3.37 4.98
C ASN C 220 -40.93 -3.86 4.98
N THR C 221 -41.08 -5.19 4.95
CA THR C 221 -42.38 -5.84 4.89
C THR C 221 -42.66 -6.58 6.19
N LYS C 222 -43.80 -6.27 6.80
CA LYS C 222 -44.23 -6.87 8.06
C LYS C 222 -45.67 -7.32 7.93
N VAL C 223 -45.92 -8.61 8.17
CA VAL C 223 -47.24 -9.22 8.00
C VAL C 223 -47.54 -10.10 9.20
N ASP C 224 -48.70 -9.90 9.82
CA ASP C 224 -49.23 -10.78 10.85
C ASP C 224 -50.48 -11.46 10.31
N LYS C 225 -50.41 -12.78 10.17
CA LYS C 225 -51.48 -13.56 9.54
C LYS C 225 -52.07 -14.52 10.57
N LYS C 226 -53.36 -14.39 10.83
CA LYS C 226 -54.06 -15.33 11.69
C LYS C 226 -54.45 -16.58 10.90
N VAL C 227 -54.21 -17.75 11.48
CA VAL C 227 -54.52 -19.03 10.85
C VAL C 227 -55.58 -19.73 11.70
N GLU C 228 -56.66 -20.14 11.06
CA GLU C 228 -57.76 -20.80 11.74
C GLU C 228 -58.34 -21.86 10.82
N PRO C 229 -59.07 -22.83 11.37
CA PRO C 229 -59.58 -23.93 10.52
C PRO C 229 -60.54 -23.42 9.45
N LYS C 230 -60.58 -24.14 8.34
CA LYS C 230 -61.39 -23.77 7.18
C LYS C 230 -62.87 -23.98 7.44
N SER D 3 22.03 10.29 -22.23
CA SER D 3 22.37 11.68 -22.52
C SER D 3 21.10 12.54 -22.61
N GLU D 4 20.24 12.18 -23.55
CA GLU D 4 18.96 12.87 -23.71
C GLU D 4 17.97 12.40 -22.66
N VAL D 5 17.20 13.34 -22.12
CA VAL D 5 16.14 13.04 -21.17
C VAL D 5 14.88 12.70 -21.96
N GLN D 6 14.33 11.51 -21.71
CA GLN D 6 13.12 11.08 -22.41
C GLN D 6 12.43 9.99 -21.62
N LEU D 7 11.14 9.82 -21.91
CA LEU D 7 10.30 8.82 -21.27
C LEU D 7 9.50 8.10 -22.35
N VAL D 8 9.53 6.77 -22.30
CA VAL D 8 8.85 5.94 -23.30
C VAL D 8 7.79 5.12 -22.58
N GLU D 9 6.55 5.23 -23.04
CA GLU D 9 5.43 4.55 -22.44
C GLU D 9 5.03 3.32 -23.25
N SER D 10 4.31 2.43 -22.59
CA SER D 10 3.88 1.17 -23.19
C SER D 10 2.81 0.55 -22.31
N GLY D 11 1.99 -0.32 -22.92
CA GLY D 11 1.02 -1.11 -22.19
C GLY D 11 -0.45 -0.82 -22.48
N GLY D 12 -0.75 0.16 -23.32
CA GLY D 12 -2.14 0.48 -23.61
C GLY D 12 -2.81 -0.58 -24.47
N GLY D 13 -4.12 -0.42 -24.65
CA GLY D 13 -4.88 -1.34 -25.46
C GLY D 13 -6.37 -1.14 -25.26
N LEU D 14 -7.14 -2.12 -25.75
CA LEU D 14 -8.59 -2.13 -25.66
C LEU D 14 -9.03 -3.28 -24.76
N VAL D 15 -9.92 -2.99 -23.82
CA VAL D 15 -10.37 -3.98 -22.84
C VAL D 15 -11.84 -3.73 -22.50
N GLN D 16 -12.48 -4.75 -21.92
CA GLN D 16 -13.88 -4.67 -21.52
C GLN D 16 -14.01 -3.95 -20.18
N PRO D 17 -15.19 -3.39 -19.88
CA PRO D 17 -15.43 -2.85 -18.55
C PRO D 17 -15.20 -3.90 -17.48
N GLY D 18 -14.38 -3.57 -16.49
CA GLY D 18 -13.93 -4.52 -15.50
C GLY D 18 -12.59 -5.17 -15.80
N GLY D 19 -12.05 -4.97 -17.00
CA GLY D 19 -10.77 -5.52 -17.37
C GLY D 19 -9.61 -4.81 -16.67
N SER D 20 -8.40 -5.25 -17.00
CA SER D 20 -7.19 -4.73 -16.37
CA SER D 20 -7.20 -4.73 -16.38
C SER D 20 -6.14 -4.47 -17.44
N LEU D 21 -5.22 -3.55 -17.11
CA LEU D 21 -4.10 -3.20 -17.97
C LEU D 21 -2.95 -2.76 -17.10
N ARG D 22 -1.73 -2.82 -17.64
CA ARG D 22 -0.53 -2.38 -16.95
C ARG D 22 0.28 -1.49 -17.89
N LEU D 23 0.56 -0.26 -17.43
CA LEU D 23 1.33 0.70 -18.21
C LEU D 23 2.77 0.79 -17.70
N SER D 24 3.68 1.14 -18.61
CA SER D 24 5.09 1.28 -18.31
C SER D 24 5.57 2.67 -18.67
N CYS D 25 6.57 3.16 -17.94
CA CYS D 25 7.19 4.46 -18.19
C CYS D 25 8.68 4.28 -17.93
N ALA D 26 9.45 4.07 -19.01
CA ALA D 26 10.88 3.87 -18.90
C ALA D 26 11.62 5.20 -19.04
N ALA D 27 12.63 5.40 -18.20
CA ALA D 27 13.33 6.67 -18.11
C ALA D 27 14.76 6.54 -18.59
N SER D 28 15.25 7.57 -19.29
CA SER D 28 16.63 7.68 -19.70
C SER D 28 17.07 9.11 -19.52
N GLY D 29 18.36 9.30 -19.22
CA GLY D 29 18.91 10.61 -19.00
C GLY D 29 18.83 11.12 -17.59
N PHE D 30 18.14 10.41 -16.71
CA PHE D 30 18.04 10.77 -15.29
C PHE D 30 17.65 9.52 -14.52
N ASN D 31 17.67 9.64 -13.20
CA ASN D 31 17.36 8.53 -12.31
C ASN D 31 16.02 8.78 -11.62
N ILE D 32 15.13 7.78 -11.69
CA ILE D 32 13.82 7.91 -11.09
C ILE D 32 13.91 7.94 -9.57
N TYR D 33 14.91 7.27 -8.98
CA TYR D 33 15.00 7.23 -7.53
C TYR D 33 15.20 8.60 -6.92
N SER D 34 15.73 9.55 -7.68
CA SER D 34 15.96 10.91 -7.19
C SER D 34 14.98 11.91 -7.81
N SER D 35 13.83 11.44 -8.27
CA SER D 35 12.85 12.30 -8.92
C SER D 35 11.45 11.81 -8.55
N SER D 36 10.45 12.42 -9.18
CA SER D 36 9.06 12.04 -9.02
C SER D 36 8.44 11.83 -10.38
N ILE D 37 7.56 10.84 -10.48
CA ILE D 37 6.87 10.52 -11.73
C ILE D 37 5.37 10.69 -11.49
N HIS D 38 4.69 11.31 -12.45
CA HIS D 38 3.26 11.54 -12.39
C HIS D 38 2.59 10.89 -13.59
N TRP D 39 1.32 10.53 -13.42
CA TRP D 39 0.47 10.03 -14.50
C TRP D 39 -0.66 11.02 -14.73
N VAL D 40 -0.79 11.49 -15.97
CA VAL D 40 -1.83 12.43 -16.36
C VAL D 40 -2.48 11.92 -17.64
N ARG D 41 -3.81 12.00 -17.71
CA ARG D 41 -4.54 11.46 -18.85
C ARG D 41 -5.34 12.56 -19.54
N GLN D 42 -5.62 12.33 -20.81
CA GLN D 42 -6.28 13.32 -21.65
C GLN D 42 -7.22 12.60 -22.62
N ALA D 43 -8.52 12.86 -22.47
CA ALA D 43 -9.49 12.30 -23.40
C ALA D 43 -9.41 13.04 -24.74
N PRO D 44 -9.79 12.36 -25.84
CA PRO D 44 -9.68 13.00 -27.16
C PRO D 44 -10.36 14.35 -27.26
N GLY D 45 -9.57 15.39 -27.51
CA GLY D 45 -10.11 16.72 -27.67
C GLY D 45 -10.62 17.36 -26.39
N LYS D 46 -10.06 16.97 -25.25
CA LYS D 46 -10.47 17.54 -23.98
C LYS D 46 -9.27 17.99 -23.16
N GLY D 47 -9.46 18.27 -21.88
CA GLY D 47 -8.41 18.80 -21.03
C GLY D 47 -7.57 17.71 -20.38
N LEU D 48 -6.76 18.15 -19.42
CA LEU D 48 -5.81 17.29 -18.72
C LEU D 48 -6.31 16.98 -17.31
N GLU D 49 -6.05 15.77 -16.84
CA GLU D 49 -6.47 15.33 -15.52
C GLU D 49 -5.37 14.51 -14.87
N TRP D 50 -4.97 14.89 -13.66
CA TRP D 50 -3.96 14.16 -12.92
C TRP D 50 -4.54 12.87 -12.35
N VAL D 51 -3.72 11.82 -12.29
CA VAL D 51 -4.19 10.50 -11.90
C VAL D 51 -3.45 10.01 -10.65
N ALA D 52 -2.12 9.94 -10.73
CA ALA D 52 -1.34 9.38 -9.62
C ALA D 52 0.07 9.96 -9.65
N SER D 53 0.77 9.78 -8.53
CA SER D 53 2.14 10.30 -8.38
C SER D 53 2.91 9.41 -7.43
N ILE D 54 4.22 9.31 -7.65
CA ILE D 54 5.10 8.52 -6.80
C ILE D 54 6.43 9.24 -6.64
N SER D 55 7.02 9.11 -5.45
CA SER D 55 8.35 9.65 -5.16
C SER D 55 9.12 8.61 -4.36
N SER D 56 10.07 7.95 -5.02
CA SER D 56 10.76 6.82 -4.38
C SER D 56 11.58 7.25 -3.18
N TYR D 57 12.39 8.30 -3.34
CA TYR D 57 13.34 8.66 -2.28
C TYR D 57 12.62 9.09 -1.00
N SER D 58 11.45 9.69 -1.11
CA SER D 58 10.69 10.13 0.06
C SER D 58 9.55 9.18 0.40
N GLY D 59 9.42 8.07 -0.30
CA GLY D 59 8.36 7.11 -0.02
C GLY D 59 6.96 7.67 -0.12
N TYR D 60 6.70 8.44 -1.17
CA TYR D 60 5.44 9.17 -1.31
C TYR D 60 4.65 8.61 -2.50
N THR D 61 3.36 8.40 -2.27
CA THR D 61 2.42 8.05 -3.33
C THR D 61 1.13 8.83 -3.12
N SER D 62 0.39 9.02 -4.21
CA SER D 62 -0.86 9.76 -4.13
C SER D 62 -1.74 9.34 -5.30
N TYR D 63 -3.06 9.40 -5.07
CA TYR D 63 -4.03 8.96 -6.08
C TYR D 63 -5.19 9.93 -6.16
N ALA D 64 -5.73 10.10 -7.37
CA ALA D 64 -6.97 10.84 -7.51
C ALA D 64 -8.15 10.01 -7.00
N ASP D 65 -9.14 10.71 -6.45
CA ASP D 65 -10.26 10.02 -5.80
C ASP D 65 -11.00 9.10 -6.76
N SER D 66 -11.08 9.45 -8.03
CA SER D 66 -11.84 8.67 -9.00
C SER D 66 -11.15 7.36 -9.41
N VAL D 67 -9.98 7.05 -8.85
CA VAL D 67 -9.27 5.82 -9.17
C VAL D 67 -8.79 5.07 -7.93
N LYS D 68 -9.11 5.54 -6.72
CA LYS D 68 -8.66 4.88 -5.52
C LYS D 68 -9.35 3.52 -5.36
N GLY D 69 -8.60 2.53 -4.89
CA GLY D 69 -9.08 1.18 -4.84
C GLY D 69 -9.13 0.47 -6.18
N ARG D 70 -8.70 1.13 -7.24
CA ARG D 70 -8.71 0.59 -8.59
C ARG D 70 -7.34 0.66 -9.26
N PHE D 71 -6.60 1.76 -9.10
CA PHE D 71 -5.30 1.92 -9.72
C PHE D 71 -4.19 1.78 -8.68
N THR D 72 -3.03 1.29 -9.13
CA THR D 72 -1.86 1.17 -8.27
C THR D 72 -0.63 1.65 -9.03
N ILE D 73 0.12 2.56 -8.41
CA ILE D 73 1.34 3.11 -9.00
C ILE D 73 2.53 2.53 -8.24
N SER D 74 3.61 2.25 -8.97
CA SER D 74 4.80 1.68 -8.36
C SER D 74 6.00 2.03 -9.24
N ALA D 75 7.18 1.75 -8.71
CA ALA D 75 8.43 2.06 -9.40
C ALA D 75 9.46 0.99 -9.13
N ASP D 76 10.21 0.62 -10.17
CA ASP D 76 11.35 -0.28 -10.06
C ASP D 76 12.59 0.54 -10.37
N THR D 77 13.33 0.90 -9.31
CA THR D 77 14.54 1.70 -9.47
CA THR D 77 14.54 1.71 -9.49
C THR D 77 15.64 0.93 -10.19
N SER D 78 15.71 -0.39 -9.98
CA SER D 78 16.80 -1.18 -10.57
C SER D 78 16.78 -1.14 -12.09
N LYS D 79 15.62 -0.91 -12.70
CA LYS D 79 15.53 -0.79 -14.15
C LYS D 79 14.95 0.55 -14.60
N ASN D 80 14.86 1.52 -13.70
CA ASN D 80 14.52 2.91 -14.04
C ASN D 80 13.19 3.01 -14.77
N THR D 81 12.19 2.28 -14.29
CA THR D 81 10.87 2.21 -14.90
C THR D 81 9.79 2.33 -13.84
N ALA D 82 8.73 3.07 -14.16
CA ALA D 82 7.56 3.21 -13.31
C ALA D 82 6.37 2.50 -13.95
N TYR D 83 5.41 2.08 -13.13
CA TYR D 83 4.28 1.28 -13.58
C TYR D 83 2.98 1.85 -13.03
N LEU D 84 1.90 1.63 -13.77
CA LEU D 84 0.55 2.00 -13.34
C LEU D 84 -0.35 0.79 -13.57
N GLN D 85 -0.69 0.08 -12.50
CA GLN D 85 -1.63 -1.02 -12.56
C GLN D 85 -3.05 -0.46 -12.56
N MET D 86 -3.84 -0.82 -13.57
CA MET D 86 -5.20 -0.30 -13.75
C MET D 86 -6.18 -1.46 -13.67
N ASN D 87 -6.92 -1.56 -12.57
CA ASN D 87 -7.92 -2.60 -12.38
C ASN D 87 -9.32 -2.02 -12.32
N SER D 88 -10.31 -2.87 -12.59
CA SER D 88 -11.72 -2.49 -12.54
C SER D 88 -12.00 -1.28 -13.42
N LEU D 89 -11.57 -1.36 -14.68
CA LEU D 89 -11.68 -0.23 -15.59
C LEU D 89 -13.13 0.03 -15.95
N ARG D 90 -13.48 1.31 -16.06
CA ARG D 90 -14.79 1.78 -16.48
C ARG D 90 -14.67 2.45 -17.84
N ALA D 91 -15.81 2.62 -18.50
CA ALA D 91 -15.85 3.29 -19.79
C ALA D 91 -15.28 4.70 -19.70
N GLU D 92 -15.47 5.36 -18.56
CA GLU D 92 -14.99 6.74 -18.37
C GLU D 92 -13.49 6.82 -18.18
N ASP D 93 -12.78 5.70 -18.16
CA ASP D 93 -11.32 5.71 -18.07
C ASP D 93 -10.65 5.81 -19.43
N THR D 94 -11.43 5.90 -20.51
CA THR D 94 -10.87 5.99 -21.85
C THR D 94 -10.19 7.34 -22.06
N ALA D 95 -8.91 7.33 -22.38
CA ALA D 95 -8.10 8.53 -22.60
C ALA D 95 -6.72 8.11 -23.07
N VAL D 96 -5.93 9.11 -23.48
CA VAL D 96 -4.49 8.96 -23.69
C VAL D 96 -3.80 9.20 -22.35
N TYR D 97 -2.92 8.28 -21.95
CA TYR D 97 -2.23 8.36 -20.67
C TYR D 97 -0.78 8.78 -20.87
N TYR D 98 -0.38 9.85 -20.16
CA TYR D 98 0.97 10.38 -20.19
C TYR D 98 1.69 10.12 -18.87
N CYS D 99 3.02 10.05 -18.95
CA CYS D 99 3.85 10.00 -17.75
CA CYS D 99 3.89 9.97 -17.78
C CYS D 99 4.83 11.16 -17.83
N ALA D 100 4.91 11.93 -16.74
CA ALA D 100 5.71 13.15 -16.69
C ALA D 100 6.63 13.13 -15.48
N ARG D 101 7.68 13.94 -15.55
CA ARG D 101 8.71 14.00 -14.52
C ARG D 101 8.62 15.28 -13.71
N TYR D 102 8.76 15.13 -12.39
CA TYR D 102 9.03 16.24 -11.49
C TYR D 102 10.47 16.07 -11.01
N LYS D 103 11.29 17.12 -11.19
CA LYS D 103 12.74 16.94 -11.20
C LYS D 103 13.31 16.44 -9.87
N TYR D 104 12.69 16.81 -8.75
CA TYR D 104 13.23 16.48 -7.44
C TYR D 104 12.29 15.57 -6.67
N PRO D 105 12.76 14.92 -5.60
CA PRO D 105 11.83 14.19 -4.72
C PRO D 105 10.83 15.15 -4.10
N TYR D 106 9.71 14.60 -3.67
CA TYR D 106 8.60 15.40 -3.19
C TYR D 106 8.51 15.38 -1.66
N TRP D 107 8.50 16.56 -1.06
CA TRP D 107 8.15 16.78 0.32
C TRP D 107 7.16 17.93 0.39
N SER D 108 6.21 17.85 1.33
CA SER D 108 5.14 18.84 1.40
C SER D 108 5.70 20.24 1.64
N TRP D 109 6.71 20.38 2.49
CA TRP D 109 7.30 21.68 2.77
C TRP D 109 8.21 22.17 1.64
N TYR D 110 8.43 21.35 0.61
CA TYR D 110 9.20 21.76 -0.58
C TYR D 110 8.34 21.72 -1.84
N TYR D 111 7.03 21.96 -1.72
CA TYR D 111 6.14 21.83 -2.86
C TYR D 111 6.44 22.85 -3.96
N TYR D 112 6.92 24.03 -3.58
CA TYR D 112 7.12 25.18 -4.48
C TYR D 112 8.27 25.00 -5.47
N TRP D 113 8.86 23.82 -5.68
CA TRP D 113 10.05 23.72 -6.53
C TRP D 113 9.73 23.72 -8.03
N GLY D 114 8.46 23.61 -8.42
CA GLY D 114 8.11 23.79 -9.81
C GLY D 114 7.12 22.74 -10.29
N GLY D 115 7.07 22.56 -11.61
CA GLY D 115 6.11 21.65 -12.21
C GLY D 115 6.73 20.50 -12.98
N MET D 116 6.03 20.03 -14.00
CA MET D 116 6.44 18.86 -14.77
C MET D 116 7.14 19.31 -16.05
N ASP D 117 8.42 18.97 -16.18
CA ASP D 117 9.25 19.51 -17.26
C ASP D 117 9.41 18.58 -18.45
N TYR D 118 9.22 17.27 -18.28
CA TYR D 118 9.38 16.32 -19.38
C TYR D 118 8.23 15.33 -19.39
N TRP D 119 7.67 15.09 -20.58
CA TRP D 119 6.52 14.23 -20.75
C TRP D 119 6.83 13.14 -21.77
N GLY D 120 6.21 11.97 -21.58
CA GLY D 120 6.32 10.90 -22.54
C GLY D 120 5.37 11.09 -23.71
N GLN D 121 5.47 10.17 -24.68
CA GLN D 121 4.68 10.31 -25.90
C GLN D 121 3.20 9.96 -25.69
N GLY D 122 2.90 9.10 -24.72
CA GLY D 122 1.54 8.72 -24.42
C GLY D 122 1.16 7.37 -25.01
N THR D 123 0.12 6.77 -24.42
CA THR D 123 -0.44 5.52 -24.90
C THR D 123 -1.95 5.56 -24.72
N LEU D 124 -2.68 5.02 -25.71
CA LEU D 124 -4.13 5.11 -25.72
C LEU D 124 -4.76 3.92 -25.00
N VAL D 125 -5.75 4.21 -24.17
CA VAL D 125 -6.49 3.19 -23.42
C VAL D 125 -7.97 3.38 -23.71
N THR D 126 -8.62 2.32 -24.17
CA THR D 126 -10.06 2.35 -24.46
C THR D 126 -10.75 1.24 -23.67
N VAL D 127 -11.82 1.60 -22.97
CA VAL D 127 -12.63 0.66 -22.22
C VAL D 127 -14.01 0.66 -22.85
N SER D 128 -14.40 -0.46 -23.45
CA SER D 128 -15.65 -0.54 -24.17
C SER D 128 -16.12 -1.98 -24.23
N SER D 129 -17.42 -2.15 -24.46
CA SER D 129 -18.02 -3.46 -24.62
C SER D 129 -18.05 -3.92 -26.08
N ALA D 130 -17.77 -3.04 -27.02
CA ALA D 130 -17.79 -3.40 -28.43
C ALA D 130 -16.54 -4.19 -28.79
N SER D 131 -16.68 -5.06 -29.78
CA SER D 131 -15.58 -5.88 -30.25
C SER D 131 -14.77 -5.16 -31.33
N THR D 132 -13.57 -5.66 -31.57
CA THR D 132 -12.71 -5.10 -32.61
C THR D 132 -13.37 -5.31 -33.98
N LYS D 133 -13.18 -4.35 -34.87
CA LYS D 133 -13.78 -4.39 -36.19
C LYS D 133 -12.88 -3.67 -37.19
N GLY D 134 -12.52 -4.38 -38.26
CA GLY D 134 -11.73 -3.80 -39.32
C GLY D 134 -12.59 -2.93 -40.22
N PRO D 135 -11.96 -1.99 -40.92
CA PRO D 135 -12.72 -1.05 -41.74
C PRO D 135 -12.96 -1.52 -43.17
N SER D 136 -13.96 -0.91 -43.79
CA SER D 136 -14.20 -1.02 -45.22
C SER D 136 -13.69 0.26 -45.88
N VAL D 137 -12.92 0.10 -46.95
CA VAL D 137 -12.32 1.23 -47.65
C VAL D 137 -13.04 1.41 -48.98
N PHE D 138 -13.78 2.51 -49.12
CA PHE D 138 -14.49 2.82 -50.36
C PHE D 138 -13.87 4.05 -51.02
N PRO D 139 -13.67 4.03 -52.34
CA PRO D 139 -13.07 5.17 -53.02
C PRO D 139 -14.06 6.31 -53.23
N LEU D 140 -13.51 7.53 -53.27
CA LEU D 140 -14.27 8.73 -53.58
C LEU D 140 -13.81 9.22 -54.95
N ALA D 141 -14.50 8.78 -55.98
CA ALA D 141 -14.04 9.03 -57.35
C ALA D 141 -14.29 10.48 -57.75
N PRO D 142 -13.36 11.10 -58.48
CA PRO D 142 -13.58 12.47 -58.98
C PRO D 142 -14.66 12.50 -60.04
N SER D 143 -15.60 13.44 -59.89
CA SER D 143 -16.68 13.61 -60.86
C SER D 143 -16.71 15.04 -61.41
N THR D 151 -8.61 21.90 -61.13
CA THR D 151 -8.30 21.15 -59.92
C THR D 151 -9.37 20.09 -59.64
N ALA D 152 -8.94 18.90 -59.24
CA ALA D 152 -9.84 17.80 -58.94
C ALA D 152 -9.50 17.20 -57.58
N ALA D 153 -10.50 16.64 -56.92
CA ALA D 153 -10.35 16.05 -55.60
C ALA D 153 -10.70 14.57 -55.65
N LEU D 154 -10.05 13.79 -54.80
CA LEU D 154 -10.32 12.36 -54.71
C LEU D 154 -9.83 11.84 -53.37
N GLY D 155 -10.31 10.67 -53.00
CA GLY D 155 -9.90 10.08 -51.74
C GLY D 155 -10.56 8.74 -51.51
N CYS D 156 -10.39 8.22 -50.30
CA CYS D 156 -11.08 7.01 -49.89
C CYS D 156 -11.80 7.25 -48.57
N LEU D 157 -12.82 6.43 -48.34
CA LEU D 157 -13.65 6.50 -47.14
C LEU D 157 -13.36 5.27 -46.28
N VAL D 158 -12.96 5.50 -45.03
CA VAL D 158 -12.63 4.43 -44.10
C VAL D 158 -13.80 4.33 -43.12
N LYS D 159 -14.68 3.37 -43.36
CA LYS D 159 -15.98 3.32 -42.71
C LYS D 159 -16.12 2.08 -41.82
N ASP D 160 -16.71 2.28 -40.64
CA ASP D 160 -17.16 1.22 -39.75
C ASP D 160 -16.01 0.38 -39.19
N TYR D 161 -15.19 0.99 -38.33
CA TYR D 161 -14.12 0.28 -37.67
C TYR D 161 -14.15 0.59 -36.18
N PHE D 162 -13.44 -0.24 -35.41
CA PHE D 162 -13.33 -0.06 -33.97
C PHE D 162 -12.20 -0.92 -33.42
N PRO D 163 -11.35 -0.39 -32.54
CA PRO D 163 -11.38 1.00 -32.08
C PRO D 163 -10.40 1.90 -32.84
N GLU D 164 -10.19 3.11 -32.32
CA GLU D 164 -9.15 4.00 -32.85
C GLU D 164 -7.77 3.42 -32.54
N PRO D 165 -6.74 3.77 -33.34
CA PRO D 165 -6.80 4.65 -34.50
C PRO D 165 -6.60 3.93 -35.84
N VAL D 166 -6.61 4.70 -36.92
CA VAL D 166 -6.23 4.24 -38.25
C VAL D 166 -5.22 5.21 -38.81
N THR D 167 -4.34 4.70 -39.67
CA THR D 167 -3.39 5.53 -40.41
C THR D 167 -3.69 5.45 -41.90
N VAL D 168 -3.55 6.58 -42.58
CA VAL D 168 -3.83 6.69 -44.01
C VAL D 168 -2.67 7.42 -44.68
N SER D 169 -2.10 6.78 -45.70
CA SER D 169 -1.05 7.40 -46.51
CA SER D 169 -1.04 7.38 -46.51
C SER D 169 -1.44 7.32 -47.97
N TRP D 170 -0.72 8.07 -48.81
CA TRP D 170 -1.00 8.14 -50.24
C TRP D 170 0.27 7.83 -51.02
N ASN D 171 0.20 6.82 -51.89
CA ASN D 171 1.35 6.36 -52.67
C ASN D 171 2.52 6.00 -51.76
N SER D 172 2.20 5.26 -50.69
CA SER D 172 3.18 4.81 -49.71
C SER D 172 3.96 5.96 -49.08
N GLY D 173 3.32 7.13 -48.98
CA GLY D 173 3.92 8.29 -48.38
C GLY D 173 4.56 9.26 -49.35
N ALA D 174 4.69 8.89 -50.63
CA ALA D 174 5.30 9.75 -51.63
C ALA D 174 4.44 10.95 -51.99
N LEU D 175 3.16 10.95 -51.63
CA LEU D 175 2.24 12.04 -51.95
C LEU D 175 1.82 12.69 -50.63
N THR D 176 2.22 13.94 -50.44
CA THR D 176 1.89 14.66 -49.20
C THR D 176 1.21 15.99 -49.49
N SER D 177 1.51 16.59 -50.64
CA SER D 177 0.98 17.92 -50.96
C SER D 177 -0.49 17.83 -51.31
N GLY D 178 -1.31 18.64 -50.64
CA GLY D 178 -2.73 18.70 -50.91
C GLY D 178 -3.56 17.60 -50.27
N VAL D 179 -3.00 16.86 -49.31
CA VAL D 179 -3.71 15.76 -48.65
C VAL D 179 -4.32 16.30 -47.36
N HIS D 180 -5.58 15.94 -47.12
CA HIS D 180 -6.27 16.27 -45.88
C HIS D 180 -6.94 15.02 -45.35
N THR D 181 -6.53 14.58 -44.16
CA THR D 181 -7.16 13.47 -43.46
C THR D 181 -7.97 14.03 -42.30
N PHE D 182 -9.28 13.76 -42.30
CA PHE D 182 -10.18 14.36 -41.35
C PHE D 182 -10.28 13.51 -40.08
N PRO D 183 -10.59 14.13 -38.93
CA PRO D 183 -10.81 13.34 -37.72
C PRO D 183 -12.04 12.46 -37.87
N ALA D 184 -11.97 11.26 -37.31
CA ALA D 184 -13.07 10.32 -37.40
C ALA D 184 -14.27 10.80 -36.58
N VAL D 185 -15.43 10.33 -36.97
CA VAL D 185 -16.68 10.60 -36.26
C VAL D 185 -17.23 9.28 -35.73
N LEU D 186 -17.84 9.33 -34.56
CA LEU D 186 -18.45 8.15 -33.95
C LEU D 186 -19.90 8.10 -34.41
N GLN D 187 -20.21 7.11 -35.24
CA GLN D 187 -21.56 6.98 -35.77
C GLN D 187 -22.51 6.48 -34.69
N SER D 188 -23.81 6.53 -35.01
CA SER D 188 -24.82 6.04 -34.07
C SER D 188 -24.74 4.54 -33.86
N SER D 189 -24.12 3.81 -34.78
CA SER D 189 -23.95 2.37 -34.64
C SER D 189 -22.81 1.99 -33.71
N GLY D 190 -22.12 2.97 -33.12
CA GLY D 190 -20.97 2.70 -32.28
C GLY D 190 -19.68 2.44 -33.01
N LEU D 191 -19.63 2.69 -34.31
CA LEU D 191 -18.43 2.48 -35.10
C LEU D 191 -17.93 3.81 -35.65
N TYR D 192 -16.62 3.89 -35.89
CA TYR D 192 -15.99 5.10 -36.38
C TYR D 192 -16.00 5.14 -37.90
N SER D 193 -15.83 6.34 -38.44
CA SER D 193 -15.77 6.55 -39.88
C SER D 193 -14.86 7.74 -40.17
N LEU D 194 -14.00 7.59 -41.17
CA LEU D 194 -12.99 8.59 -41.49
C LEU D 194 -12.91 8.79 -42.99
N SER D 195 -12.48 9.98 -43.39
CA SER D 195 -12.27 10.31 -44.79
CA SER D 195 -12.27 10.32 -44.79
C SER D 195 -10.89 10.93 -44.97
N SER D 196 -10.28 10.65 -46.12
CA SER D 196 -8.99 11.22 -46.49
C SER D 196 -9.05 11.59 -47.97
N VAL D 197 -8.68 12.82 -48.29
CA VAL D 197 -8.78 13.35 -49.65
C VAL D 197 -7.48 14.01 -50.06
N VAL D 198 -7.34 14.21 -51.37
CA VAL D 198 -6.19 14.90 -51.94
C VAL D 198 -6.63 15.68 -53.17
N THR D 199 -6.17 16.92 -53.27
CA THR D 199 -6.45 17.78 -54.42
C THR D 199 -5.29 17.68 -55.40
N VAL D 200 -5.61 17.44 -56.67
CA VAL D 200 -4.59 17.25 -57.70
C VAL D 200 -5.02 17.97 -58.97
N PRO D 201 -4.06 18.38 -59.80
CA PRO D 201 -4.40 18.96 -61.10
C PRO D 201 -5.18 17.98 -61.97
N SER D 202 -6.14 18.52 -62.72
CA SER D 202 -7.02 17.67 -63.53
C SER D 202 -6.27 16.96 -64.65
N SER D 203 -5.23 17.58 -65.20
CA SER D 203 -4.50 16.98 -66.31
C SER D 203 -3.79 15.69 -65.90
N SER D 204 -3.40 15.58 -64.63
CA SER D 204 -2.66 14.41 -64.17
C SER D 204 -3.55 13.19 -63.94
N LEU D 205 -4.87 13.33 -64.06
CA LEU D 205 -5.78 12.21 -63.85
C LEU D 205 -5.58 11.09 -64.86
N GLY D 206 -4.91 11.35 -65.98
CA GLY D 206 -4.74 10.34 -67.00
C GLY D 206 -3.54 9.44 -66.82
N THR D 207 -2.40 10.02 -66.43
CA THR D 207 -1.15 9.29 -66.34
C THR D 207 -0.83 8.79 -64.94
N GLN D 208 -1.04 9.61 -63.91
CA GLN D 208 -0.62 9.26 -62.56
C GLN D 208 -1.66 8.39 -61.87
N THR D 209 -1.18 7.40 -61.11
CA THR D 209 -2.03 6.51 -60.33
C THR D 209 -2.01 6.93 -58.87
N TYR D 210 -3.17 6.83 -58.22
CA TYR D 210 -3.34 7.27 -56.84
C TYR D 210 -3.91 6.13 -56.02
N ILE D 211 -3.19 5.73 -54.98
CA ILE D 211 -3.59 4.64 -54.10
C ILE D 211 -3.51 5.12 -52.66
N CYS D 212 -4.56 4.88 -51.88
CA CYS D 212 -4.59 5.25 -50.48
C CYS D 212 -4.32 4.00 -49.64
N ASN D 213 -3.42 4.13 -48.67
CA ASN D 213 -3.00 3.01 -47.83
C ASN D 213 -3.63 3.14 -46.45
N VAL D 214 -4.48 2.19 -46.09
CA VAL D 214 -5.19 2.19 -44.83
C VAL D 214 -4.63 1.08 -43.95
N ASN D 215 -4.27 1.43 -42.72
CA ASN D 215 -3.78 0.48 -41.74
CA ASN D 215 -3.77 0.48 -41.75
C ASN D 215 -4.62 0.58 -40.48
N HIS D 216 -5.04 -0.57 -39.95
CA HIS D 216 -5.79 -0.63 -38.69
C HIS D 216 -5.20 -1.82 -37.93
N LYS D 217 -4.19 -1.54 -37.11
CA LYS D 217 -3.43 -2.57 -36.41
C LYS D 217 -4.24 -3.33 -35.37
N PRO D 218 -5.13 -2.69 -34.60
CA PRO D 218 -5.95 -3.46 -33.65
C PRO D 218 -6.66 -4.67 -34.24
N SER D 219 -6.96 -4.65 -35.55
CA SER D 219 -7.65 -5.76 -36.20
C SER D 219 -6.78 -6.47 -37.24
N ASN D 220 -5.50 -6.12 -37.33
CA ASN D 220 -4.58 -6.71 -38.32
C ASN D 220 -5.13 -6.54 -39.74
N THR D 221 -5.58 -5.33 -40.04
CA THR D 221 -6.19 -5.02 -41.33
C THR D 221 -5.32 -4.04 -42.10
N LYS D 222 -4.95 -4.41 -43.32
CA LYS D 222 -4.13 -3.57 -44.18
C LYS D 222 -4.75 -3.60 -45.57
N VAL D 223 -5.09 -2.42 -46.10
CA VAL D 223 -5.80 -2.29 -47.37
C VAL D 223 -5.14 -1.22 -48.22
N ASP D 224 -4.80 -1.56 -49.46
CA ASP D 224 -4.31 -0.62 -50.46
C ASP D 224 -5.37 -0.53 -51.55
N LYS D 225 -5.98 0.65 -51.70
CA LYS D 225 -7.10 0.84 -52.62
C LYS D 225 -6.69 1.85 -53.69
N LYS D 226 -6.74 1.42 -54.95
CA LYS D 226 -6.49 2.32 -56.07
C LYS D 226 -7.75 3.09 -56.42
N VAL D 227 -7.60 4.39 -56.65
CA VAL D 227 -8.71 5.28 -56.97
C VAL D 227 -8.54 5.79 -58.39
N GLU D 228 -9.59 5.68 -59.18
CA GLU D 228 -9.60 6.11 -60.57
C GLU D 228 -10.97 6.71 -60.87
N PRO D 229 -11.09 7.53 -61.94
CA PRO D 229 -12.36 8.18 -62.24
C PRO D 229 -13.48 7.20 -62.59
N SER E 1 0.68 -23.61 -6.63
CA SER E 1 -0.38 -22.85 -5.97
C SER E 1 -1.72 -23.57 -6.10
N ASP E 2 -1.66 -24.89 -6.25
CA ASP E 2 -2.86 -25.71 -6.32
C ASP E 2 -2.80 -26.80 -5.28
N ILE E 3 -3.92 -27.03 -4.59
CA ILE E 3 -4.01 -28.10 -3.60
C ILE E 3 -5.48 -28.41 -3.37
N GLN E 4 -5.77 -29.64 -2.96
CA GLN E 4 -7.13 -30.11 -2.74
C GLN E 4 -7.21 -30.85 -1.42
N MET E 5 -8.24 -30.55 -0.65
CA MET E 5 -8.47 -31.16 0.65
C MET E 5 -9.73 -32.02 0.57
N THR E 6 -9.59 -33.30 0.86
CA THR E 6 -10.69 -34.26 0.78
C THR E 6 -10.90 -34.92 2.13
N GLN E 7 -12.13 -34.88 2.63
CA GLN E 7 -12.50 -35.45 3.90
C GLN E 7 -13.31 -36.73 3.71
N SER E 8 -13.18 -37.65 4.67
CA SER E 8 -13.97 -38.89 4.65
C SER E 8 -14.26 -39.28 6.09
N PRO E 9 -15.49 -39.75 6.39
CA PRO E 9 -16.62 -39.77 5.48
C PRO E 9 -17.28 -38.40 5.37
N SER E 10 -18.25 -38.26 4.47
CA SER E 10 -19.01 -37.02 4.36
C SER E 10 -20.13 -36.93 5.39
N SER E 11 -20.45 -38.02 6.07
CA SER E 11 -21.54 -38.06 7.03
C SER E 11 -21.43 -39.34 7.84
N LEU E 12 -21.78 -39.26 9.12
CA LEU E 12 -21.75 -40.43 9.99
C LEU E 12 -22.75 -40.25 11.11
N SER E 13 -23.30 -41.37 11.59
CA SER E 13 -24.29 -41.38 12.65
CA SER E 13 -24.30 -41.39 12.64
C SER E 13 -23.72 -42.10 13.86
N ALA E 14 -23.85 -41.47 15.03
CA ALA E 14 -23.29 -42.05 16.24
C ALA E 14 -24.20 -41.71 17.42
N SER E 15 -23.94 -42.39 18.54
CA SER E 15 -24.68 -42.19 19.77
C SER E 15 -23.85 -41.42 20.78
N VAL E 16 -24.55 -40.78 21.72
CA VAL E 16 -23.88 -40.09 22.82
C VAL E 16 -23.07 -41.10 23.61
N GLY E 17 -21.75 -40.87 23.68
CA GLY E 17 -20.84 -41.76 24.36
C GLY E 17 -19.96 -42.58 23.44
N ASP E 18 -20.17 -42.50 22.13
CA ASP E 18 -19.38 -43.28 21.20
C ASP E 18 -18.04 -42.61 20.90
N ARG E 19 -17.14 -43.36 20.28
CA ARG E 19 -15.88 -42.86 19.78
C ARG E 19 -15.97 -42.69 18.27
N VAL E 20 -15.53 -41.54 17.77
CA VAL E 20 -15.68 -41.15 16.36
C VAL E 20 -14.33 -40.69 15.83
N THR E 21 -14.06 -40.99 14.55
CA THR E 21 -12.80 -40.65 13.90
C THR E 21 -13.10 -40.17 12.49
N ILE E 22 -12.62 -38.96 12.16
CA ILE E 22 -12.76 -38.39 10.82
C ILE E 22 -11.37 -38.26 10.21
N THR E 23 -11.28 -38.38 8.89
CA THR E 23 -10.00 -38.31 8.20
C THR E 23 -10.00 -37.19 7.18
N CYS E 24 -8.81 -36.65 6.91
CA CYS E 24 -8.60 -35.58 5.95
C CYS E 24 -7.32 -35.85 5.19
N ARG E 25 -7.36 -35.62 3.88
CA ARG E 25 -6.20 -35.87 3.04
C ARG E 25 -5.95 -34.67 2.13
N ALA E 26 -4.68 -34.33 1.98
CA ALA E 26 -4.24 -33.24 1.12
C ALA E 26 -3.50 -33.81 -0.08
N SER E 27 -3.58 -33.11 -1.21
CA SER E 27 -2.94 -33.59 -2.44
C SER E 27 -1.47 -33.23 -2.51
N GLN E 28 -0.93 -32.51 -1.54
CA GLN E 28 0.49 -32.16 -1.51
C GLN E 28 0.99 -32.24 -0.09
N SER E 29 2.31 -32.42 0.04
CA SER E 29 2.93 -32.46 1.36
C SER E 29 2.91 -31.06 1.97
N VAL E 30 2.48 -30.97 3.23
CA VAL E 30 2.35 -29.67 3.89
C VAL E 30 2.80 -29.76 5.33
N SER E 31 3.62 -30.76 5.65
CA SER E 31 4.09 -31.04 7.02
C SER E 31 2.84 -31.27 7.88
N SER E 32 2.75 -30.68 9.07
CA SER E 32 1.56 -30.81 9.91
C SER E 32 0.80 -29.51 10.05
N ALA E 33 0.86 -28.66 9.01
CA ALA E 33 0.16 -27.38 9.03
C ALA E 33 -1.29 -27.57 8.59
N VAL E 34 -2.05 -28.23 9.47
CA VAL E 34 -3.48 -28.48 9.24
C VAL E 34 -4.23 -28.21 10.54
N ALA E 35 -5.39 -27.56 10.42
CA ALA E 35 -6.23 -27.23 11.55
C ALA E 35 -7.63 -27.79 11.34
N TRP E 36 -8.35 -27.99 12.45
CA TRP E 36 -9.71 -28.51 12.44
C TRP E 36 -10.65 -27.50 13.09
N TYR E 37 -11.83 -27.34 12.49
CA TYR E 37 -12.83 -26.39 12.96
C TYR E 37 -14.16 -27.11 13.17
N GLN E 38 -15.01 -26.49 14.00
CA GLN E 38 -16.38 -26.94 14.24
C GLN E 38 -17.35 -25.82 13.89
N GLN E 39 -18.46 -26.19 13.25
CA GLN E 39 -19.48 -25.21 12.91
C GLN E 39 -20.87 -25.84 13.04
N LYS E 40 -21.79 -25.11 13.66
CA LYS E 40 -23.18 -25.47 13.79
C LYS E 40 -24.05 -24.56 12.93
N PRO E 41 -25.22 -25.01 12.50
CA PRO E 41 -26.04 -24.19 11.59
C PRO E 41 -26.39 -22.84 12.21
N GLY E 42 -26.13 -21.78 11.43
CA GLY E 42 -26.39 -20.43 11.89
C GLY E 42 -25.30 -19.82 12.76
N LYS E 43 -24.12 -20.42 12.82
CA LYS E 43 -23.05 -19.93 13.68
C LYS E 43 -21.74 -19.94 12.91
N ALA E 44 -20.81 -19.10 13.35
CA ALA E 44 -19.49 -19.01 12.73
C ALA E 44 -18.62 -20.17 13.19
N PRO E 45 -17.57 -20.48 12.41
CA PRO E 45 -16.68 -21.58 12.79
C PRO E 45 -15.96 -21.34 14.11
N LYS E 46 -15.44 -22.41 14.68
CA LYS E 46 -14.74 -22.41 15.96
C LYS E 46 -13.51 -23.29 15.84
N LEU E 47 -12.35 -22.76 16.26
CA LEU E 47 -11.09 -23.48 16.13
C LEU E 47 -10.96 -24.52 17.25
N LEU E 48 -10.62 -25.76 16.86
CA LEU E 48 -10.45 -26.86 17.80
C LEU E 48 -9.00 -27.32 17.89
N ILE E 49 -8.40 -27.68 16.75
CA ILE E 49 -7.05 -28.25 16.70
C ILE E 49 -6.24 -27.46 15.69
N TYR E 50 -4.96 -27.24 15.99
CA TYR E 50 -4.03 -26.68 15.03
C TYR E 50 -2.74 -27.49 15.11
N SER E 51 -1.91 -27.36 14.07
CA SER E 51 -0.67 -28.12 13.95
C SER E 51 -0.93 -29.62 14.09
N ALA E 52 -2.04 -30.06 13.51
CA ALA E 52 -2.45 -31.46 13.44
C ALA E 52 -2.90 -32.02 14.79
N SER E 53 -2.23 -31.65 15.88
CA SER E 53 -2.52 -32.29 17.16
C SER E 53 -2.51 -31.37 18.37
N SER E 54 -2.28 -30.08 18.20
CA SER E 54 -2.24 -29.15 19.31
C SER E 54 -3.66 -28.69 19.65
N LEU E 55 -4.09 -28.95 20.88
CA LEU E 55 -5.43 -28.59 21.32
C LEU E 55 -5.50 -27.11 21.70
N TYR E 56 -6.47 -26.40 21.13
CA TYR E 56 -6.67 -25.00 21.47
C TYR E 56 -7.30 -24.86 22.85
N SER E 57 -6.95 -23.78 23.55
CA SER E 57 -7.41 -23.58 24.91
C SER E 57 -8.93 -23.54 24.98
N GLY E 58 -9.49 -24.23 25.97
CA GLY E 58 -10.91 -24.33 26.15
C GLY E 58 -11.55 -25.53 25.50
N VAL E 59 -10.89 -26.16 24.53
CA VAL E 59 -11.44 -27.34 23.87
C VAL E 59 -11.29 -28.53 24.81
N PRO E 60 -12.36 -29.30 25.07
CA PRO E 60 -12.26 -30.45 25.98
C PRO E 60 -11.24 -31.48 25.48
N SER E 61 -10.62 -32.17 26.43
CA SER E 61 -9.57 -33.12 26.11
C SER E 61 -10.09 -34.38 25.42
N ARG E 62 -11.41 -34.55 25.31
CA ARG E 62 -11.94 -35.68 24.56
C ARG E 62 -11.70 -35.52 23.05
N PHE E 63 -11.35 -34.33 22.60
CA PHE E 63 -10.88 -34.12 21.23
C PHE E 63 -9.38 -34.38 21.15
N SER E 64 -8.95 -34.90 20.00
CA SER E 64 -7.54 -35.17 19.77
C SER E 64 -7.28 -35.31 18.28
N GLY E 65 -6.07 -34.92 17.87
CA GLY E 65 -5.67 -35.04 16.49
C GLY E 65 -4.37 -35.80 16.37
N SER E 66 -4.22 -36.47 15.23
CA SER E 66 -3.08 -37.35 15.01
CA SER E 66 -3.08 -37.35 15.01
C SER E 66 -2.85 -37.50 13.51
N ARG E 67 -1.90 -38.37 13.15
CA ARG E 67 -1.56 -38.67 11.77
C ARG E 67 -1.73 -40.17 11.56
N SER E 68 -2.20 -40.54 10.37
CA SER E 68 -2.32 -41.95 9.98
C SER E 68 -1.78 -42.05 8.55
N GLY E 69 -0.51 -42.43 8.42
CA GLY E 69 0.15 -42.33 7.12
C GLY E 69 0.26 -40.87 6.74
N THR E 70 -0.14 -40.56 5.51
CA THR E 70 -0.18 -39.17 5.06
C THR E 70 -1.46 -38.47 5.48
N ASP E 71 -2.44 -39.20 6.02
CA ASP E 71 -3.73 -38.62 6.34
C ASP E 71 -3.68 -37.90 7.69
N PHE E 72 -4.60 -36.95 7.85
CA PHE E 72 -4.87 -36.27 9.11
C PHE E 72 -6.17 -36.81 9.70
N THR E 73 -6.17 -37.02 11.01
CA THR E 73 -7.31 -37.63 11.70
C THR E 73 -7.75 -36.77 12.87
N LEU E 74 -9.07 -36.78 13.13
CA LEU E 74 -9.67 -36.11 14.26
C LEU E 74 -10.54 -37.13 15.00
N THR E 75 -10.36 -37.22 16.32
CA THR E 75 -11.03 -38.24 17.12
C THR E 75 -11.73 -37.61 18.31
N ILE E 76 -12.96 -38.03 18.57
CA ILE E 76 -13.73 -37.65 19.75
C ILE E 76 -13.95 -38.91 20.58
N SER E 77 -13.24 -39.00 21.71
CA SER E 77 -13.21 -40.25 22.47
C SER E 77 -14.56 -40.58 23.10
N SER E 78 -15.28 -39.57 23.59
CA SER E 78 -16.58 -39.77 24.22
C SER E 78 -17.51 -38.68 23.72
N LEU E 79 -18.35 -39.01 22.76
CA LEU E 79 -19.16 -38.00 22.08
C LEU E 79 -20.25 -37.47 23.00
N GLN E 80 -20.38 -36.14 23.06
CA GLN E 80 -21.35 -35.46 23.89
C GLN E 80 -22.39 -34.73 23.04
N PRO E 81 -23.57 -34.43 23.60
CA PRO E 81 -24.62 -33.77 22.78
C PRO E 81 -24.15 -32.51 22.08
N GLU E 82 -23.29 -31.71 22.71
CA GLU E 82 -22.78 -30.50 22.09
C GLU E 82 -21.78 -30.77 20.97
N ASP E 83 -21.31 -32.02 20.82
CA ASP E 83 -20.30 -32.33 19.81
C ASP E 83 -20.90 -32.58 18.42
N PHE E 84 -22.22 -32.62 18.29
CA PHE E 84 -22.84 -32.95 17.01
C PHE E 84 -22.87 -31.70 16.13
N ALA E 85 -22.11 -31.74 15.03
CA ALA E 85 -22.00 -30.60 14.12
C ALA E 85 -21.27 -31.01 12.84
N THR E 86 -20.76 -30.03 12.11
CA THR E 86 -19.96 -30.25 10.91
C THR E 86 -18.51 -29.85 11.21
N TYR E 87 -17.57 -30.64 10.71
CA TYR E 87 -16.15 -30.46 10.99
C TYR E 87 -15.38 -30.30 9.68
N TYR E 88 -14.50 -29.30 9.64
CA TYR E 88 -13.68 -29.00 8.47
C TYR E 88 -12.20 -29.11 8.82
N CYS E 89 -11.39 -29.48 7.84
CA CYS E 89 -9.94 -29.37 7.95
C CYS E 89 -9.47 -28.22 7.06
N GLN E 90 -8.28 -27.69 7.38
CA GLN E 90 -7.75 -26.56 6.65
C GLN E 90 -6.23 -26.59 6.69
N GLN E 91 -5.60 -26.38 5.54
CA GLN E 91 -4.15 -26.33 5.47
C GLN E 91 -3.69 -24.87 5.38
N TYR E 92 -2.51 -24.61 5.96
CA TYR E 92 -1.95 -23.25 5.94
C TYR E 92 -0.44 -23.26 5.73
N TYR E 93 0.09 -24.24 4.99
CA TYR E 93 1.49 -24.20 4.61
C TYR E 93 1.69 -23.06 3.61
N TYR E 94 2.74 -22.26 3.83
CA TYR E 94 2.90 -21.00 3.10
C TYR E 94 3.03 -21.19 1.60
N GLY E 95 3.37 -22.40 1.14
CA GLY E 95 3.52 -22.68 -0.27
C GLY E 95 2.24 -22.83 -1.06
N TYR E 96 1.10 -22.95 -0.39
CA TYR E 96 -0.20 -23.09 -1.02
C TYR E 96 -1.20 -22.16 -0.36
N PRO E 97 -2.22 -21.71 -1.10
CA PRO E 97 -3.24 -20.86 -0.49
C PRO E 97 -4.04 -21.63 0.56
N ILE E 98 -4.60 -20.86 1.49
CA ILE E 98 -5.44 -21.44 2.54
C ILE E 98 -6.62 -22.14 1.88
N THR E 99 -6.78 -23.43 2.19
CA THR E 99 -7.78 -24.28 1.54
C THR E 99 -8.46 -25.14 2.59
N PHE E 100 -9.79 -25.21 2.52
CA PHE E 100 -10.61 -25.99 3.43
C PHE E 100 -11.04 -27.29 2.75
N GLY E 101 -11.41 -28.27 3.58
CA GLY E 101 -12.06 -29.47 3.09
C GLY E 101 -13.55 -29.25 2.87
N GLN E 102 -14.20 -30.26 2.29
CA GLN E 102 -15.62 -30.15 2.00
C GLN E 102 -16.51 -30.34 3.22
N GLY E 103 -15.95 -30.72 4.36
CA GLY E 103 -16.73 -30.85 5.57
C GLY E 103 -17.19 -32.27 5.82
N THR E 104 -17.52 -32.54 7.08
CA THR E 104 -17.99 -33.85 7.51
C THR E 104 -19.10 -33.67 8.53
N LYS E 105 -20.28 -34.24 8.24
CA LYS E 105 -21.45 -34.13 9.08
C LYS E 105 -21.50 -35.26 10.11
N VAL E 106 -21.75 -34.91 11.37
CA VAL E 106 -21.91 -35.88 12.46
C VAL E 106 -23.31 -35.72 13.01
N GLU E 107 -24.17 -36.71 12.78
CA GLU E 107 -25.57 -36.66 13.17
C GLU E 107 -25.86 -37.67 14.27
N ILE E 108 -26.93 -37.40 15.03
CA ILE E 108 -27.34 -38.27 16.12
C ILE E 108 -28.04 -39.51 15.55
N LYS E 109 -27.69 -40.68 16.07
CA LYS E 109 -28.31 -41.93 15.66
C LYS E 109 -29.43 -42.29 16.64
N ARG E 110 -30.60 -42.62 16.09
CA ARG E 110 -31.73 -43.08 16.87
C ARG E 110 -32.42 -44.21 16.11
N THR E 111 -33.47 -44.76 16.72
CA THR E 111 -34.24 -45.81 16.06
C THR E 111 -35.10 -45.21 14.95
N VAL E 112 -35.50 -46.07 14.01
CA VAL E 112 -36.28 -45.64 12.85
C VAL E 112 -37.65 -45.15 13.30
N ALA E 113 -38.10 -44.05 12.72
CA ALA E 113 -39.40 -43.46 13.04
C ALA E 113 -40.09 -43.00 11.77
N ALA E 114 -41.30 -43.48 11.55
CA ALA E 114 -42.07 -43.14 10.37
C ALA E 114 -42.66 -41.73 10.49
N PRO E 115 -42.82 -41.03 9.37
CA PRO E 115 -43.36 -39.67 9.42
C PRO E 115 -44.87 -39.62 9.45
N SER E 116 -45.37 -38.55 10.07
CA SER E 116 -46.77 -38.18 9.95
C SER E 116 -46.92 -37.30 8.71
N VAL E 117 -47.88 -37.64 7.86
CA VAL E 117 -48.07 -36.97 6.58
C VAL E 117 -49.31 -36.12 6.66
N PHE E 118 -49.20 -34.86 6.23
CA PHE E 118 -50.31 -33.92 6.17
C PHE E 118 -50.27 -33.21 4.82
N ILE E 119 -51.44 -32.75 4.38
CA ILE E 119 -51.56 -32.08 3.08
C ILE E 119 -52.47 -30.87 3.26
N PHE E 120 -52.15 -29.79 2.55
CA PHE E 120 -52.90 -28.53 2.64
C PHE E 120 -53.29 -28.07 1.24
N PRO E 121 -54.57 -27.76 1.01
CA PRO E 121 -54.99 -27.22 -0.28
C PRO E 121 -54.69 -25.74 -0.37
N PRO E 122 -54.71 -25.15 -1.57
CA PRO E 122 -54.41 -23.71 -1.69
C PRO E 122 -55.42 -22.86 -0.91
N SER E 123 -54.95 -21.70 -0.45
CA SER E 123 -55.79 -20.80 0.32
C SER E 123 -56.66 -19.95 -0.62
N ASP E 124 -57.69 -19.33 -0.04
CA ASP E 124 -58.56 -18.44 -0.81
C ASP E 124 -57.78 -17.26 -1.35
N SER E 125 -56.92 -16.66 -0.53
CA SER E 125 -56.21 -15.45 -0.95
C SER E 125 -55.32 -15.72 -2.16
N GLN E 126 -54.62 -16.85 -2.17
CA GLN E 126 -53.72 -17.14 -3.28
C GLN E 126 -54.49 -17.30 -4.58
N LEU E 127 -55.62 -18.01 -4.54
CA LEU E 127 -56.41 -18.23 -5.75
C LEU E 127 -56.92 -16.90 -6.31
N LYS E 128 -57.16 -15.92 -5.45
CA LYS E 128 -57.52 -14.58 -5.91
C LYS E 128 -56.41 -13.93 -6.74
N SER E 129 -55.17 -14.39 -6.60
CA SER E 129 -54.06 -13.88 -7.38
C SER E 129 -53.80 -14.67 -8.66
N GLY E 130 -54.39 -15.85 -8.80
CA GLY E 130 -54.21 -16.63 -10.01
C GLY E 130 -53.27 -17.81 -9.90
N THR E 131 -52.93 -18.25 -8.69
CA THR E 131 -52.01 -19.36 -8.50
C THR E 131 -52.59 -20.32 -7.48
N ALA E 132 -52.11 -21.56 -7.52
CA ALA E 132 -52.54 -22.60 -6.58
C ALA E 132 -51.31 -23.37 -6.13
N SER E 133 -51.05 -23.38 -4.82
CA SER E 133 -49.95 -24.14 -4.24
C SER E 133 -50.51 -25.18 -3.28
N VAL E 134 -50.01 -26.41 -3.37
CA VAL E 134 -50.39 -27.49 -2.48
C VAL E 134 -49.15 -27.91 -1.69
N VAL E 135 -49.31 -28.13 -0.39
CA VAL E 135 -48.21 -28.40 0.51
C VAL E 135 -48.40 -29.77 1.16
N CYS E 136 -47.37 -30.61 1.10
CA CYS E 136 -47.33 -31.89 1.78
C CYS E 136 -46.29 -31.81 2.89
N LEU E 137 -46.66 -32.26 4.09
CA LEU E 137 -45.80 -32.14 5.26
C LEU E 137 -45.48 -33.52 5.82
N LEU E 138 -44.19 -33.79 6.03
CA LEU E 138 -43.70 -35.00 6.67
C LEU E 138 -43.04 -34.60 7.98
N ASN E 139 -43.62 -35.03 9.09
CA ASN E 139 -43.27 -34.50 10.41
C ASN E 139 -42.58 -35.57 11.24
N ASN E 140 -41.36 -35.27 11.70
CA ASN E 140 -40.62 -36.06 12.70
C ASN E 140 -40.39 -37.50 12.28
N PHE E 141 -39.44 -37.71 11.38
CA PHE E 141 -39.09 -39.04 10.90
C PHE E 141 -37.58 -39.22 10.99
N TYR E 142 -37.16 -40.49 10.91
CA TYR E 142 -35.75 -40.87 10.93
C TYR E 142 -35.63 -42.23 10.26
N PRO E 143 -34.61 -42.46 9.41
CA PRO E 143 -33.54 -41.51 9.02
C PRO E 143 -34.00 -40.44 8.03
N ARG E 144 -33.03 -39.69 7.49
CA ARG E 144 -33.35 -38.51 6.70
C ARG E 144 -33.88 -38.87 5.31
N GLU E 145 -33.44 -39.99 4.74
CA GLU E 145 -33.80 -40.34 3.37
C GLU E 145 -35.29 -40.62 3.26
N ALA E 146 -35.96 -39.90 2.37
CA ALA E 146 -37.39 -40.05 2.16
C ALA E 146 -37.68 -39.79 0.69
N LYS E 147 -38.92 -40.09 0.29
CA LYS E 147 -39.31 -39.95 -1.12
C LYS E 147 -40.74 -39.44 -1.17
N VAL E 148 -40.94 -38.33 -1.88
CA VAL E 148 -42.25 -37.71 -2.05
C VAL E 148 -42.58 -37.66 -3.54
N GLN E 149 -43.83 -37.97 -3.88
CA GLN E 149 -44.29 -37.94 -5.26
C GLN E 149 -45.68 -37.33 -5.31
N TRP E 150 -45.89 -36.40 -6.24
CA TRP E 150 -47.17 -35.73 -6.43
C TRP E 150 -47.96 -36.43 -7.53
N LYS E 151 -49.23 -36.70 -7.25
CA LYS E 151 -50.14 -37.30 -8.22
C LYS E 151 -51.37 -36.43 -8.35
N VAL E 152 -51.75 -36.12 -9.58
CA VAL E 152 -52.93 -35.32 -9.88
C VAL E 152 -53.80 -36.12 -10.83
N ASP E 153 -54.95 -36.59 -10.34
CA ASP E 153 -55.81 -37.51 -11.08
C ASP E 153 -55.02 -38.73 -11.54
N ASN E 154 -54.24 -39.28 -10.61
CA ASN E 154 -53.41 -40.48 -10.76
C ASN E 154 -52.22 -40.26 -11.69
N ALA E 155 -52.03 -39.05 -12.20
CA ALA E 155 -50.91 -38.75 -13.11
C ALA E 155 -49.74 -38.19 -12.31
N LEU E 156 -48.58 -38.83 -12.46
CA LEU E 156 -47.39 -38.40 -11.75
C LEU E 156 -46.93 -37.05 -12.25
N GLN E 157 -46.66 -36.13 -11.32
CA GLN E 157 -46.18 -34.80 -11.65
C GLN E 157 -44.65 -34.77 -11.61
N SER E 158 -44.08 -33.97 -12.50
CA SER E 158 -42.62 -33.84 -12.59
CA SER E 158 -42.62 -33.84 -12.59
C SER E 158 -42.27 -32.44 -13.08
N GLY E 159 -41.32 -31.81 -12.40
CA GLY E 159 -40.86 -30.49 -12.80
C GLY E 159 -41.68 -29.33 -12.30
N ASN E 160 -42.60 -29.55 -11.35
CA ASN E 160 -43.43 -28.46 -10.84
C ASN E 160 -43.55 -28.49 -9.33
N SER E 161 -42.55 -29.01 -8.63
CA SER E 161 -42.57 -29.04 -7.17
C SER E 161 -41.14 -28.88 -6.65
N GLN E 162 -41.05 -28.42 -5.40
CA GLN E 162 -39.79 -28.26 -4.71
C GLN E 162 -39.99 -28.65 -3.24
N GLU E 163 -38.88 -28.99 -2.58
CA GLU E 163 -38.94 -29.44 -1.19
C GLU E 163 -37.70 -28.99 -0.44
N SER E 164 -37.80 -29.02 0.89
CA SER E 164 -36.66 -28.70 1.75
C SER E 164 -36.84 -29.43 3.09
N VAL E 165 -35.71 -29.73 3.73
CA VAL E 165 -35.66 -30.53 4.95
C VAL E 165 -35.01 -29.72 6.06
N THR E 166 -35.54 -29.83 7.27
CA THR E 166 -34.98 -29.11 8.41
C THR E 166 -33.70 -29.78 8.91
N GLU E 167 -33.07 -29.13 9.87
CA GLU E 167 -31.95 -29.72 10.58
C GLU E 167 -32.46 -30.75 11.59
N GLN E 168 -31.56 -31.61 12.04
CA GLN E 168 -31.92 -32.62 13.03
C GLN E 168 -32.38 -31.96 14.32
N ASP E 169 -33.56 -32.36 14.80
CA ASP E 169 -34.16 -31.75 15.97
C ASP E 169 -33.28 -31.98 17.20
N SER E 170 -33.15 -30.93 18.01
CA SER E 170 -32.28 -30.99 19.18
C SER E 170 -32.89 -31.76 20.35
N LYS E 171 -34.16 -32.15 20.25
CA LYS E 171 -34.84 -32.84 21.35
C LYS E 171 -35.17 -34.30 21.06
N ASP E 172 -35.61 -34.63 19.85
CA ASP E 172 -35.91 -36.02 19.50
C ASP E 172 -35.13 -36.53 18.30
N SER E 173 -34.25 -35.70 17.73
CA SER E 173 -33.29 -36.11 16.70
C SER E 173 -33.97 -36.57 15.41
N THR E 174 -35.17 -36.05 15.11
CA THR E 174 -35.87 -36.39 13.89
C THR E 174 -35.71 -35.27 12.86
N TYR E 175 -36.21 -35.54 11.65
CA TYR E 175 -36.21 -34.59 10.56
C TYR E 175 -37.64 -34.30 10.11
N SER E 176 -37.81 -33.20 9.39
CA SER E 176 -39.10 -32.84 8.81
C SER E 176 -38.89 -32.38 7.38
N LEU E 177 -39.90 -32.56 6.55
CA LEU E 177 -39.83 -32.25 5.13
C LEU E 177 -41.10 -31.52 4.71
N SER E 178 -40.92 -30.47 3.92
CA SER E 178 -42.02 -29.70 3.35
C SER E 178 -41.86 -29.68 1.84
N SER E 179 -42.93 -30.00 1.12
CA SER E 179 -42.94 -30.02 -0.34
C SER E 179 -44.11 -29.19 -0.83
N THR E 180 -43.86 -28.39 -1.88
CA THR E 180 -44.84 -27.48 -2.43
C THR E 180 -45.02 -27.75 -3.92
N LEU E 181 -46.26 -27.98 -4.34
CA LEU E 181 -46.63 -28.15 -5.74
C LEU E 181 -47.38 -26.92 -6.19
N THR E 182 -46.86 -26.25 -7.23
CA THR E 182 -47.42 -24.99 -7.71
C THR E 182 -47.96 -25.17 -9.12
N LEU E 183 -49.18 -24.67 -9.35
CA LEU E 183 -49.81 -24.65 -10.66
C LEU E 183 -50.58 -23.35 -10.81
N SER E 184 -50.93 -23.02 -12.05
CA SER E 184 -51.79 -21.88 -12.29
C SER E 184 -53.22 -22.20 -11.85
N LYS E 185 -54.00 -21.15 -11.61
CA LYS E 185 -55.39 -21.34 -11.19
C LYS E 185 -56.21 -21.99 -12.29
N ALA E 186 -55.86 -21.76 -13.56
CA ALA E 186 -56.59 -22.38 -14.66
C ALA E 186 -56.36 -23.89 -14.69
N ASP E 187 -55.12 -24.34 -14.49
CA ASP E 187 -54.85 -25.77 -14.48
C ASP E 187 -55.38 -26.44 -13.22
N TYR E 188 -55.32 -25.73 -12.09
CA TYR E 188 -55.77 -26.30 -10.82
C TYR E 188 -57.24 -26.70 -10.88
N GLU E 189 -58.05 -25.92 -11.57
CA GLU E 189 -59.49 -26.16 -11.64
C GLU E 189 -59.89 -27.12 -12.74
N LYS E 190 -58.93 -27.70 -13.45
CA LYS E 190 -59.22 -28.73 -14.45
C LYS E 190 -59.23 -30.13 -13.88
N HIS E 191 -58.59 -30.35 -12.74
CA HIS E 191 -58.45 -31.69 -12.15
C HIS E 191 -59.15 -31.76 -10.82
N LYS E 192 -59.27 -32.99 -10.30
CA LYS E 192 -60.08 -33.28 -9.12
C LYS E 192 -59.26 -33.78 -7.95
N VAL E 193 -58.39 -34.76 -8.17
CA VAL E 193 -57.68 -35.45 -7.08
C VAL E 193 -56.24 -34.97 -7.05
N TYR E 194 -55.82 -34.49 -5.87
CA TYR E 194 -54.44 -34.05 -5.64
C TYR E 194 -53.88 -34.86 -4.48
N ALA E 195 -52.77 -35.56 -4.74
CA ALA E 195 -52.23 -36.50 -3.77
C ALA E 195 -50.72 -36.35 -3.68
N CYS E 196 -50.18 -36.63 -2.50
CA CYS E 196 -48.74 -36.73 -2.28
C CYS E 196 -48.43 -38.09 -1.67
N GLU E 197 -47.65 -38.89 -2.39
CA GLU E 197 -47.32 -40.25 -1.98
C GLU E 197 -45.94 -40.27 -1.33
N VAL E 198 -45.83 -40.94 -0.18
CA VAL E 198 -44.60 -40.95 0.62
C VAL E 198 -44.12 -42.38 0.77
N THR E 199 -42.81 -42.58 0.62
CA THR E 199 -42.17 -43.85 0.91
C THR E 199 -41.01 -43.60 1.87
N HIS E 200 -40.89 -44.44 2.88
CA HIS E 200 -39.87 -44.25 3.91
C HIS E 200 -39.58 -45.59 4.57
N GLN E 201 -38.35 -45.72 5.07
CA GLN E 201 -37.89 -46.95 5.70
C GLN E 201 -38.79 -47.38 6.85
N GLY E 202 -39.38 -46.42 7.55
CA GLY E 202 -40.28 -46.73 8.65
C GLY E 202 -41.68 -47.16 8.25
N LEU E 203 -41.96 -47.24 6.96
CA LEU E 203 -43.28 -47.62 6.46
C LEU E 203 -43.17 -48.92 5.68
N SER E 204 -44.08 -49.85 5.96
CA SER E 204 -44.10 -51.12 5.23
C SER E 204 -44.71 -50.98 3.84
N SER E 205 -45.45 -49.90 3.58
CA SER E 205 -46.06 -49.67 2.29
CA SER E 205 -46.09 -49.67 2.30
C SER E 205 -46.27 -48.17 2.11
N PRO E 206 -46.24 -47.68 0.87
CA PRO E 206 -46.38 -46.23 0.66
C PRO E 206 -47.68 -45.70 1.24
N VAL E 207 -47.61 -44.46 1.73
CA VAL E 207 -48.73 -43.78 2.36
C VAL E 207 -49.15 -42.61 1.47
N THR E 208 -50.46 -42.47 1.26
CA THR E 208 -51.02 -41.45 0.39
C THR E 208 -51.97 -40.56 1.16
N LYS E 209 -51.81 -39.24 1.00
CA LYS E 209 -52.73 -38.25 1.52
C LYS E 209 -53.23 -37.42 0.37
N SER E 210 -54.55 -37.32 0.22
CA SER E 210 -55.15 -36.67 -0.92
C SER E 210 -56.40 -35.91 -0.50
N PHE E 211 -56.93 -35.13 -1.44
CA PHE E 211 -58.17 -34.42 -1.22
C PHE E 211 -58.80 -34.15 -2.58
N ASN E 212 -60.12 -33.99 -2.58
CA ASN E 212 -60.85 -33.62 -3.78
C ASN E 212 -61.09 -32.11 -3.76
N ARG E 213 -60.80 -31.45 -4.88
CA ARG E 213 -60.94 -29.99 -4.95
C ARG E 213 -62.36 -29.58 -4.60
N GLY E 214 -62.50 -28.73 -3.58
CA GLY E 214 -63.81 -28.36 -3.07
C GLY E 214 -64.46 -29.53 -2.36
N GLU E 215 -64.02 -29.81 -1.13
CA GLU E 215 -64.52 -30.95 -0.39
C GLU E 215 -64.60 -30.60 1.10
N CYS E 216 -65.20 -29.46 1.41
CA CYS E 216 -65.38 -29.06 2.80
C CYS E 216 -66.62 -29.73 3.39
N SER F 1 -9.00 20.42 -0.43
CA SER F 1 -9.74 19.22 -0.83
C SER F 1 -10.11 19.28 -2.31
N ASP F 2 -10.91 20.28 -2.66
CA ASP F 2 -11.34 20.50 -4.03
C ASP F 2 -11.04 21.94 -4.43
N ILE F 3 -10.68 22.11 -5.71
CA ILE F 3 -10.37 23.42 -6.25
C ILE F 3 -10.66 23.40 -7.75
N GLN F 4 -10.91 24.58 -8.31
CA GLN F 4 -11.31 24.73 -9.71
C GLN F 4 -10.43 25.79 -10.35
N MET F 5 -9.95 25.49 -11.56
CA MET F 5 -9.08 26.37 -12.32
C MET F 5 -9.83 26.80 -13.58
N THR F 6 -10.02 28.10 -13.74
CA THR F 6 -10.80 28.64 -14.85
C THR F 6 -9.92 29.56 -15.69
N GLN F 7 -9.88 29.31 -16.99
CA GLN F 7 -9.08 30.08 -17.92
C GLN F 7 -9.99 30.97 -18.76
N SER F 8 -9.47 32.12 -19.18
CA SER F 8 -10.23 33.02 -20.02
C SER F 8 -9.25 33.72 -20.95
N PRO F 9 -9.56 33.84 -22.26
CA PRO F 9 -10.72 33.22 -22.91
C PRO F 9 -10.48 31.75 -23.24
N SER F 10 -11.50 31.05 -23.75
CA SER F 10 -11.32 29.68 -24.19
C SER F 10 -10.68 29.58 -25.57
N SER F 11 -10.81 30.62 -26.39
CA SER F 11 -10.20 30.66 -27.71
CA SER F 11 -10.19 30.66 -27.70
C SER F 11 -10.05 32.10 -28.13
N LEU F 12 -9.05 32.36 -28.97
CA LEU F 12 -8.79 33.71 -29.45
C LEU F 12 -8.12 33.64 -30.81
N SER F 13 -8.22 34.75 -31.54
CA SER F 13 -7.61 34.89 -32.87
CA SER F 13 -7.61 34.89 -32.87
C SER F 13 -6.69 36.09 -32.87
N ALA F 14 -5.47 35.91 -33.38
CA ALA F 14 -4.48 36.96 -33.38
C ALA F 14 -3.62 36.84 -34.64
N SER F 15 -2.85 37.89 -34.92
CA SER F 15 -1.96 37.94 -36.06
C SER F 15 -0.52 37.76 -35.61
N VAL F 16 0.31 37.31 -36.55
CA VAL F 16 1.75 37.19 -36.29
C VAL F 16 2.30 38.57 -35.97
N GLY F 17 2.87 38.72 -34.78
CA GLY F 17 3.43 39.97 -34.32
C GLY F 17 2.61 40.70 -33.27
N ASP F 18 1.42 40.19 -32.93
CA ASP F 18 0.57 40.83 -31.96
C ASP F 18 1.00 40.47 -30.53
N ARG F 19 0.45 41.21 -29.57
CA ARG F 19 0.61 40.91 -28.15
C ARG F 19 -0.67 40.25 -27.65
N VAL F 20 -0.53 39.16 -26.92
CA VAL F 20 -1.65 38.35 -26.47
C VAL F 20 -1.50 38.11 -24.98
N THR F 21 -2.62 38.09 -24.26
CA THR F 21 -2.62 37.88 -22.81
C THR F 21 -3.80 37.01 -22.43
N ILE F 22 -3.52 35.89 -21.77
CA ILE F 22 -4.55 35.00 -21.27
C ILE F 22 -4.45 34.96 -19.75
N THR F 23 -5.60 34.71 -19.10
CA THR F 23 -5.67 34.73 -17.65
C THR F 23 -6.14 33.38 -17.11
N CYS F 24 -5.74 33.09 -15.88
CA CYS F 24 -6.10 31.87 -15.17
C CYS F 24 -6.43 32.25 -13.74
N ARG F 25 -7.52 31.71 -13.21
CA ARG F 25 -7.98 32.04 -11.86
C ARG F 25 -8.34 30.78 -11.10
N ALA F 26 -7.96 30.74 -9.82
CA ALA F 26 -8.25 29.61 -8.94
C ALA F 26 -9.27 30.02 -7.88
N SER F 27 -10.05 29.04 -7.42
CA SER F 27 -11.10 29.29 -6.45
C SER F 27 -10.58 29.34 -5.01
N GLN F 28 -9.29 29.10 -4.80
CA GLN F 28 -8.67 29.19 -3.48
C GLN F 28 -7.28 29.77 -3.63
N SER F 29 -6.80 30.39 -2.56
CA SER F 29 -5.45 30.94 -2.56
C SER F 29 -4.42 29.82 -2.56
N VAL F 30 -3.42 29.93 -3.45
CA VAL F 30 -2.42 28.88 -3.61
C VAL F 30 -1.04 29.53 -3.78
N SER F 31 -0.89 30.76 -3.29
CA SER F 31 0.34 31.53 -3.43
C SER F 31 0.61 31.69 -4.92
N SER F 32 1.84 31.48 -5.40
CA SER F 32 2.15 31.54 -6.83
C SER F 32 2.54 30.18 -7.38
N ALA F 33 1.98 29.11 -6.80
CA ALA F 33 2.27 27.74 -7.24
C ALA F 33 1.39 27.39 -8.44
N VAL F 34 1.69 28.03 -9.57
CA VAL F 34 0.96 27.82 -10.82
C VAL F 34 1.97 27.75 -11.96
N ALA F 35 1.74 26.82 -12.90
CA ALA F 35 2.60 26.63 -14.05
C ALA F 35 1.78 26.74 -15.33
N TRP F 36 2.47 27.04 -16.43
CA TRP F 36 1.84 27.17 -17.74
C TRP F 36 2.48 26.19 -18.72
N TYR F 37 1.64 25.57 -19.55
CA TYR F 37 2.09 24.57 -20.50
C TYR F 37 1.61 24.94 -21.91
N GLN F 38 2.33 24.42 -22.90
CA GLN F 38 1.96 24.56 -24.30
C GLN F 38 1.78 23.17 -24.90
N GLN F 39 0.74 22.98 -25.71
CA GLN F 39 0.47 21.70 -26.35
C GLN F 39 -0.08 21.94 -27.75
N LYS F 40 0.45 21.20 -28.71
CA LYS F 40 0.00 21.19 -30.09
C LYS F 40 -0.69 19.88 -30.41
N PRO F 41 -1.61 19.86 -31.39
CA PRO F 41 -2.36 18.64 -31.67
C PRO F 41 -1.44 17.48 -32.05
N GLY F 42 -1.64 16.35 -31.38
CA GLY F 42 -0.83 15.17 -31.60
C GLY F 42 0.49 15.17 -30.88
N LYS F 43 0.69 16.06 -29.92
CA LYS F 43 1.95 16.20 -29.22
C LYS F 43 1.70 16.37 -27.73
N ALA F 44 2.66 15.93 -26.91
CA ALA F 44 2.54 16.00 -25.46
C ALA F 44 2.80 17.41 -24.97
N PRO F 45 2.29 17.76 -23.78
CA PRO F 45 2.47 19.13 -23.28
C PRO F 45 3.94 19.48 -23.08
N LYS F 46 4.19 20.78 -22.97
CA LYS F 46 5.54 21.32 -22.83
C LYS F 46 5.51 22.44 -21.79
N LEU F 47 6.42 22.36 -20.82
CA LEU F 47 6.45 23.33 -19.72
C LEU F 47 7.12 24.62 -20.18
N LEU F 48 6.46 25.75 -19.91
CA LEU F 48 6.96 27.08 -20.25
C LEU F 48 7.31 27.91 -19.04
N ILE F 49 6.37 28.08 -18.10
CA ILE F 49 6.54 28.94 -16.93
C ILE F 49 6.16 28.13 -15.69
N TYR F 50 6.89 28.35 -14.59
CA TYR F 50 6.53 27.81 -13.30
C TYR F 50 6.70 28.91 -12.26
N SER F 51 6.09 28.70 -11.09
CA SER F 51 6.09 29.69 -10.02
C SER F 51 5.56 31.04 -10.50
N ALA F 52 4.53 30.98 -11.36
CA ALA F 52 3.82 32.13 -11.90
C ALA F 52 4.64 32.93 -12.91
N SER F 53 5.94 33.09 -12.67
CA SER F 53 6.74 33.98 -13.50
C SER F 53 8.15 33.48 -13.81
N SER F 54 8.53 32.28 -13.39
CA SER F 54 9.88 31.78 -13.64
C SER F 54 9.93 31.13 -15.02
N LEU F 55 10.79 31.67 -15.88
CA LEU F 55 10.94 31.16 -17.24
C LEU F 55 11.81 29.91 -17.23
N TYR F 56 11.29 28.83 -17.82
CA TYR F 56 12.06 27.59 -17.92
C TYR F 56 13.17 27.75 -18.96
N SER F 57 14.29 27.09 -18.72
CA SER F 57 15.45 27.26 -19.59
C SER F 57 15.12 26.88 -21.02
N GLY F 58 15.56 27.73 -21.96
CA GLY F 58 15.30 27.52 -23.36
C GLY F 58 14.06 28.21 -23.90
N VAL F 59 13.13 28.60 -23.04
CA VAL F 59 11.91 29.24 -23.50
C VAL F 59 12.21 30.68 -23.93
N PRO F 60 11.78 31.10 -25.11
CA PRO F 60 12.09 32.46 -25.56
C PRO F 60 11.53 33.52 -24.63
N SER F 61 12.24 34.65 -24.54
CA SER F 61 11.88 35.71 -23.62
C SER F 61 10.61 36.45 -24.00
N ARG F 62 10.05 36.17 -25.18
CA ARG F 62 8.77 36.78 -25.54
C ARG F 62 7.61 36.24 -24.71
N PHE F 63 7.81 35.11 -24.02
CA PHE F 63 6.86 34.63 -23.03
C PHE F 63 7.15 35.27 -21.68
N SER F 64 6.09 35.50 -20.91
CA SER F 64 6.26 36.07 -19.57
C SER F 64 5.00 35.81 -18.76
N GLY F 65 5.18 35.67 -17.45
CA GLY F 65 4.07 35.49 -16.53
C GLY F 65 4.16 36.51 -15.42
N SER F 66 3.00 36.78 -14.81
CA SER F 66 2.90 37.77 -13.75
CA SER F 66 2.90 37.76 -13.74
C SER F 66 1.56 37.59 -13.03
N ARG F 67 1.27 38.49 -12.10
CA ARG F 67 0.02 38.50 -11.36
C ARG F 67 -0.73 39.79 -11.64
N SER F 68 -2.06 39.70 -11.75
CA SER F 68 -2.92 40.87 -11.91
C SER F 68 -4.13 40.68 -10.99
N GLY F 69 -4.05 41.27 -9.79
CA GLY F 69 -5.08 41.00 -8.79
C GLY F 69 -5.01 39.54 -8.37
N THR F 70 -6.17 38.87 -8.39
CA THR F 70 -6.21 37.45 -8.08
C THR F 70 -5.85 36.57 -9.28
N ASP F 71 -5.74 37.15 -10.47
CA ASP F 71 -5.50 36.37 -11.68
C ASP F 71 -4.02 36.04 -11.87
N PHE F 72 -3.78 34.96 -12.59
CA PHE F 72 -2.47 34.62 -13.13
C PHE F 72 -2.49 34.95 -14.61
N THR F 73 -1.42 35.56 -15.10
CA THR F 73 -1.40 36.05 -16.47
C THR F 73 -0.23 35.49 -17.25
N LEU F 74 -0.45 35.27 -18.54
CA LEU F 74 0.57 34.83 -19.47
C LEU F 74 0.51 35.74 -20.69
N THR F 75 1.66 36.29 -21.09
CA THR F 75 1.72 37.27 -22.16
C THR F 75 2.77 36.86 -23.18
N ILE F 76 2.42 36.97 -24.47
CA ILE F 76 3.34 36.74 -25.57
C ILE F 76 3.49 38.06 -26.30
N SER F 77 4.66 38.70 -26.15
CA SER F 77 4.82 40.07 -26.63
C SER F 77 4.82 40.14 -28.16
N SER F 78 5.40 39.13 -28.82
CA SER F 78 5.47 39.12 -30.28
C SER F 78 5.15 37.71 -30.75
N LEU F 79 3.91 37.51 -31.21
CA LEU F 79 3.45 36.17 -31.56
C LEU F 79 4.14 35.68 -32.82
N GLN F 80 4.65 34.45 -32.76
CA GLN F 80 5.37 33.81 -33.85
C GLN F 80 4.59 32.60 -34.35
N PRO F 81 4.84 32.15 -35.58
CA PRO F 81 4.08 31.00 -36.12
C PRO F 81 4.13 29.75 -35.24
N GLU F 82 5.26 29.46 -34.61
CA GLU F 82 5.37 28.29 -33.74
C GLU F 82 4.65 28.46 -32.41
N ASP F 83 4.23 29.68 -32.06
CA ASP F 83 3.59 29.93 -30.78
C ASP F 83 2.10 29.65 -30.78
N PHE F 84 1.51 29.35 -31.94
CA PHE F 84 0.08 29.12 -32.04
C PHE F 84 -0.23 27.69 -31.59
N ALA F 85 -0.94 27.57 -30.46
CA ALA F 85 -1.26 26.27 -29.89
C ALA F 85 -2.29 26.43 -28.77
N THR F 86 -2.37 25.43 -27.89
CA THR F 86 -3.24 25.47 -26.72
C THR F 86 -2.39 25.62 -25.47
N TYR F 87 -2.86 26.45 -24.54
CA TYR F 87 -2.12 26.76 -23.32
C TYR F 87 -2.96 26.41 -22.10
N TYR F 88 -2.36 25.69 -21.14
CA TYR F 88 -3.01 25.29 -19.92
C TYR F 88 -2.29 25.88 -18.71
N CYS F 89 -3.04 26.14 -17.64
CA CYS F 89 -2.45 26.45 -16.35
C CYS F 89 -2.68 25.28 -15.41
N GLN F 90 -1.84 25.20 -14.38
CA GLN F 90 -1.88 24.10 -13.44
C GLN F 90 -1.41 24.58 -12.07
N GLN F 91 -2.14 24.23 -11.03
CA GLN F 91 -1.75 24.53 -9.66
C GLN F 91 -1.17 23.29 -9.01
N TYR F 92 -0.21 23.49 -8.10
CA TYR F 92 0.43 22.38 -7.41
C TYR F 92 0.68 22.69 -5.94
N TYR F 93 -0.19 23.50 -5.32
CA TYR F 93 -0.14 23.69 -3.87
C TYR F 93 -0.57 22.40 -3.18
N TYR F 94 0.21 21.98 -2.18
CA TYR F 94 0.03 20.66 -1.58
C TYR F 94 -1.32 20.48 -0.91
N GLY F 95 -2.04 21.56 -0.63
CA GLY F 95 -3.33 21.44 0.01
C GLY F 95 -4.46 20.99 -0.91
N TYR F 96 -4.24 21.01 -2.22
CA TYR F 96 -5.24 20.62 -3.19
C TYR F 96 -4.60 19.71 -4.24
N PRO F 97 -5.37 18.81 -4.84
CA PRO F 97 -4.81 17.94 -5.87
C PRO F 97 -4.40 18.74 -7.11
N ILE F 98 -3.48 18.15 -7.87
CA ILE F 98 -3.01 18.77 -9.11
C ILE F 98 -4.20 18.99 -10.04
N THR F 99 -4.42 20.23 -10.45
CA THR F 99 -5.59 20.59 -11.22
C THR F 99 -5.21 21.51 -12.38
N PHE F 100 -5.72 21.20 -13.56
CA PHE F 100 -5.46 21.96 -14.77
C PHE F 100 -6.66 22.84 -15.13
N GLY F 101 -6.40 23.87 -15.93
CA GLY F 101 -7.47 24.63 -16.52
C GLY F 101 -8.04 23.94 -17.75
N GLN F 102 -9.11 24.52 -18.28
CA GLN F 102 -9.76 23.93 -19.44
C GLN F 102 -9.03 24.22 -20.75
N GLY F 103 -8.03 25.09 -20.73
CA GLY F 103 -7.23 25.36 -21.91
C GLY F 103 -7.72 26.56 -22.70
N THR F 104 -6.80 27.13 -23.49
CA THR F 104 -7.09 28.28 -24.34
C THR F 104 -6.37 28.09 -25.67
N LYS F 105 -7.12 28.05 -26.76
CA LYS F 105 -6.56 27.82 -28.09
C LYS F 105 -6.27 29.17 -28.75
N VAL F 106 -5.11 29.26 -29.38
CA VAL F 106 -4.66 30.49 -30.05
C VAL F 106 -4.56 30.20 -31.54
N GLU F 107 -5.41 30.87 -32.32
CA GLU F 107 -5.54 30.62 -33.74
C GLU F 107 -4.93 31.75 -34.56
N ILE F 108 -4.45 31.40 -35.76
CA ILE F 108 -3.84 32.36 -36.68
C ILE F 108 -4.92 33.13 -37.43
N LYS F 109 -4.72 34.43 -37.58
CA LYS F 109 -5.61 35.28 -38.36
C LYS F 109 -5.02 35.45 -39.76
N ARG F 110 -5.87 35.27 -40.78
CA ARG F 110 -5.46 35.50 -42.16
C ARG F 110 -6.62 36.14 -42.91
N THR F 111 -6.41 36.42 -44.19
CA THR F 111 -7.46 37.02 -45.00
C THR F 111 -8.53 35.99 -45.35
N VAL F 112 -9.72 36.50 -45.69
CA VAL F 112 -10.86 35.64 -45.97
C VAL F 112 -10.60 34.84 -47.24
N ALA F 113 -10.96 33.57 -47.21
CA ALA F 113 -10.79 32.68 -48.37
C ALA F 113 -12.01 31.79 -48.50
N ALA F 114 -12.62 31.79 -49.68
CA ALA F 114 -13.79 30.97 -49.94
C ALA F 114 -13.39 29.53 -50.18
N PRO F 115 -14.25 28.57 -49.82
CA PRO F 115 -13.90 27.16 -50.01
C PRO F 115 -14.22 26.65 -51.41
N SER F 116 -13.44 25.64 -51.81
CA SER F 116 -13.76 24.85 -52.99
C SER F 116 -14.65 23.69 -52.57
N VAL F 117 -15.75 23.49 -53.29
CA VAL F 117 -16.78 22.51 -52.93
C VAL F 117 -16.71 21.35 -53.92
N PHE F 118 -16.70 20.13 -53.38
CA PHE F 118 -16.73 18.91 -54.18
C PHE F 118 -17.72 17.93 -53.55
N ILE F 119 -18.25 17.04 -54.38
CA ILE F 119 -19.22 16.04 -53.94
C ILE F 119 -18.86 14.70 -54.57
N PHE F 120 -19.07 13.62 -53.82
CA PHE F 120 -18.71 12.28 -54.27
C PHE F 120 -19.92 11.36 -54.13
N PRO F 121 -20.31 10.64 -55.17
CA PRO F 121 -21.41 9.69 -55.05
C PRO F 121 -20.95 8.40 -54.42
N PRO F 122 -21.88 7.57 -53.93
CA PRO F 122 -21.49 6.28 -53.34
C PRO F 122 -20.81 5.37 -54.35
N SER F 123 -19.92 4.53 -53.83
CA SER F 123 -19.17 3.59 -54.66
C SER F 123 -19.99 2.34 -54.95
N ASP F 124 -19.52 1.57 -55.94
CA ASP F 124 -20.16 0.31 -56.28
C ASP F 124 -20.14 -0.67 -55.11
N SER F 125 -18.99 -0.77 -54.42
CA SER F 125 -18.84 -1.75 -53.36
C SER F 125 -19.81 -1.48 -52.21
N GLN F 126 -19.98 -0.22 -51.83
CA GLN F 126 -20.81 0.10 -50.68
C GLN F 126 -22.26 -0.30 -50.91
N LEU F 127 -22.80 0.01 -52.09
CA LEU F 127 -24.19 -0.34 -52.38
C LEU F 127 -24.40 -1.85 -52.38
N LYS F 128 -23.38 -2.63 -52.74
CA LYS F 128 -23.47 -4.07 -52.65
C LYS F 128 -23.63 -4.55 -51.22
N SER F 129 -23.28 -3.73 -50.23
CA SER F 129 -23.46 -4.07 -48.82
C SER F 129 -24.81 -3.63 -48.27
N GLY F 130 -25.51 -2.76 -48.99
CA GLY F 130 -26.82 -2.29 -48.58
C GLY F 130 -26.89 -0.90 -48.01
N THR F 131 -25.84 -0.10 -48.18
CA THR F 131 -25.81 1.26 -47.65
C THR F 131 -25.27 2.20 -48.72
N ALA F 132 -25.58 3.48 -48.57
CA ALA F 132 -25.12 4.52 -49.49
C ALA F 132 -24.69 5.74 -48.70
N SER F 133 -23.43 6.13 -48.85
CA SER F 133 -22.89 7.31 -48.19
C SER F 133 -22.45 8.32 -49.25
N VAL F 134 -22.86 9.57 -49.07
CA VAL F 134 -22.50 10.66 -49.97
C VAL F 134 -21.64 11.65 -49.18
N VAL F 135 -20.58 12.14 -49.80
CA VAL F 135 -19.59 12.99 -49.15
C VAL F 135 -19.55 14.34 -49.85
N CYS F 136 -19.67 15.41 -49.07
CA CYS F 136 -19.47 16.78 -49.54
C CYS F 136 -18.20 17.32 -48.89
N LEU F 137 -17.34 17.95 -49.69
CA LEU F 137 -16.03 18.39 -49.24
C LEU F 137 -15.89 19.90 -49.36
N LEU F 138 -15.45 20.54 -48.27
CA LEU F 138 -15.15 21.97 -48.24
C LEU F 138 -13.65 22.14 -48.04
N ASN F 139 -12.96 22.67 -49.04
CA ASN F 139 -11.50 22.66 -49.08
C ASN F 139 -10.95 24.07 -48.93
N ASN F 140 -10.14 24.27 -47.89
CA ASN F 140 -9.33 25.48 -47.71
C ASN F 140 -10.16 26.75 -47.65
N PHE F 141 -10.80 27.02 -46.52
CA PHE F 141 -11.58 28.23 -46.33
C PHE F 141 -11.17 28.91 -45.04
N TYR F 142 -11.54 30.18 -44.91
CA TYR F 142 -11.28 30.96 -43.71
C TYR F 142 -12.27 32.11 -43.67
N PRO F 143 -12.87 32.42 -42.51
CA PRO F 143 -12.67 31.77 -41.21
C PRO F 143 -13.31 30.39 -41.08
N ARG F 144 -13.30 29.86 -39.85
CA ARG F 144 -13.68 28.46 -39.64
C ARG F 144 -15.18 28.25 -39.73
N GLU F 145 -15.99 29.25 -39.36
CA GLU F 145 -17.43 29.08 -39.31
C GLU F 145 -18.00 28.89 -40.70
N ALA F 146 -18.75 27.79 -40.89
CA ALA F 146 -19.35 27.46 -42.17
C ALA F 146 -20.68 26.76 -41.92
N LYS F 147 -21.43 26.56 -43.01
CA LYS F 147 -22.76 25.96 -42.94
C LYS F 147 -22.95 25.02 -44.12
N VAL F 148 -23.30 23.76 -43.82
CA VAL F 148 -23.55 22.74 -44.82
C VAL F 148 -24.97 22.20 -44.63
N GLN F 149 -25.67 21.99 -45.74
CA GLN F 149 -27.02 21.45 -45.70
C GLN F 149 -27.20 20.43 -46.82
N TRP F 150 -27.75 19.27 -46.47
CA TRP F 150 -28.01 18.20 -47.43
C TRP F 150 -29.45 18.30 -47.93
N LYS F 151 -29.62 18.22 -49.23
CA LYS F 151 -30.95 18.23 -49.86
C LYS F 151 -31.07 17.04 -50.79
N VAL F 152 -32.18 16.32 -50.68
CA VAL F 152 -32.47 15.15 -51.51
C VAL F 152 -33.82 15.40 -52.17
N ASP F 153 -33.80 15.61 -53.49
CA ASP F 153 -34.98 16.05 -54.25
C ASP F 153 -35.61 17.29 -53.63
N ASN F 154 -34.74 18.25 -53.30
CA ASN F 154 -35.05 19.55 -52.70
C ASN F 154 -35.52 19.46 -51.26
N ALA F 155 -35.55 18.26 -50.67
CA ALA F 155 -35.99 18.09 -49.29
C ALA F 155 -34.78 18.13 -48.37
N LEU F 156 -34.80 19.04 -47.41
CA LEU F 156 -33.68 19.19 -46.48
C LEU F 156 -33.58 17.98 -45.56
N GLN F 157 -32.38 17.44 -45.43
CA GLN F 157 -32.14 16.29 -44.57
C GLN F 157 -31.74 16.76 -43.17
N SER F 158 -32.04 15.92 -42.18
CA SER F 158 -31.73 16.24 -40.79
CA SER F 158 -31.73 16.24 -40.79
C SER F 158 -31.69 14.95 -39.98
N GLY F 159 -30.58 14.73 -39.30
CA GLY F 159 -30.42 13.57 -38.45
C GLY F 159 -29.80 12.36 -39.10
N ASN F 160 -29.24 12.49 -40.30
CA ASN F 160 -28.65 11.36 -41.00
C ASN F 160 -27.30 11.71 -41.62
N SER F 161 -26.60 12.68 -41.04
CA SER F 161 -25.30 13.09 -41.55
C SER F 161 -24.40 13.51 -40.40
N GLN F 162 -23.09 13.44 -40.64
CA GLN F 162 -22.08 13.85 -39.67
C GLN F 162 -20.96 14.56 -40.40
N GLU F 163 -20.19 15.35 -39.66
CA GLU F 163 -19.11 16.13 -40.26
C GLU F 163 -17.95 16.25 -39.28
N SER F 164 -16.79 16.63 -39.81
CA SER F 164 -15.62 16.90 -39.00
C SER F 164 -14.74 17.90 -39.73
N VAL F 165 -13.98 18.67 -38.95
CA VAL F 165 -13.16 19.77 -39.46
C VAL F 165 -11.72 19.52 -39.06
N THR F 166 -10.80 19.78 -40.00
CA THR F 166 -9.38 19.63 -39.73
C THR F 166 -8.84 20.80 -38.91
N GLU F 167 -7.62 20.63 -38.43
CA GLU F 167 -6.91 21.70 -37.76
CA GLU F 167 -6.93 21.71 -37.75
C GLU F 167 -6.45 22.74 -38.77
N GLN F 168 -6.02 23.89 -38.25
CA GLN F 168 -5.54 24.97 -39.11
C GLN F 168 -4.28 24.54 -39.85
N ASP F 169 -4.30 24.69 -41.17
CA ASP F 169 -3.19 24.21 -42.00
C ASP F 169 -1.90 24.94 -41.67
N SER F 170 -0.80 24.18 -41.64
CA SER F 170 0.49 24.73 -41.26
C SER F 170 1.15 25.56 -42.36
N LYS F 171 0.60 25.58 -43.57
CA LYS F 171 1.19 26.32 -44.68
C LYS F 171 0.37 27.50 -45.15
N ASP F 172 -0.96 27.38 -45.19
CA ASP F 172 -1.81 28.49 -45.59
C ASP F 172 -2.85 28.87 -44.54
N SER F 173 -2.88 28.19 -43.39
CA SER F 173 -3.70 28.59 -42.25
C SER F 173 -5.20 28.54 -42.56
N THR F 174 -5.61 27.66 -43.46
CA THR F 174 -7.02 27.48 -43.78
C THR F 174 -7.58 26.26 -43.06
N TYR F 175 -8.89 26.07 -43.19
CA TYR F 175 -9.60 24.92 -42.63
C TYR F 175 -10.25 24.13 -43.75
N SER F 176 -10.58 22.88 -43.46
CA SER F 176 -11.29 22.02 -44.38
C SER F 176 -12.38 21.28 -43.63
N LEU F 177 -13.45 20.92 -44.35
CA LEU F 177 -14.61 20.27 -43.77
C LEU F 177 -15.04 19.11 -44.66
N SER F 178 -15.36 17.99 -44.02
CA SER F 178 -15.87 16.80 -44.69
C SER F 178 -17.20 16.40 -44.06
N SER F 179 -18.22 16.19 -44.88
CA SER F 179 -19.54 15.83 -44.41
C SER F 179 -20.00 14.57 -45.14
N THR F 180 -20.60 13.65 -44.39
CA THR F 180 -21.03 12.36 -44.92
C THR F 180 -22.52 12.18 -44.64
N LEU F 181 -23.29 11.91 -45.68
CA LEU F 181 -24.71 11.61 -45.59
C LEU F 181 -24.89 10.12 -45.89
N THR F 182 -25.46 9.39 -44.94
CA THR F 182 -25.60 7.95 -45.04
C THR F 182 -27.08 7.57 -45.09
N LEU F 183 -27.42 6.70 -46.04
CA LEU F 183 -28.77 6.18 -46.16
C LEU F 183 -28.70 4.72 -46.57
N SER F 184 -29.81 4.00 -46.39
CA SER F 184 -29.89 2.64 -46.87
C SER F 184 -30.03 2.63 -48.40
N LYS F 185 -29.67 1.49 -49.00
CA LYS F 185 -29.77 1.38 -50.45
C LYS F 185 -31.22 1.48 -50.92
N ALA F 186 -32.17 1.07 -50.07
CA ALA F 186 -33.57 1.21 -50.43
C ALA F 186 -33.98 2.68 -50.50
N ASP F 187 -33.54 3.48 -49.53
CA ASP F 187 -33.88 4.90 -49.54
C ASP F 187 -33.09 5.64 -50.63
N TYR F 188 -31.84 5.25 -50.84
CA TYR F 188 -31.01 5.93 -51.84
C TYR F 188 -31.61 5.83 -53.23
N GLU F 189 -32.22 4.70 -53.56
CA GLU F 189 -32.77 4.48 -54.90
C GLU F 189 -34.21 4.95 -55.03
N LYS F 190 -34.77 5.59 -54.00
CA LYS F 190 -36.09 6.18 -54.11
C LYS F 190 -36.06 7.58 -54.68
N HIS F 191 -34.93 8.28 -54.57
CA HIS F 191 -34.81 9.67 -54.96
C HIS F 191 -33.78 9.81 -56.09
N LYS F 192 -33.74 11.00 -56.66
CA LYS F 192 -32.95 11.24 -57.88
C LYS F 192 -31.83 12.25 -57.67
N VAL F 193 -32.10 13.39 -57.03
CA VAL F 193 -31.14 14.49 -56.92
C VAL F 193 -30.60 14.54 -55.51
N TYR F 194 -29.27 14.55 -55.40
CA TYR F 194 -28.58 14.67 -54.12
C TYR F 194 -27.64 15.87 -54.18
N ALA F 195 -27.81 16.82 -53.25
CA ALA F 195 -27.09 18.07 -53.29
C ALA F 195 -26.61 18.44 -51.90
N CYS F 196 -25.62 19.32 -51.84
CA CYS F 196 -25.09 19.86 -50.59
C CYS F 196 -24.86 21.35 -50.77
N GLU F 197 -25.48 22.16 -49.90
CA GLU F 197 -25.50 23.61 -50.02
C GLU F 197 -24.56 24.21 -48.98
N VAL F 198 -23.74 25.18 -49.41
CA VAL F 198 -22.69 25.75 -48.58
C VAL F 198 -22.91 27.25 -48.42
N THR F 199 -22.71 27.74 -47.20
CA THR F 199 -22.72 29.17 -46.90
C THR F 199 -21.45 29.53 -46.17
N HIS F 200 -20.80 30.63 -46.59
CA HIS F 200 -19.53 31.04 -46.01
C HIS F 200 -19.31 32.52 -46.30
N GLN F 201 -18.52 33.16 -45.44
CA GLN F 201 -18.28 34.60 -45.58
C GLN F 201 -17.65 34.93 -46.93
N GLY F 202 -16.81 34.04 -47.46
CA GLY F 202 -16.15 34.28 -48.73
C GLY F 202 -17.01 34.10 -49.97
N LEU F 203 -18.29 33.79 -49.79
CA LEU F 203 -19.20 33.59 -50.91
C LEU F 203 -20.28 34.66 -50.87
N SER F 204 -20.53 35.26 -52.03
CA SER F 204 -21.60 36.25 -52.14
C SER F 204 -22.98 35.61 -52.21
N SER F 205 -23.06 34.30 -52.46
CA SER F 205 -24.31 33.59 -52.56
CA SER F 205 -24.31 33.59 -52.57
C SER F 205 -24.06 32.12 -52.26
N PRO F 206 -25.04 31.41 -51.72
CA PRO F 206 -24.84 29.98 -51.44
C PRO F 206 -24.48 29.20 -52.70
N VAL F 207 -23.64 28.19 -52.52
CA VAL F 207 -23.14 27.35 -53.61
C VAL F 207 -23.70 25.94 -53.43
N THR F 208 -24.20 25.36 -54.51
CA THR F 208 -24.81 24.04 -54.49
C THR F 208 -24.11 23.13 -55.49
N LYS F 209 -23.76 21.93 -55.05
CA LYS F 209 -23.22 20.89 -55.92
C LYS F 209 -24.10 19.65 -55.81
N SER F 210 -24.53 19.13 -56.96
CA SER F 210 -25.49 18.05 -56.98
C SER F 210 -25.15 17.07 -58.09
N PHE F 211 -25.87 15.95 -58.10
CA PHE F 211 -25.74 14.94 -59.14
C PHE F 211 -27.03 14.13 -59.19
N ASN F 212 -27.31 13.55 -60.36
CA ASN F 212 -28.44 12.66 -60.54
C ASN F 212 -27.98 11.22 -60.39
N ARG F 213 -28.72 10.45 -59.60
CA ARG F 213 -28.32 9.08 -59.28
C ARG F 213 -28.15 8.24 -60.54
N GLY F 214 -26.94 7.73 -60.75
CA GLY F 214 -26.63 6.93 -61.92
C GLY F 214 -26.72 7.68 -63.23
N GLU F 215 -25.75 8.54 -63.51
CA GLU F 215 -25.76 9.32 -64.75
C GLU F 215 -24.32 9.55 -65.21
N CYS F 216 -23.52 8.48 -65.21
CA CYS F 216 -22.14 8.52 -65.68
C CYS F 216 -21.34 9.70 -65.14
C1 GLC G . 20.05 -26.52 23.57
C2 GLC G . 20.87 -25.83 22.48
C3 GLC G . 19.97 -25.34 21.34
C4 GLC G . 19.09 -26.48 20.85
C5 GLC G . 18.35 -27.11 22.03
C6 GLC G . 17.51 -28.30 21.56
O1 GLC G . 19.20 -25.58 24.20
O2 GLC G . 21.60 -24.75 23.02
O3 GLC G . 20.77 -24.83 20.30
O4 GLC G . 18.16 -26.04 19.88
O5 GLC G . 19.27 -27.56 23.01
O6 GLC G . 16.65 -28.70 22.61
C1 GLC G . 18.47 -26.33 18.53
C2 GLC G . 18.28 -25.08 17.67
C3 GLC G . 16.83 -24.66 17.72
C4 GLC G . 15.96 -25.83 17.26
C5 GLC G . 16.26 -27.10 18.07
C6 GLC G . 15.48 -28.27 17.48
O2 GLC G . 19.11 -24.02 18.10
O3 GLC G . 16.63 -23.54 16.89
O4 GLC G . 14.60 -25.50 17.44
O5 GLC G . 17.65 -27.37 18.03
O6 GLC G . 15.56 -29.42 18.30
C1 GLC H . 21.33 36.58 5.62
C2 GLC H . 20.89 35.93 6.93
C3 GLC H . 19.76 34.92 6.67
C4 GLC H . 18.66 35.57 5.85
C5 GLC H . 19.21 36.27 4.62
C6 GLC H . 18.11 37.01 3.87
O1 GLC H . 21.86 35.60 4.77
O2 GLC H . 22.00 35.28 7.52
O3 GLC H . 19.25 34.46 7.89
O4 GLC H . 17.72 34.59 5.46
O5 GLC H . 20.23 37.19 4.98
O6 GLC H . 18.52 37.27 2.56
C1 GLC H . 16.55 34.44 6.24
C2 GLC H . 16.30 32.97 6.52
C3 GLC H . 16.04 32.24 5.21
C4 GLC H . 14.89 32.92 4.47
C5 GLC H . 15.18 34.42 4.32
C6 GLC H . 13.99 35.13 3.68
O2 GLC H . 17.43 32.42 7.17
O3 GLC H . 15.71 30.90 5.48
O4 GLC H . 14.72 32.34 3.20
O5 GLC H . 15.44 35.01 5.58
O6 GLC H . 14.35 36.46 3.36
CL CL I . 28.68 -39.16 4.65
CL CL J . 14.35 57.52 -3.88
C1 GOL K . -34.25 -17.69 4.90
O1 GOL K . -34.49 -16.44 5.44
C2 GOL K . -33.66 -18.55 6.03
O2 GOL K . -34.11 -18.14 7.28
C3 GOL K . -34.11 -19.99 5.72
O3 GOL K . -33.99 -20.15 4.34
C1 GOL L . -1.27 -19.03 9.31
O1 GOL L . -0.10 -19.38 8.62
C2 GOL L . -2.34 -18.71 8.24
O2 GOL L . -2.05 -17.53 7.56
C3 GOL L . -3.68 -18.64 9.00
O3 GOL L . -4.02 -19.94 9.33
C1 GOL M . -40.41 -24.82 2.17
O1 GOL M . -39.40 -23.89 2.33
C2 GOL M . -40.74 -24.88 0.66
O2 GOL M . -41.41 -26.05 0.35
C3 GOL M . -41.59 -23.60 0.40
O3 GOL M . -41.88 -23.56 -0.97
C1 GOL N . -15.47 -15.57 -7.24
O1 GOL N . -14.29 -14.87 -7.09
C2 GOL N . -15.42 -16.20 -8.63
O2 GOL N . -15.14 -17.55 -8.56
C3 GOL N . -16.82 -15.88 -9.19
O3 GOL N . -17.12 -14.58 -8.78
C1 GOL O . -4.28 -19.64 17.72
O1 GOL O . -3.63 -18.74 18.56
C2 GOL O . -3.19 -20.29 16.85
O2 GOL O . -3.68 -21.39 16.15
C3 GOL O . -2.69 -19.15 15.91
O3 GOL O . -3.77 -18.29 15.70
C1 GOL P . -33.67 -0.88 4.86
O1 GOL P . -32.82 0.22 5.06
C2 GOL P . -33.72 -1.14 3.33
O2 GOL P . -33.10 -2.35 3.00
C3 GOL P . -35.21 -1.13 2.97
O3 GOL P . -35.27 -1.39 1.61
C1 GOL Q . -16.67 -2.11 -13.45
O1 GOL Q . -15.85 -2.61 -12.45
C2 GOL Q . -17.83 -3.12 -13.63
O2 GOL Q . -18.65 -2.76 -14.69
C3 GOL Q . -17.12 -4.48 -13.88
O3 GOL Q . -18.10 -5.49 -13.79
CL CL R . -46.14 -3.99 4.92
P PO4 S . -52.67 -14.35 21.02
O1 PO4 S . -52.90 -13.37 22.14
O2 PO4 S . -51.24 -14.86 21.06
O3 PO4 S . -52.93 -13.67 19.71
O4 PO4 S . -53.61 -15.52 21.20
C1 GOL T . -11.31 7.42 -29.37
O1 GOL T . -11.96 8.20 -28.42
C2 GOL T . -10.95 6.09 -28.67
O2 GOL T . -11.38 6.08 -27.36
C3 GOL T . -11.61 4.97 -29.51
O3 GOL T . -10.97 3.79 -29.16
C1 GOL U . -5.13 0.97 -28.13
O1 GOL U . -4.00 1.18 -28.91
C2 GOL U . -6.31 1.57 -28.90
O2 GOL U . -6.36 1.06 -30.19
C3 GOL U . -7.56 1.21 -28.09
O3 GOL U . -8.61 1.95 -28.63
C1 GOL V . -6.85 9.76 -36.74
O1 GOL V . -7.24 10.70 -35.78
C2 GOL V . -7.85 8.58 -36.68
O2 GOL V . -7.64 7.73 -35.60
C3 GOL V . -9.25 9.23 -36.67
O3 GOL V . -9.26 10.31 -35.80
CL CL W . -15.93 4.16 -24.79
CL CL X . 18.59 15.94 -15.49
CL CL Y . 7.00 1.30 -27.39
P PO4 Z . -3.17 9.65 -39.68
O1 PO4 Z . -3.33 10.58 -40.85
O2 PO4 Z . -2.67 10.41 -38.48
O3 PO4 Z . -4.52 9.02 -39.35
O4 PO4 Z . -2.19 8.57 -40.05
P PO4 AA . 11.62 -2.50 -18.78
O1 PO4 AA . 11.67 -1.09 -19.32
O2 PO4 AA . 12.55 -2.63 -17.61
O3 PO4 AA . 10.21 -2.82 -18.33
O4 PO4 AA . 12.03 -3.47 -19.86
CL CL BA . -2.67 -36.57 20.11
P PO4 CA . -17.48 -28.30 21.55
O1 PO4 CA . -17.78 -27.17 20.60
O2 PO4 CA . -16.00 -28.65 21.49
O3 PO4 CA . -17.83 -27.89 22.96
O4 PO4 CA . -18.28 -29.53 21.16
C1 GOL DA . -14.89 12.14 -41.05
O1 GOL DA . -13.59 11.97 -41.52
C2 GOL DA . -15.83 11.91 -42.25
O2 GOL DA . -16.53 10.72 -42.12
C3 GOL DA . -16.76 13.14 -42.27
O3 GOL DA . -17.40 13.12 -43.50
#